data_7EXG
#
_entry.id   7EXG
#
_cell.length_a   94.030
_cell.length_b   103.736
_cell.length_c   182.694
_cell.angle_alpha   90.000
_cell.angle_beta   90.000
_cell.angle_gamma   90.000
#
_symmetry.space_group_name_H-M   'P 21 21 21'
#
loop_
_entity.id
_entity.type
_entity.pdbx_description
1 polymer 'Probable galactinol--sucrose galactosyltransferase 6'
2 non-polymer beta-D-galactopyranose
3 water water
#
_entity_poly.entity_id   1
_entity_poly.type   'polypeptide(L)'
_entity_poly.pdbx_seq_one_letter_code
;MTIKPAVRISDGNLIIKNRTILTGVPDNVITTSASEAGPVEGVFVGAVFNKEESKHIVPIGTLRNSRFMSCFRFKLWWMA
QRMGEMGRDIPYETQFLLVESNDGSHLESDGANGVECNQKVYTVFLPLIEGSFRSCLQGNVNDEVELCLESGDVDTKRSS
FTHSLYIHAGTDPFQTITDAIRTVKLHLNSFRQRHEKKLPGIVDYFGWCTWDAFYQEVTQEGVEAGLKSLAAGGTPPKFV
IIDDGWQSVERDATVEAGDEKKESPIFRLTGIKENEKFKKKDDPNVGIKNIVKIAKEKHGLRYVYVWHAITGYWGGVRPG
EEYGSVMKYPNMSKGVVENDPTWKTDVMTLQGLGLVSPKKVYKFYNELHSYLADAGVDGVKVAVQCVLETLGGGLGGRVE
LTRQFHQALDSSVAKNFPDNGCIACMSHNTDALYCSKQAAVIRASDDFYPRDPVSHTIHIASVAYNSVFLGEFMQPDWDM
FHSVHPAAEYHASARAISGGPLYVSDSPGKHNFELLRKLVLPDGSILRARLPGRPTRDCLFADPARDGVSLLKIWNMNKY
TGVLGVYNCQGAAWSSTERKNIFHQTKTDSLTGSIRGRDVHSISEASTDPTTWNGDCAVYSQSRGELIVMPYNVSLPVSL
KIREHEIFTVSPISHLVDGVSFAPIGLVNMYNSGGAIEGLRYEAEKMKVVMEVKGCGKFGSYSSVKPKRCVVESNEIAFE
YDSSSGLVTFELDKMPIENKRFHLIQVEL
;
_entity_poly.pdbx_strand_id   B,A
#
loop_
_chem_comp.id
_chem_comp.type
_chem_comp.name
_chem_comp.formula
GAL D-saccharide, beta linking beta-D-galactopyranose 'C6 H12 O6'
#
# COMPACT_ATOMS: atom_id res chain seq x y z
N PRO A 5 -32.35 -6.40 -26.56
CA PRO A 5 -31.83 -6.24 -25.16
C PRO A 5 -30.93 -7.38 -24.58
N ALA A 6 -30.78 -8.52 -25.27
CA ALA A 6 -29.77 -9.61 -24.94
C ALA A 6 -30.27 -10.58 -23.91
N VAL A 7 -30.58 -10.05 -22.74
CA VAL A 7 -31.08 -10.84 -21.68
C VAL A 7 -32.40 -10.27 -21.23
N ARG A 8 -33.48 -11.04 -21.41
CA ARG A 8 -34.83 -10.58 -21.06
C ARG A 8 -35.75 -11.70 -20.52
N ILE A 9 -36.69 -11.28 -19.68
CA ILE A 9 -37.88 -12.06 -19.38
C ILE A 9 -39.06 -11.57 -20.25
N SER A 10 -39.62 -12.48 -21.06
CA SER A 10 -40.90 -12.28 -21.80
C SER A 10 -41.65 -13.61 -21.87
N ASP A 11 -42.97 -13.55 -21.98
CA ASP A 11 -43.83 -14.68 -21.62
C ASP A 11 -43.43 -14.94 -20.19
N GLY A 12 -43.24 -16.19 -19.81
CA GLY A 12 -42.62 -16.43 -18.52
C GLY A 12 -41.30 -17.14 -18.68
N ASN A 13 -40.53 -16.73 -19.69
CA ASN A 13 -39.25 -17.34 -19.94
C ASN A 13 -38.07 -16.37 -19.85
N LEU A 14 -36.88 -16.89 -19.50
CA LEU A 14 -35.63 -16.16 -19.53
C LEU A 14 -34.91 -16.45 -20.82
N ILE A 15 -34.78 -15.45 -21.66
CA ILE A 15 -34.24 -15.65 -23.00
C ILE A 15 -32.98 -14.83 -23.14
N ILE A 16 -31.95 -15.49 -23.66
CA ILE A 16 -30.63 -14.96 -23.69
C ILE A 16 -30.18 -15.07 -25.12
N LYS A 17 -29.99 -13.93 -25.79
CA LYS A 17 -29.68 -13.93 -27.20
C LYS A 17 -30.57 -14.95 -27.99
N ASN A 18 -31.87 -14.89 -27.77
CA ASN A 18 -32.85 -15.79 -28.44
C ASN A 18 -32.74 -17.27 -28.16
N ARG A 19 -32.17 -17.63 -27.00
CA ARG A 19 -32.21 -19.02 -26.51
C ARG A 19 -32.97 -18.97 -25.19
N THR A 20 -33.98 -19.82 -25.04
CA THR A 20 -34.70 -19.95 -23.81
C THR A 20 -33.81 -20.72 -22.84
N ILE A 21 -33.49 -20.10 -21.72
CA ILE A 21 -32.63 -20.73 -20.74
C ILE A 21 -33.44 -21.26 -19.57
N LEU A 22 -34.38 -20.47 -19.08
CA LEU A 22 -35.32 -20.88 -18.09
C LEU A 22 -36.77 -20.68 -18.59
N THR A 23 -37.65 -21.59 -18.17
CA THR A 23 -39.07 -21.47 -18.47
C THR A 23 -39.79 -21.37 -17.15
N GLY A 24 -40.92 -20.66 -17.14
CA GLY A 24 -41.80 -20.71 -16.00
C GLY A 24 -41.38 -19.72 -14.96
N VAL A 25 -40.97 -18.55 -15.38
CA VAL A 25 -40.59 -17.56 -14.42
C VAL A 25 -41.81 -16.98 -13.74
N PRO A 26 -41.86 -16.98 -12.41
CA PRO A 26 -43.00 -16.40 -11.71
C PRO A 26 -43.31 -14.98 -12.07
N ASP A 27 -44.57 -14.57 -11.82
CA ASP A 27 -45.03 -13.22 -12.12
C ASP A 27 -44.43 -12.23 -11.21
N ASN A 28 -44.10 -12.66 -9.98
CA ASN A 28 -43.51 -11.72 -8.98
C ASN A 28 -41.99 -11.47 -9.06
N VAL A 29 -41.29 -12.17 -9.95
CA VAL A 29 -39.87 -11.92 -10.24
C VAL A 29 -39.70 -10.77 -11.21
N ILE A 30 -38.96 -9.74 -10.80
CA ILE A 30 -38.85 -8.48 -11.57
C ILE A 30 -37.41 -8.24 -12.03
N THR A 31 -37.23 -7.63 -13.18
CA THR A 31 -35.90 -7.39 -13.68
C THR A 31 -35.67 -5.94 -13.92
N THR A 32 -34.41 -5.50 -13.85
CA THR A 32 -34.04 -4.16 -14.28
C THR A 32 -32.61 -4.04 -14.85
N SER A 33 -32.43 -2.98 -15.64
CA SER A 33 -31.13 -2.62 -16.19
C SER A 33 -30.65 -1.26 -15.75
N ALA A 34 -31.21 -0.74 -14.68
CA ALA A 34 -30.65 0.48 -14.11
C ALA A 34 -29.58 0.15 -13.02
N SER A 35 -28.75 1.14 -12.76
CA SER A 35 -27.75 1.13 -11.65
C SER A 35 -27.09 2.51 -11.70
N GLU A 36 -25.86 2.65 -11.21
CA GLU A 36 -25.13 3.91 -11.36
C GLU A 36 -24.89 4.19 -12.86
N ALA A 37 -24.27 3.21 -13.52
CA ALA A 37 -24.02 3.22 -14.97
C ALA A 37 -24.86 4.22 -15.78
N GLY A 38 -26.21 4.17 -15.74
CA GLY A 38 -27.00 3.08 -15.20
C GLY A 38 -27.28 1.92 -16.16
N PRO A 39 -27.59 2.21 -17.45
CA PRO A 39 -27.88 1.12 -18.41
C PRO A 39 -26.73 0.16 -18.51
N VAL A 40 -27.06 -1.11 -18.55
CA VAL A 40 -26.19 -2.19 -18.15
C VAL A 40 -26.46 -3.34 -19.13
N GLU A 41 -25.44 -4.03 -19.64
CA GLU A 41 -25.64 -5.12 -20.61
C GLU A 41 -26.54 -6.35 -20.18
N GLY A 42 -26.43 -6.81 -18.94
CA GLY A 42 -27.20 -7.97 -18.49
C GLY A 42 -28.44 -7.46 -17.79
N VAL A 43 -28.90 -8.14 -16.75
CA VAL A 43 -30.08 -7.73 -16.00
C VAL A 43 -29.95 -7.99 -14.48
N PHE A 44 -30.32 -7.02 -13.64
CA PHE A 44 -30.51 -7.25 -12.22
C PHE A 44 -31.87 -7.92 -12.05
N VAL A 45 -31.96 -8.85 -11.12
CA VAL A 45 -33.17 -9.60 -10.87
C VAL A 45 -33.47 -9.57 -9.38
N GLY A 46 -34.75 -9.42 -9.10
CA GLY A 46 -35.26 -9.38 -7.75
C GLY A 46 -36.67 -9.92 -7.75
N ALA A 47 -37.42 -9.56 -6.71
CA ALA A 47 -38.73 -10.15 -6.46
C ALA A 47 -39.50 -9.31 -5.46
N VAL A 48 -40.82 -9.40 -5.51
CA VAL A 48 -41.70 -8.71 -4.54
C VAL A 48 -42.53 -9.79 -3.85
N PHE A 49 -42.65 -9.73 -2.55
CA PHE A 49 -43.33 -10.75 -1.74
C PHE A 49 -44.48 -10.09 -0.99
N ASN A 50 -45.39 -10.88 -0.40
CA ASN A 50 -46.55 -10.28 0.31
C ASN A 50 -46.22 -9.70 1.68
N LYS A 51 -45.37 -10.41 2.43
CA LYS A 51 -44.95 -10.05 3.79
C LYS A 51 -43.45 -9.69 3.95
N GLU A 52 -43.14 -8.88 4.96
CA GLU A 52 -41.83 -8.81 5.63
C GLU A 52 -41.37 -10.20 5.99
N GLU A 53 -40.17 -10.61 5.60
CA GLU A 53 -39.57 -11.82 6.20
C GLU A 53 -38.06 -11.63 6.31
N SER A 54 -37.48 -12.38 7.24
CA SER A 54 -36.04 -12.40 7.42
C SER A 54 -35.45 -13.46 6.47
N LYS A 55 -36.31 -14.28 5.90
CA LYS A 55 -35.95 -15.21 4.83
C LYS A 55 -37.00 -15.35 3.74
N HIS A 56 -36.58 -15.27 2.48
CA HIS A 56 -37.45 -15.68 1.40
C HIS A 56 -36.75 -16.70 0.51
N ILE A 57 -37.56 -17.50 -0.17
CA ILE A 57 -37.13 -18.23 -1.34
C ILE A 57 -38.14 -18.13 -2.47
N VAL A 58 -37.61 -18.05 -3.69
CA VAL A 58 -38.43 -17.84 -4.86
C VAL A 58 -37.83 -18.47 -6.13
N PRO A 59 -38.67 -19.15 -6.92
CA PRO A 59 -38.09 -19.71 -8.12
C PRO A 59 -37.88 -18.62 -9.09
N ILE A 60 -36.81 -18.77 -9.85
CA ILE A 60 -36.48 -17.85 -10.88
C ILE A 60 -36.90 -18.47 -12.21
N GLY A 61 -36.81 -19.78 -12.32
CA GLY A 61 -37.35 -20.44 -13.47
C GLY A 61 -36.82 -21.84 -13.47
N THR A 62 -37.15 -22.58 -14.51
CA THR A 62 -36.93 -23.99 -14.52
C THR A 62 -35.83 -24.22 -15.50
N LEU A 63 -34.85 -25.06 -15.13
CA LEU A 63 -33.67 -25.25 -15.95
C LEU A 63 -33.50 -26.68 -16.38
N ARG A 64 -33.51 -26.93 -17.69
CA ARG A 64 -33.27 -28.29 -18.19
C ARG A 64 -32.52 -28.26 -19.43
N ASN A 65 -31.70 -29.26 -19.63
CA ASN A 65 -30.99 -29.48 -20.89
C ASN A 65 -29.96 -28.41 -21.24
N SER A 66 -29.43 -27.73 -20.22
CA SER A 66 -28.35 -26.73 -20.40
C SER A 66 -27.19 -27.04 -19.42
N ARG A 67 -26.01 -27.34 -19.94
CA ARG A 67 -24.83 -27.64 -19.09
C ARG A 67 -24.56 -26.44 -18.11
N PHE A 68 -24.31 -26.71 -16.84
CA PHE A 68 -23.86 -25.71 -15.93
C PHE A 68 -22.61 -26.17 -15.15
N MET A 69 -21.94 -25.16 -14.58
CA MET A 69 -20.90 -25.32 -13.54
C MET A 69 -21.25 -24.39 -12.42
N SER A 70 -21.14 -24.90 -11.23
CA SER A 70 -21.37 -24.09 -10.07
C SER A 70 -20.28 -24.32 -8.99
N CYS A 71 -20.06 -23.27 -8.23
CA CYS A 71 -19.27 -23.34 -7.04
C CYS A 71 -20.25 -23.22 -5.88
N PHE A 72 -20.25 -24.19 -4.99
CA PHE A 72 -21.24 -24.22 -3.86
C PHE A 72 -20.50 -24.47 -2.50
N ARG A 73 -21.02 -23.99 -1.40
CA ARG A 73 -20.36 -24.24 -0.12
C ARG A 73 -20.66 -25.62 0.41
N PHE A 74 -19.69 -26.51 0.41
CA PHE A 74 -20.01 -27.80 0.96
C PHE A 74 -19.88 -27.76 2.49
N LYS A 75 -19.21 -26.70 2.96
CA LYS A 75 -19.12 -26.37 4.38
C LYS A 75 -19.29 -24.90 4.47
N LEU A 76 -19.50 -24.39 5.71
CA LEU A 76 -19.63 -22.95 5.94
C LEU A 76 -18.51 -22.12 5.28
N TRP A 77 -17.30 -22.63 5.38
CA TRP A 77 -16.12 -21.86 5.13
C TRP A 77 -15.69 -21.95 3.65
N TRP A 78 -16.10 -22.99 2.93
CA TRP A 78 -15.40 -23.40 1.72
C TRP A 78 -16.32 -23.86 0.60
N MET A 79 -15.94 -23.55 -0.65
CA MET A 79 -16.63 -23.99 -1.81
C MET A 79 -15.95 -25.19 -2.46
N ALA A 80 -16.69 -25.83 -3.35
CA ALA A 80 -16.17 -26.73 -4.37
C ALA A 80 -17.10 -26.71 -5.58
N GLN A 81 -16.79 -27.55 -6.54
CA GLN A 81 -17.44 -27.53 -7.82
C GLN A 81 -18.55 -28.66 -8.02
N ARG A 82 -19.59 -28.32 -8.79
CA ARG A 82 -20.64 -29.30 -9.20
C ARG A 82 -21.13 -28.90 -10.58
N MET A 83 -21.06 -29.85 -11.51
CA MET A 83 -21.56 -29.70 -12.87
C MET A 83 -22.90 -30.46 -13.04
N GLY A 84 -23.65 -30.15 -14.12
CA GLY A 84 -24.96 -30.77 -14.26
C GLY A 84 -25.67 -30.18 -15.44
N GLU A 85 -26.89 -30.66 -15.71
CA GLU A 85 -27.71 -30.01 -16.73
C GLU A 85 -29.18 -29.81 -16.43
N MET A 86 -29.56 -29.95 -15.17
CA MET A 86 -30.94 -29.85 -14.73
C MET A 86 -30.94 -29.08 -13.47
N GLY A 87 -31.88 -28.14 -13.33
CA GLY A 87 -32.03 -27.38 -12.08
C GLY A 87 -31.96 -28.22 -10.80
N ARG A 88 -32.36 -29.49 -10.85
CA ARG A 88 -32.38 -30.24 -9.62
C ARG A 88 -30.98 -30.61 -9.17
N ASP A 89 -29.97 -30.51 -10.02
CA ASP A 89 -28.61 -30.86 -9.58
C ASP A 89 -27.86 -29.65 -9.04
N ILE A 90 -28.48 -28.48 -9.03
CA ILE A 90 -27.83 -27.32 -8.50
C ILE A 90 -27.78 -27.44 -6.99
N PRO A 91 -26.56 -27.39 -6.38
CA PRO A 91 -26.54 -27.60 -4.93
C PRO A 91 -27.14 -26.47 -4.11
N TYR A 92 -27.60 -26.80 -2.90
CA TYR A 92 -27.75 -25.79 -1.89
C TYR A 92 -26.46 -24.93 -1.78
N GLU A 93 -26.64 -23.64 -1.51
CA GLU A 93 -25.53 -22.73 -1.21
C GLU A 93 -24.61 -22.58 -2.46
N THR A 94 -25.28 -22.42 -3.60
CA THR A 94 -24.57 -22.11 -4.83
C THR A 94 -24.31 -20.65 -4.90
N GLN A 95 -23.04 -20.26 -5.03
CA GLN A 95 -22.69 -18.84 -4.94
C GLN A 95 -22.35 -18.29 -6.25
N PHE A 96 -22.10 -19.17 -7.21
CA PHE A 96 -21.66 -18.80 -8.54
C PHE A 96 -22.15 -19.90 -9.44
N LEU A 97 -22.80 -19.50 -10.56
CA LEU A 97 -23.36 -20.45 -11.57
C LEU A 97 -23.12 -19.94 -12.97
N LEU A 98 -22.55 -20.80 -13.81
CA LEU A 98 -22.23 -20.46 -15.15
C LEU A 98 -22.98 -21.43 -16.02
N VAL A 99 -23.74 -20.92 -17.00
CA VAL A 99 -24.54 -21.79 -17.89
C VAL A 99 -24.07 -21.71 -19.37
N GLU A 100 -23.90 -22.86 -20.01
CA GLU A 100 -23.65 -22.92 -21.42
C GLU A 100 -24.84 -23.24 -22.33
N SER A 101 -25.00 -22.40 -23.36
CA SER A 101 -25.87 -22.59 -24.56
C SER A 101 -25.08 -23.01 -25.81
N ASN A 102 -25.46 -24.18 -26.31
CA ASN A 102 -24.93 -24.79 -27.53
C ASN A 102 -25.92 -24.57 -28.67
N LYS A 120 -20.44 -21.83 -27.41
CA LYS A 120 -20.85 -20.57 -28.02
C LYS A 120 -21.38 -19.40 -27.13
N VAL A 121 -22.44 -19.56 -26.34
CA VAL A 121 -22.84 -18.47 -25.37
C VAL A 121 -22.83 -18.94 -23.93
N TYR A 122 -22.38 -18.04 -23.05
CA TYR A 122 -22.21 -18.34 -21.63
C TYR A 122 -22.94 -17.32 -20.83
N THR A 123 -23.64 -17.76 -19.80
CA THR A 123 -24.40 -16.87 -18.94
C THR A 123 -23.94 -17.03 -17.51
N VAL A 124 -23.73 -15.92 -16.78
CA VAL A 124 -23.29 -16.01 -15.39
C VAL A 124 -24.40 -15.55 -14.56
N PHE A 125 -24.62 -16.19 -13.43
CA PHE A 125 -25.63 -15.80 -12.48
C PHE A 125 -24.84 -15.55 -11.21
N LEU A 126 -24.91 -14.31 -10.73
CA LEU A 126 -24.24 -13.90 -9.54
C LEU A 126 -25.26 -13.51 -8.48
N PRO A 127 -25.53 -14.38 -7.57
CA PRO A 127 -26.35 -13.97 -6.46
C PRO A 127 -25.61 -12.99 -5.53
N LEU A 128 -26.31 -11.91 -5.14
CA LEU A 128 -25.72 -10.72 -4.58
C LEU A 128 -26.12 -10.45 -3.16
N ILE A 129 -25.37 -9.55 -2.52
CA ILE A 129 -25.83 -8.98 -1.27
C ILE A 129 -26.59 -7.70 -1.67
N GLU A 130 -27.73 -7.48 -1.05
CA GLU A 130 -28.55 -6.25 -1.29
C GLU A 130 -29.02 -5.75 0.06
N GLY A 131 -28.68 -4.52 0.42
CA GLY A 131 -29.03 -4.04 1.76
C GLY A 131 -28.52 -4.98 2.83
N SER A 132 -29.43 -5.49 3.67
CA SER A 132 -29.04 -6.39 4.70
C SER A 132 -29.20 -7.83 4.37
N PHE A 133 -29.41 -8.18 3.11
CA PHE A 133 -29.68 -9.53 2.75
C PHE A 133 -28.56 -10.05 1.90
N ARG A 134 -28.33 -11.34 2.01
CA ARG A 134 -27.44 -12.07 1.12
C ARG A 134 -28.20 -13.18 0.51
N SER A 135 -27.95 -13.41 -0.78
CA SER A 135 -28.62 -14.43 -1.57
C SER A 135 -27.67 -15.49 -2.06
N CYS A 136 -28.21 -16.68 -2.28
CA CYS A 136 -27.53 -17.69 -3.05
C CYS A 136 -28.56 -18.43 -3.86
N LEU A 137 -28.14 -19.39 -4.64
CA LEU A 137 -29.05 -20.16 -5.44
C LEU A 137 -29.06 -21.58 -4.96
N GLN A 138 -30.18 -22.29 -5.24
CA GLN A 138 -30.33 -23.75 -4.88
C GLN A 138 -31.27 -24.34 -5.89
N GLY A 139 -31.06 -25.61 -6.23
CA GLY A 139 -31.96 -26.32 -7.14
C GLY A 139 -33.08 -27.03 -6.38
N ASN A 140 -34.20 -27.33 -7.00
CA ASN A 140 -35.28 -28.09 -6.36
C ASN A 140 -35.67 -29.26 -7.23
N VAL A 141 -36.62 -30.07 -6.73
CA VAL A 141 -36.87 -31.37 -7.36
C VAL A 141 -37.48 -31.16 -8.69
N ASN A 142 -38.20 -30.06 -8.83
CA ASN A 142 -38.85 -29.71 -10.09
C ASN A 142 -37.95 -29.00 -11.08
N ASP A 143 -36.62 -29.06 -10.87
CA ASP A 143 -35.63 -28.44 -11.79
C ASP A 143 -35.66 -26.92 -11.81
N GLU A 144 -36.34 -26.31 -10.85
CA GLU A 144 -36.27 -24.86 -10.70
C GLU A 144 -34.99 -24.36 -10.05
N VAL A 145 -34.58 -23.17 -10.41
CA VAL A 145 -33.47 -22.49 -9.77
C VAL A 145 -34.14 -21.54 -8.85
N GLU A 146 -33.90 -21.70 -7.55
CA GLU A 146 -34.42 -20.79 -6.56
C GLU A 146 -33.35 -19.86 -6.03
N LEU A 147 -33.70 -18.59 -5.96
CA LEU A 147 -32.96 -17.64 -5.23
C LEU A 147 -33.44 -17.64 -3.78
N CYS A 148 -32.49 -17.75 -2.87
CA CYS A 148 -32.70 -17.78 -1.42
C CYS A 148 -32.15 -16.51 -0.77
N LEU A 149 -32.98 -15.67 -0.18
CA LEU A 149 -32.56 -14.38 0.33
C LEU A 149 -32.64 -14.44 1.84
N GLU A 150 -31.58 -14.03 2.55
CA GLU A 150 -31.47 -14.20 4.01
C GLU A 150 -30.78 -12.99 4.64
N SER A 151 -31.31 -12.52 5.76
CA SER A 151 -30.70 -11.43 6.48
C SER A 151 -29.85 -11.96 7.62
N GLY A 152 -30.03 -13.24 7.94
CA GLY A 152 -29.51 -13.80 9.18
C GLY A 152 -29.86 -13.13 10.51
N ASP A 153 -30.95 -12.36 10.55
CA ASP A 153 -31.40 -11.68 11.79
C ASP A 153 -32.94 -11.60 11.82
N VAL A 154 -33.57 -12.21 12.84
CA VAL A 154 -35.06 -12.13 12.96
C VAL A 154 -35.65 -10.71 12.94
N ASP A 155 -34.91 -9.72 13.45
CA ASP A 155 -35.36 -8.27 13.41
C ASP A 155 -35.12 -7.52 12.12
N THR A 156 -34.50 -8.15 11.11
CA THR A 156 -34.25 -7.49 9.81
C THR A 156 -35.08 -8.18 8.71
N LYS A 157 -36.10 -7.49 8.22
CA LYS A 157 -37.13 -8.14 7.40
C LYS A 157 -37.37 -7.22 6.23
N ARG A 158 -37.56 -7.77 5.02
CA ARG A 158 -37.82 -7.04 3.73
C ARG A 158 -38.89 -7.83 2.93
N SER A 159 -39.60 -7.15 2.02
CA SER A 159 -40.56 -7.81 1.17
C SER A 159 -40.34 -7.62 -0.30
N SER A 160 -39.56 -6.63 -0.69
CA SER A 160 -39.17 -6.59 -2.09
C SER A 160 -37.68 -6.30 -2.30
N PHE A 161 -37.18 -6.73 -3.45
CA PHE A 161 -35.75 -6.71 -3.73
C PHE A 161 -35.59 -6.51 -5.22
N THR A 162 -34.66 -5.66 -5.62
CA THR A 162 -34.42 -5.40 -7.05
C THR A 162 -33.07 -5.84 -7.61
N HIS A 163 -32.07 -6.05 -6.74
CA HIS A 163 -30.71 -6.29 -7.22
C HIS A 163 -30.14 -7.41 -6.37
N SER A 164 -30.83 -8.54 -6.31
CA SER A 164 -30.37 -9.62 -5.52
C SER A 164 -29.70 -10.65 -6.40
N LEU A 165 -29.69 -10.44 -7.72
CA LEU A 165 -29.05 -11.37 -8.60
C LEU A 165 -28.71 -10.70 -9.87
N TYR A 166 -27.57 -11.02 -10.48
CA TYR A 166 -27.17 -10.39 -11.74
C TYR A 166 -26.90 -11.44 -12.75
N ILE A 167 -27.43 -11.25 -13.96
CA ILE A 167 -27.25 -12.24 -15.03
C ILE A 167 -26.68 -11.54 -16.20
N HIS A 168 -25.68 -12.10 -16.81
CA HIS A 168 -25.03 -11.44 -17.92
C HIS A 168 -24.49 -12.50 -18.81
N ALA A 169 -24.46 -12.26 -20.12
CA ALA A 169 -24.04 -13.31 -21.07
C ALA A 169 -23.00 -12.79 -22.08
N GLY A 170 -22.24 -13.67 -22.76
CA GLY A 170 -21.26 -13.22 -23.74
C GLY A 170 -20.65 -14.45 -24.31
N THR A 171 -19.69 -14.29 -25.20
CA THR A 171 -19.20 -15.42 -25.96
C THR A 171 -17.84 -15.91 -25.44
N ASP A 172 -17.23 -15.14 -24.53
CA ASP A 172 -15.95 -15.55 -23.93
C ASP A 172 -16.30 -15.77 -22.44
N PRO A 173 -16.18 -17.02 -21.95
CA PRO A 173 -16.70 -17.28 -20.63
C PRO A 173 -15.98 -16.52 -19.52
N PHE A 174 -14.67 -16.31 -19.70
CA PHE A 174 -13.83 -15.62 -18.71
C PHE A 174 -14.11 -14.13 -18.76
N GLN A 175 -14.19 -13.60 -19.96
CA GLN A 175 -14.54 -12.19 -20.12
C GLN A 175 -15.94 -11.90 -19.62
N THR A 176 -16.85 -12.84 -19.87
CA THR A 176 -18.22 -12.72 -19.39
C THR A 176 -18.26 -12.52 -17.86
N ILE A 177 -17.53 -13.38 -17.16
CA ILE A 177 -17.45 -13.34 -15.69
C ILE A 177 -16.95 -12.04 -15.18
N THR A 178 -15.85 -11.61 -15.77
CA THR A 178 -15.20 -10.38 -15.36
C THR A 178 -16.08 -9.16 -15.60
N ASP A 179 -16.68 -9.07 -16.77
CA ASP A 179 -17.55 -7.95 -17.07
C ASP A 179 -18.69 -7.93 -16.10
N ALA A 180 -19.16 -9.10 -15.70
CA ALA A 180 -20.30 -9.11 -14.72
C ALA A 180 -19.93 -8.62 -13.36
N ILE A 181 -18.77 -9.08 -12.90
CA ILE A 181 -18.25 -8.65 -11.61
C ILE A 181 -18.08 -7.16 -11.62
N ARG A 182 -17.53 -6.65 -12.68
CA ARG A 182 -17.32 -5.21 -12.77
C ARG A 182 -18.64 -4.41 -12.73
N THR A 183 -19.61 -4.89 -13.49
CA THR A 183 -20.95 -4.28 -13.48
C THR A 183 -21.48 -4.30 -12.02
N VAL A 184 -21.34 -5.40 -11.36
CA VAL A 184 -21.85 -5.46 -10.00
C VAL A 184 -21.07 -4.49 -9.06
N LYS A 185 -19.75 -4.36 -9.28
CA LYS A 185 -18.92 -3.47 -8.48
C LYS A 185 -19.39 -2.02 -8.65
N LEU A 186 -19.69 -1.67 -9.87
CA LEU A 186 -20.15 -0.33 -10.21
C LEU A 186 -21.46 -0.02 -9.57
N HIS A 187 -22.22 -1.07 -9.32
CA HIS A 187 -23.43 -0.91 -8.60
C HIS A 187 -23.25 -0.78 -7.09
N LEU A 188 -22.43 -1.65 -6.49
CA LEU A 188 -22.33 -1.71 -5.05
C LEU A 188 -21.23 -0.82 -4.50
N ASN A 189 -20.14 -0.64 -5.26
CA ASN A 189 -19.00 0.13 -4.78
C ASN A 189 -18.36 -0.29 -3.47
N SER A 190 -18.58 -1.53 -3.11
CA SER A 190 -18.28 -1.97 -1.80
C SER A 190 -17.14 -3.00 -1.90
N PHE A 191 -16.65 -3.32 -3.10
CA PHE A 191 -15.44 -4.16 -3.22
C PHE A 191 -14.59 -3.62 -4.38
N ARG A 192 -13.35 -4.11 -4.48
CA ARG A 192 -12.51 -3.90 -5.66
C ARG A 192 -12.22 -5.20 -6.35
N GLN A 193 -11.94 -5.14 -7.65
CA GLN A 193 -11.51 -6.33 -8.36
C GLN A 193 -10.07 -6.67 -8.07
N ARG A 194 -9.70 -7.94 -8.24
CA ARG A 194 -8.34 -8.40 -7.90
C ARG A 194 -7.24 -7.54 -8.48
N HIS A 195 -7.35 -7.20 -9.76
CA HIS A 195 -6.32 -6.49 -10.45
C HIS A 195 -6.15 -5.05 -9.99
N GLU A 196 -7.09 -4.52 -9.23
CA GLU A 196 -7.03 -3.13 -8.69
C GLU A 196 -6.44 -3.04 -7.30
N LYS A 197 -6.12 -4.17 -6.72
CA LYS A 197 -5.68 -4.20 -5.33
C LYS A 197 -4.15 -4.37 -5.18
N LYS A 198 -3.63 -3.98 -4.05
CA LYS A 198 -2.19 -4.08 -3.86
C LYS A 198 -1.83 -5.46 -3.31
N LEU A 199 -1.11 -6.26 -4.08
CA LEU A 199 -0.67 -7.58 -3.56
C LEU A 199 0.43 -7.42 -2.51
N PRO A 200 0.38 -8.11 -1.38
CA PRO A 200 1.54 -7.97 -0.52
C PRO A 200 2.81 -8.66 -1.08
N GLY A 201 3.97 -8.19 -0.64
CA GLY A 201 5.25 -8.64 -1.16
C GLY A 201 5.58 -10.10 -0.94
N ILE A 202 4.85 -10.79 -0.07
CA ILE A 202 5.12 -12.19 0.16
C ILE A 202 4.88 -13.04 -1.09
N VAL A 203 3.99 -12.58 -2.00
CA VAL A 203 3.67 -13.33 -3.18
C VAL A 203 4.84 -13.61 -4.11
N ASP A 204 5.90 -12.86 -4.04
CA ASP A 204 7.04 -13.08 -4.87
C ASP A 204 8.20 -13.91 -4.29
N TYR A 205 7.95 -14.49 -3.11
CA TYR A 205 8.92 -15.26 -2.35
C TYR A 205 8.38 -16.54 -1.82
N PHE A 206 9.26 -17.51 -1.69
CA PHE A 206 8.98 -18.79 -1.03
C PHE A 206 8.70 -18.57 0.43
N GLY A 207 7.69 -19.22 0.96
CA GLY A 207 7.42 -19.15 2.38
C GLY A 207 7.32 -20.50 3.07
N TRP A 208 7.15 -20.43 4.40
CA TRP A 208 6.95 -21.60 5.19
C TRP A 208 5.97 -21.29 6.24
N CYS A 209 5.08 -22.23 6.46
CA CYS A 209 3.99 -22.09 7.43
C CYS A 209 4.13 -23.14 8.43
N THR A 210 3.95 -22.79 9.71
CA THR A 210 4.19 -23.76 10.79
C THR A 210 3.08 -24.74 11.01
N TRP A 211 1.93 -24.60 10.36
CA TRP A 211 0.79 -25.39 10.71
C TRP A 211 0.95 -26.92 10.64
N ASP A 212 1.26 -27.51 9.48
CA ASP A 212 1.36 -28.96 9.47
C ASP A 212 2.62 -29.45 10.19
N ALA A 213 3.58 -28.58 10.45
CA ALA A 213 4.82 -28.98 11.00
C ALA A 213 4.68 -29.20 12.49
N PHE A 214 3.90 -28.38 13.20
CA PHE A 214 3.72 -28.57 14.65
C PHE A 214 2.32 -28.48 15.17
N TYR A 215 1.38 -28.02 14.33
CA TYR A 215 0.04 -27.73 14.75
C TYR A 215 0.11 -26.80 15.92
N GLN A 216 -0.82 -26.89 16.86
CA GLN A 216 -0.85 -25.91 17.95
C GLN A 216 0.27 -25.96 18.91
N GLU A 217 1.09 -27.01 18.83
CA GLU A 217 2.29 -27.12 19.71
C GLU A 217 3.49 -26.35 19.21
N VAL A 218 3.34 -25.58 18.14
CA VAL A 218 4.44 -24.71 17.67
C VAL A 218 5.08 -23.87 18.83
N THR A 219 6.42 -23.73 18.79
CA THR A 219 7.16 -22.91 19.69
C THR A 219 8.12 -22.06 18.90
N GLN A 220 8.65 -21.03 19.51
CA GLN A 220 9.65 -20.24 18.84
C GLN A 220 10.91 -20.97 18.41
N GLU A 221 11.30 -22.02 19.14
CA GLU A 221 12.47 -22.81 18.75
C GLU A 221 12.13 -23.63 17.49
N GLY A 222 10.92 -24.13 17.43
CA GLY A 222 10.44 -24.81 16.22
C GLY A 222 10.36 -23.88 15.04
N VAL A 223 9.92 -22.66 15.26
CA VAL A 223 9.99 -21.71 14.14
C VAL A 223 11.40 -21.58 13.59
N GLU A 224 12.32 -21.30 14.47
CA GLU A 224 13.68 -21.12 14.03
C GLU A 224 14.25 -22.36 13.37
N ALA A 225 13.96 -23.54 13.90
CA ALA A 225 14.46 -24.79 13.30
C ALA A 225 14.01 -24.98 11.84
N GLY A 226 12.73 -24.67 11.60
CA GLY A 226 12.21 -24.83 10.25
C GLY A 226 12.80 -23.91 9.24
N LEU A 227 13.06 -22.67 9.64
CA LEU A 227 13.68 -21.74 8.76
C LEU A 227 15.11 -22.12 8.42
N LYS A 228 15.83 -22.55 9.42
CA LYS A 228 17.21 -22.95 9.24
C LYS A 228 17.33 -24.21 8.35
N SER A 229 16.47 -25.19 8.56
CA SER A 229 16.57 -26.44 7.73
C SER A 229 16.35 -26.19 6.23
N LEU A 230 15.38 -25.31 5.90
CA LEU A 230 15.00 -25.01 4.52
C LEU A 230 16.15 -24.22 3.83
N ALA A 231 16.63 -23.22 4.53
CA ALA A 231 17.72 -22.38 4.04
C ALA A 231 19.03 -23.17 3.79
N ALA A 232 19.33 -24.12 4.65
CA ALA A 232 20.54 -24.97 4.57
C ALA A 232 20.53 -25.84 3.32
N GLY A 233 19.35 -26.17 2.80
CA GLY A 233 19.33 -26.89 1.55
C GLY A 233 19.37 -26.04 0.30
N GLY A 234 19.49 -24.72 0.44
CA GLY A 234 19.58 -23.81 -0.68
C GLY A 234 18.26 -23.23 -1.20
N THR A 235 17.16 -23.48 -0.49
CA THR A 235 15.83 -22.88 -0.88
C THR A 235 15.25 -22.04 0.25
N PRO A 236 15.77 -20.83 0.40
CA PRO A 236 15.53 -20.12 1.71
C PRO A 236 14.18 -19.46 1.68
N PRO A 237 13.36 -19.68 2.69
CA PRO A 237 12.08 -18.94 2.67
C PRO A 237 12.35 -17.50 3.02
N LYS A 238 11.63 -16.59 2.39
CA LYS A 238 11.67 -15.22 2.75
C LYS A 238 10.45 -14.73 3.45
N PHE A 239 9.42 -15.55 3.59
CA PHE A 239 8.38 -15.27 4.59
C PHE A 239 8.05 -16.50 5.42
N VAL A 240 7.51 -16.25 6.59
CA VAL A 240 7.02 -17.29 7.44
C VAL A 240 5.67 -16.90 7.99
N ILE A 241 4.82 -17.90 8.04
CA ILE A 241 3.54 -17.78 8.74
C ILE A 241 3.54 -18.55 10.02
N ILE A 242 3.54 -17.83 11.15
CA ILE A 242 3.42 -18.45 12.44
C ILE A 242 1.96 -18.71 12.62
N ASP A 243 1.58 -19.97 12.50
CA ASP A 243 0.19 -20.32 12.37
C ASP A 243 -0.41 -20.51 13.77
N ASP A 244 -1.58 -21.09 13.85
CA ASP A 244 -2.34 -21.26 15.10
C ASP A 244 -1.48 -21.97 16.14
N GLY A 245 -1.43 -21.33 17.32
CA GLY A 245 -0.72 -21.85 18.48
C GLY A 245 0.22 -20.91 19.23
N TRP A 246 0.42 -19.68 18.72
CA TRP A 246 1.23 -18.72 19.42
C TRP A 246 0.45 -17.81 20.39
N GLN A 247 -0.87 -17.81 20.34
CA GLN A 247 -1.70 -16.84 21.09
C GLN A 247 -2.05 -17.32 22.52
N SER A 248 -2.47 -16.38 23.35
CA SER A 248 -2.78 -16.67 24.77
C SER A 248 -4.20 -17.07 24.87
N VAL A 249 -4.47 -18.34 25.02
CA VAL A 249 -5.83 -18.82 24.98
C VAL A 249 -6.10 -19.74 26.20
N GLU A 250 -7.36 -19.87 26.59
CA GLU A 250 -7.76 -20.72 27.71
C GLU A 250 -9.14 -21.24 27.53
N ARG A 251 -9.33 -22.49 27.99
CA ARG A 251 -10.65 -23.06 28.24
C ARG A 251 -11.36 -22.33 29.33
N ASP A 252 -12.67 -22.55 29.43
CA ASP A 252 -13.59 -21.83 30.37
C ASP A 252 -13.60 -22.43 31.77
N PRO A 265 -14.08 -29.09 23.99
CA PRO A 265 -13.82 -28.06 25.08
C PRO A 265 -13.10 -26.78 24.52
N ILE A 266 -13.85 -25.75 24.20
CA ILE A 266 -13.33 -24.71 23.27
C ILE A 266 -12.43 -23.67 23.94
N PHE A 267 -11.39 -23.20 23.23
CA PHE A 267 -10.52 -22.17 23.78
C PHE A 267 -10.88 -20.80 23.27
N ARG A 268 -10.66 -19.79 24.12
CA ARG A 268 -11.02 -18.41 23.85
C ARG A 268 -9.81 -17.56 24.17
N LEU A 269 -9.76 -16.38 23.57
CA LEU A 269 -8.60 -15.49 23.67
C LEU A 269 -8.61 -14.85 25.06
N THR A 270 -7.49 -14.94 25.77
CA THR A 270 -7.38 -14.32 27.08
C THR A 270 -6.58 -13.04 27.12
N GLY A 271 -5.83 -12.72 26.06
CA GLY A 271 -5.07 -11.49 25.96
C GLY A 271 -4.51 -11.42 24.52
N ILE A 272 -4.00 -10.27 24.13
CA ILE A 272 -3.61 -10.07 22.75
C ILE A 272 -2.16 -10.43 22.47
N LYS A 273 -1.40 -10.68 23.53
CA LYS A 273 0.03 -10.97 23.37
C LYS A 273 0.24 -12.43 23.30
N GLU A 274 1.44 -12.75 22.84
CA GLU A 274 1.84 -14.15 22.72
C GLU A 274 1.81 -14.95 24.02
N ASN A 275 1.65 -16.28 23.91
CA ASN A 275 1.88 -17.20 25.04
C ASN A 275 3.34 -17.44 25.39
N GLU A 276 3.51 -18.22 26.44
CA GLU A 276 4.85 -18.48 27.01
C GLU A 276 5.80 -19.12 26.00
N LYS A 277 5.30 -19.79 24.96
CA LYS A 277 6.19 -20.49 24.02
C LYS A 277 6.89 -19.48 23.15
N PHE A 278 6.40 -18.23 23.15
CA PHE A 278 6.96 -17.16 22.36
C PHE A 278 7.59 -16.03 23.12
N LYS A 279 8.09 -16.31 24.32
CA LYS A 279 8.70 -15.36 25.23
C LYS A 279 10.13 -15.74 25.36
N LYS A 280 11.00 -14.79 25.14
CA LYS A 280 12.41 -15.02 25.20
C LYS A 280 12.77 -15.70 26.53
N LYS A 281 13.62 -16.72 26.52
CA LYS A 281 13.72 -17.61 27.69
C LYS A 281 14.53 -17.02 28.86
N ASP A 282 15.43 -16.07 28.62
CA ASP A 282 15.78 -15.11 29.68
C ASP A 282 14.53 -14.24 29.84
N ASP A 283 14.74 -12.97 30.10
CA ASP A 283 13.83 -11.90 29.77
C ASP A 283 12.40 -12.24 29.21
N PRO A 284 11.52 -12.87 30.05
CA PRO A 284 10.13 -13.07 29.58
C PRO A 284 9.32 -11.78 29.39
N ASN A 285 9.89 -10.61 29.66
CA ASN A 285 9.30 -9.37 29.17
C ASN A 285 9.40 -9.13 27.68
N VAL A 286 10.23 -9.87 26.96
CA VAL A 286 10.55 -9.55 25.54
C VAL A 286 9.57 -9.98 24.40
N GLY A 287 8.80 -11.06 24.57
CA GLY A 287 7.73 -11.46 23.62
C GLY A 287 8.03 -11.91 22.16
N ILE A 288 6.99 -11.88 21.32
CA ILE A 288 7.11 -12.37 19.90
C ILE A 288 8.15 -11.64 19.05
N LYS A 289 8.49 -10.41 19.45
CA LYS A 289 9.58 -9.70 18.87
C LYS A 289 10.88 -10.48 18.85
N ASN A 290 11.05 -11.37 19.80
CA ASN A 290 12.22 -12.23 19.83
C ASN A 290 12.36 -13.10 18.57
N ILE A 291 11.33 -13.89 18.27
CA ILE A 291 11.36 -14.75 17.08
C ILE A 291 11.35 -13.97 15.78
N VAL A 292 10.73 -12.80 15.77
CA VAL A 292 10.73 -11.99 14.61
C VAL A 292 12.15 -11.52 14.28
N LYS A 293 12.86 -11.05 15.28
CA LYS A 293 14.24 -10.61 15.09
C LYS A 293 15.17 -11.73 14.71
N ILE A 294 15.05 -12.85 15.35
CA ILE A 294 15.80 -14.03 14.92
C ILE A 294 15.54 -14.37 13.40
N ALA A 295 14.25 -14.47 13.06
CA ALA A 295 13.88 -14.73 11.69
C ALA A 295 14.54 -13.81 10.71
N LYS A 296 14.37 -12.51 10.95
CA LYS A 296 14.82 -11.53 10.00
C LYS A 296 16.32 -11.24 10.10
N GLU A 297 16.88 -11.07 11.29
CA GLU A 297 18.28 -10.61 11.32
C GLU A 297 19.24 -11.78 11.21
N LYS A 298 18.88 -12.88 11.78
CA LYS A 298 19.72 -14.00 11.79
C LYS A 298 19.49 -14.92 10.58
N HIS A 299 18.24 -15.15 10.16
CA HIS A 299 17.99 -16.06 9.04
C HIS A 299 17.57 -15.38 7.72
N GLY A 300 17.50 -14.05 7.69
CA GLY A 300 17.29 -13.33 6.46
C GLY A 300 15.88 -13.23 5.90
N LEU A 301 14.86 -13.50 6.70
CA LEU A 301 13.48 -13.38 6.27
C LEU A 301 13.10 -11.91 6.04
N ARG A 302 12.30 -11.66 5.03
CA ARG A 302 11.74 -10.31 4.76
C ARG A 302 10.43 -10.08 5.41
N TYR A 303 9.61 -11.11 5.56
CA TYR A 303 8.34 -10.95 6.20
C TYR A 303 8.03 -12.01 7.21
N VAL A 304 7.36 -11.60 8.32
CA VAL A 304 6.76 -12.47 9.25
C VAL A 304 5.25 -12.17 9.41
N TYR A 305 4.45 -13.20 9.22
CA TYR A 305 3.01 -13.12 9.40
C TYR A 305 2.62 -14.02 10.55
N VAL A 306 1.49 -13.70 11.16
CA VAL A 306 0.93 -14.55 12.22
C VAL A 306 -0.53 -14.78 11.95
N TRP A 307 -1.04 -15.87 12.50
CA TRP A 307 -2.40 -16.31 12.37
C TRP A 307 -3.33 -15.73 13.46
N HIS A 308 -4.55 -15.41 13.10
CA HIS A 308 -5.56 -15.22 14.14
C HIS A 308 -6.93 -15.36 13.54
N ALA A 309 -7.91 -15.71 14.36
CA ALA A 309 -9.26 -15.79 13.90
C ALA A 309 -9.85 -14.43 13.72
N ILE A 310 -10.82 -14.31 12.84
CA ILE A 310 -11.53 -13.07 12.74
C ILE A 310 -12.17 -12.65 14.06
N THR A 311 -12.51 -13.62 14.90
CA THR A 311 -13.04 -13.43 16.27
C THR A 311 -12.01 -13.49 17.40
N GLY A 312 -10.73 -13.43 17.05
CA GLY A 312 -9.63 -13.61 18.03
C GLY A 312 -9.08 -15.03 17.98
N TYR A 313 -9.88 -15.92 18.56
CA TYR A 313 -9.58 -17.33 18.55
C TYR A 313 -10.89 -18.03 18.21
N TRP A 314 -10.81 -19.35 18.12
CA TRP A 314 -11.90 -20.22 17.73
C TRP A 314 -13.11 -20.05 18.60
N GLY A 315 -12.92 -19.82 19.91
CA GLY A 315 -14.07 -19.58 20.78
C GLY A 315 -14.22 -18.10 21.05
N GLY A 316 -13.65 -17.25 20.22
CA GLY A 316 -13.80 -15.83 20.37
C GLY A 316 -12.82 -15.30 21.39
N VAL A 317 -13.24 -14.28 22.10
CA VAL A 317 -12.49 -13.65 23.15
C VAL A 317 -13.25 -13.85 24.48
N ARG A 318 -12.53 -14.14 25.55
CA ARG A 318 -13.17 -14.34 26.85
C ARG A 318 -14.00 -13.13 27.20
N PRO A 319 -15.30 -13.30 27.45
CA PRO A 319 -16.26 -12.24 27.77
C PRO A 319 -15.72 -11.24 28.76
N GLY A 320 -16.03 -9.98 28.56
CA GLY A 320 -15.39 -8.94 29.35
C GLY A 320 -15.67 -7.58 28.80
N GLU A 321 -15.32 -6.60 29.62
CA GLU A 321 -15.52 -5.22 29.33
C GLU A 321 -14.60 -4.71 28.23
N GLU A 322 -13.34 -5.15 28.29
CA GLU A 322 -12.28 -4.49 27.52
C GLU A 322 -12.63 -4.32 26.00
N TYR A 323 -13.18 -5.39 25.42
CA TYR A 323 -13.59 -5.38 24.03
C TYR A 323 -15.09 -5.67 23.87
N GLY A 324 -15.86 -5.67 24.97
CA GLY A 324 -17.31 -5.82 24.91
C GLY A 324 -17.69 -7.22 24.52
N SER A 325 -16.88 -8.19 24.82
CA SER A 325 -17.16 -9.54 24.33
C SER A 325 -18.31 -10.12 25.14
N VAL A 326 -19.27 -10.72 24.43
CA VAL A 326 -20.44 -11.39 24.99
C VAL A 326 -20.61 -12.78 24.36
N MET A 327 -20.98 -13.78 25.14
CA MET A 327 -21.27 -15.10 24.58
C MET A 327 -22.41 -15.09 23.52
N LYS A 328 -22.12 -15.69 22.37
CA LYS A 328 -23.07 -15.79 21.28
C LYS A 328 -22.95 -17.22 20.65
N TYR A 329 -24.06 -17.72 20.13
CA TYR A 329 -24.18 -19.08 19.60
C TYR A 329 -24.58 -19.04 18.14
N PRO A 330 -23.78 -19.71 17.32
CA PRO A 330 -24.04 -19.71 15.86
C PRO A 330 -25.50 -20.05 15.47
N ASN A 331 -26.15 -19.18 14.72
CA ASN A 331 -27.42 -19.50 14.07
C ASN A 331 -27.19 -20.46 12.92
N MET A 332 -27.99 -21.51 12.77
CA MET A 332 -27.86 -22.45 11.65
C MET A 332 -28.71 -21.91 10.50
N SER A 333 -28.17 -21.83 9.29
CA SER A 333 -29.02 -21.66 8.13
C SER A 333 -29.25 -23.00 7.47
N LYS A 334 -30.36 -23.12 6.75
CA LYS A 334 -30.74 -24.37 6.16
C LYS A 334 -29.75 -24.89 5.11
N GLY A 335 -29.31 -24.01 4.22
CA GLY A 335 -28.46 -24.47 3.13
C GLY A 335 -27.11 -25.03 3.63
N VAL A 336 -26.55 -24.37 4.65
CA VAL A 336 -25.26 -24.79 5.21
C VAL A 336 -25.40 -26.13 5.88
N VAL A 337 -26.45 -26.25 6.70
CA VAL A 337 -26.69 -27.46 7.45
C VAL A 337 -27.20 -28.60 6.57
N GLU A 338 -27.93 -28.30 5.50
CA GLU A 338 -28.17 -29.32 4.51
C GLU A 338 -26.91 -29.95 3.96
N ASN A 339 -25.94 -29.15 3.55
CA ASN A 339 -24.72 -29.75 2.98
C ASN A 339 -23.77 -30.19 4.03
N ASP A 340 -23.78 -29.50 5.17
CA ASP A 340 -22.89 -29.87 6.28
C ASP A 340 -23.68 -30.12 7.64
N PRO A 341 -24.35 -31.28 7.76
CA PRO A 341 -25.14 -31.61 8.98
C PRO A 341 -24.32 -31.57 10.31
N THR A 342 -23.04 -31.97 10.26
CA THR A 342 -22.14 -31.91 11.42
C THR A 342 -21.96 -30.49 11.99
N TRP A 343 -22.17 -29.48 11.15
CA TRP A 343 -22.09 -28.13 11.67
C TRP A 343 -23.04 -27.96 12.87
N LYS A 344 -24.22 -28.62 12.85
CA LYS A 344 -25.20 -28.48 13.97
C LYS A 344 -24.61 -28.89 15.31
N THR A 345 -23.64 -29.78 15.30
CA THR A 345 -23.03 -30.26 16.53
C THR A 345 -21.57 -29.95 16.68
N ASP A 346 -21.08 -29.02 15.90
CA ASP A 346 -19.74 -28.52 16.05
C ASP A 346 -19.65 -27.78 17.44
N VAL A 347 -18.44 -27.81 17.98
CA VAL A 347 -18.03 -27.22 19.23
C VAL A 347 -18.29 -25.74 19.23
N MET A 348 -18.20 -25.06 18.07
CA MET A 348 -18.43 -23.63 18.04
C MET A 348 -19.92 -23.36 18.15
N THR A 349 -20.70 -24.19 17.47
CA THR A 349 -22.15 -24.12 17.51
C THR A 349 -22.66 -24.32 18.94
N LEU A 350 -22.20 -25.39 19.58
CA LEU A 350 -22.66 -25.77 20.93
C LEU A 350 -22.02 -25.01 22.07
N GLN A 351 -20.72 -24.67 22.05
CA GLN A 351 -20.12 -23.94 23.18
C GLN A 351 -20.01 -22.42 22.99
N GLY A 352 -20.35 -21.95 21.79
CA GLY A 352 -20.49 -20.55 21.49
C GLY A 352 -19.16 -19.85 21.42
N LEU A 353 -19.24 -18.57 21.11
CA LEU A 353 -18.07 -17.70 20.99
C LEU A 353 -18.30 -16.46 21.76
N GLY A 354 -17.23 -15.99 22.42
CA GLY A 354 -17.22 -14.60 22.90
C GLY A 354 -17.02 -13.61 21.75
N LEU A 355 -18.09 -12.98 21.30
CA LEU A 355 -18.03 -12.04 20.22
C LEU A 355 -17.71 -10.65 20.73
N VAL A 356 -16.59 -10.11 20.26
CA VAL A 356 -16.24 -8.76 20.51
C VAL A 356 -17.34 -7.88 19.99
N SER A 357 -17.59 -6.78 20.68
CA SER A 357 -18.62 -5.89 20.24
C SER A 357 -18.26 -5.14 18.93
N PRO A 358 -19.24 -4.89 18.06
CA PRO A 358 -18.97 -4.07 16.91
C PRO A 358 -18.49 -2.68 17.28
N LYS A 359 -18.88 -2.21 18.45
CA LYS A 359 -18.45 -0.89 18.89
C LYS A 359 -17.02 -0.91 19.26
N LYS A 360 -16.48 -2.04 19.69
CA LYS A 360 -15.09 -2.14 20.07
C LYS A 360 -14.18 -2.99 19.12
N VAL A 361 -14.71 -3.40 17.97
CA VAL A 361 -13.95 -4.29 17.10
C VAL A 361 -12.72 -3.62 16.55
N TYR A 362 -12.81 -2.34 16.17
CA TYR A 362 -11.65 -1.63 15.71
C TYR A 362 -10.59 -1.60 16.80
N LYS A 363 -11.02 -1.31 17.99
CA LYS A 363 -10.07 -1.18 19.03
C LYS A 363 -9.37 -2.54 19.27
N PHE A 364 -10.12 -3.64 19.18
CA PHE A 364 -9.52 -4.99 19.39
C PHE A 364 -8.44 -5.23 18.30
N TYR A 365 -8.80 -5.11 17.02
CA TYR A 365 -7.87 -5.34 15.95
C TYR A 365 -6.71 -4.40 16.06
N ASN A 366 -6.97 -3.11 16.28
CA ASN A 366 -5.86 -2.20 16.41
C ASN A 366 -4.86 -2.46 17.54
N GLU A 367 -5.35 -2.82 18.72
CA GLU A 367 -4.46 -3.11 19.79
C GLU A 367 -3.70 -4.40 19.51
N LEU A 368 -4.36 -5.40 18.94
CA LEU A 368 -3.63 -6.64 18.63
C LEU A 368 -2.55 -6.33 17.57
N HIS A 369 -2.96 -5.64 16.52
CA HIS A 369 -2.07 -5.43 15.37
C HIS A 369 -0.98 -4.43 15.66
N SER A 370 -1.27 -3.45 16.52
CA SER A 370 -0.26 -2.52 16.95
C SER A 370 0.84 -3.25 17.75
N TYR A 371 0.43 -4.11 18.66
CA TYR A 371 1.40 -4.90 19.40
C TYR A 371 2.28 -5.69 18.39
N LEU A 372 1.63 -6.37 17.44
CA LEU A 372 2.30 -7.19 16.41
C LEU A 372 3.22 -6.38 15.56
N ALA A 373 2.77 -5.22 15.07
CA ALA A 373 3.61 -4.44 14.21
C ALA A 373 4.77 -3.83 14.87
N ASP A 374 4.56 -3.36 16.10
CA ASP A 374 5.66 -2.83 16.89
C ASP A 374 6.67 -3.92 17.24
N ALA A 375 6.25 -5.18 17.25
CA ALA A 375 7.24 -6.29 17.34
C ALA A 375 7.90 -6.72 16.00
N GLY A 376 7.59 -6.05 14.91
CA GLY A 376 8.21 -6.35 13.56
C GLY A 376 7.37 -7.28 12.63
N VAL A 377 6.15 -7.62 13.04
CA VAL A 377 5.24 -8.44 12.24
C VAL A 377 4.64 -7.63 11.06
N ASP A 378 4.59 -8.26 9.88
CA ASP A 378 4.26 -7.63 8.60
C ASP A 378 2.84 -7.91 8.05
N GLY A 379 2.11 -8.83 8.69
CA GLY A 379 0.82 -9.30 8.23
C GLY A 379 0.20 -10.38 9.07
N VAL A 380 -1.08 -10.59 8.81
CA VAL A 380 -1.83 -11.63 9.40
C VAL A 380 -2.55 -12.55 8.39
N LYS A 381 -2.64 -13.84 8.74
CA LYS A 381 -3.45 -14.79 8.04
C LYS A 381 -4.73 -14.81 8.93
N VAL A 382 -5.85 -14.35 8.42
CA VAL A 382 -7.07 -14.20 9.22
C VAL A 382 -8.11 -15.26 8.93
N ALA A 383 -8.34 -16.12 9.90
CA ALA A 383 -9.12 -17.28 9.66
C ALA A 383 -10.50 -17.24 10.34
N VAL A 384 -11.23 -18.33 10.19
CA VAL A 384 -12.53 -18.49 10.77
C VAL A 384 -13.48 -17.41 10.29
N GLN A 385 -13.30 -16.89 9.09
CA GLN A 385 -14.02 -15.62 8.70
C GLN A 385 -15.52 -15.80 8.53
N CYS A 386 -15.95 -16.94 8.00
CA CYS A 386 -17.38 -17.07 7.73
C CYS A 386 -18.28 -17.20 9.02
N VAL A 387 -17.70 -17.31 10.23
CA VAL A 387 -18.54 -17.44 11.45
C VAL A 387 -19.43 -16.26 11.61
N LEU A 388 -19.03 -15.09 11.17
CA LEU A 388 -19.82 -13.85 11.42
C LEU A 388 -21.25 -13.92 10.85
N GLU A 389 -21.40 -14.65 9.76
CA GLU A 389 -22.70 -14.73 9.16
C GLU A 389 -23.69 -15.47 10.12
N THR A 390 -23.19 -16.23 11.08
CA THR A 390 -24.00 -17.01 11.97
C THR A 390 -24.22 -16.26 13.32
N LEU A 391 -23.79 -15.00 13.44
CA LEU A 391 -23.78 -14.35 14.74
C LEU A 391 -24.38 -12.99 14.67
N GLY A 392 -25.07 -12.69 13.59
CA GLY A 392 -25.63 -11.36 13.44
C GLY A 392 -26.97 -11.13 14.11
N GLY A 393 -27.46 -12.21 14.72
CA GLY A 393 -28.35 -12.23 15.88
C GLY A 393 -29.29 -11.10 15.98
N GLY A 394 -28.97 -10.13 16.79
CA GLY A 394 -29.77 -8.89 16.73
C GLY A 394 -28.77 -7.78 16.55
N LEU A 395 -27.96 -7.86 15.50
CA LEU A 395 -26.95 -6.86 15.24
C LEU A 395 -26.99 -6.47 13.81
N GLY A 396 -28.15 -6.62 13.21
CA GLY A 396 -28.36 -6.23 11.83
C GLY A 396 -28.15 -7.39 10.85
N GLY A 397 -27.68 -8.53 11.35
CA GLY A 397 -27.61 -9.78 10.58
C GLY A 397 -26.26 -10.03 9.88
N ARG A 398 -26.23 -11.03 9.01
CA ARG A 398 -25.01 -11.57 8.45
C ARG A 398 -24.24 -10.56 7.60
N VAL A 399 -24.93 -9.74 6.85
CA VAL A 399 -24.27 -8.82 5.97
C VAL A 399 -23.68 -7.65 6.74
N GLU A 400 -24.45 -7.11 7.68
CA GLU A 400 -24.02 -5.91 8.40
C GLU A 400 -22.89 -6.28 9.37
N LEU A 401 -23.04 -7.41 10.06
CA LEU A 401 -22.00 -7.81 10.97
C LEU A 401 -20.66 -8.07 10.20
N THR A 402 -20.73 -8.73 9.06
CA THR A 402 -19.56 -9.05 8.26
C THR A 402 -18.88 -7.71 7.81
N ARG A 403 -19.69 -6.76 7.36
CA ARG A 403 -19.22 -5.52 6.81
C ARG A 403 -18.55 -4.74 7.91
N GLN A 404 -19.13 -4.76 9.09
CA GLN A 404 -18.54 -4.03 10.20
C GLN A 404 -17.17 -4.54 10.61
N PHE A 405 -17.05 -5.86 10.73
CA PHE A 405 -15.82 -6.47 11.20
C PHE A 405 -14.75 -6.28 10.17
N HIS A 406 -15.12 -6.39 8.88
CA HIS A 406 -14.13 -6.22 7.81
C HIS A 406 -13.73 -4.81 7.60
N GLN A 407 -14.67 -3.90 7.81
CA GLN A 407 -14.33 -2.47 7.83
C GLN A 407 -13.27 -2.19 8.89
N ALA A 408 -13.45 -2.70 10.10
CA ALA A 408 -12.49 -2.48 11.18
C ALA A 408 -11.16 -3.19 10.88
N LEU A 409 -11.23 -4.41 10.34
CA LEU A 409 -10.04 -5.17 10.09
C LEU A 409 -9.15 -4.50 9.02
N ASP A 410 -9.82 -4.05 7.97
CA ASP A 410 -9.10 -3.37 6.89
C ASP A 410 -8.42 -2.07 7.33
N SER A 411 -9.06 -1.36 8.24
CA SER A 411 -8.52 -0.12 8.77
C SER A 411 -7.27 -0.47 9.57
N SER A 412 -7.39 -1.50 10.38
CA SER A 412 -6.27 -1.90 11.18
C SER A 412 -5.11 -2.44 10.38
N VAL A 413 -5.37 -3.18 9.28
CA VAL A 413 -4.36 -3.75 8.44
C VAL A 413 -3.62 -2.63 7.70
N ALA A 414 -4.40 -1.66 7.17
CA ALA A 414 -3.81 -0.52 6.45
C ALA A 414 -2.94 0.35 7.29
N LYS A 415 -3.38 0.58 8.54
CA LYS A 415 -2.53 1.23 9.50
C LYS A 415 -1.28 0.41 9.88
N ASN A 416 -1.47 -0.83 10.30
CA ASN A 416 -0.41 -1.52 10.97
C ASN A 416 0.43 -2.44 10.10
N PHE A 417 -0.12 -2.94 9.01
CA PHE A 417 0.61 -3.73 8.07
C PHE A 417 0.48 -3.15 6.68
N PRO A 418 1.19 -2.06 6.40
CA PRO A 418 0.83 -1.26 5.22
C PRO A 418 1.38 -1.84 3.90
N ASP A 419 2.05 -2.96 3.93
CA ASP A 419 2.32 -3.69 2.69
C ASP A 419 1.07 -4.48 2.19
N ASN A 420 -0.06 -4.28 2.89
CA ASN A 420 -1.30 -4.91 2.70
C ASN A 420 -1.21 -6.35 3.16
N GLY A 421 -0.82 -6.55 4.43
CA GLY A 421 -0.52 -7.89 4.97
C GLY A 421 -1.71 -8.63 5.57
N CYS A 422 -2.49 -9.24 4.70
CA CYS A 422 -3.69 -9.95 5.07
C CYS A 422 -3.96 -11.08 4.11
N ILE A 423 -4.09 -12.28 4.62
CA ILE A 423 -4.52 -13.43 3.87
C ILE A 423 -5.83 -13.83 4.46
N ALA A 424 -6.84 -13.85 3.60
CA ALA A 424 -8.16 -14.24 4.03
C ALA A 424 -8.27 -15.77 4.00
N CYS A 425 -8.84 -16.35 5.09
CA CYS A 425 -8.87 -17.79 5.22
C CYS A 425 -10.21 -18.20 5.78
N MET A 426 -10.74 -19.31 5.27
CA MET A 426 -12.05 -19.85 5.64
C MET A 426 -13.14 -18.79 5.36
N SER A 427 -13.10 -18.14 4.20
CA SER A 427 -13.83 -16.90 3.93
C SER A 427 -14.71 -16.89 2.67
N HIS A 428 -15.12 -18.08 2.19
CA HIS A 428 -15.82 -18.20 0.93
C HIS A 428 -17.34 -17.89 1.07
N ASN A 429 -17.71 -16.76 1.62
CA ASN A 429 -19.08 -16.39 1.61
C ASN A 429 -19.14 -15.08 0.86
N THR A 430 -20.23 -14.94 0.10
CA THR A 430 -20.51 -13.72 -0.63
C THR A 430 -20.64 -12.50 0.27
N ASP A 431 -20.92 -12.69 1.54
CA ASP A 431 -20.99 -11.52 2.41
C ASP A 431 -19.58 -10.85 2.49
N ALA A 432 -18.54 -11.67 2.62
CA ALA A 432 -17.19 -11.13 2.69
C ALA A 432 -16.71 -10.80 1.28
N LEU A 433 -17.00 -11.63 0.27
CA LEU A 433 -16.45 -11.33 -1.10
C LEU A 433 -16.91 -9.95 -1.58
N TYR A 434 -18.23 -9.70 -1.51
CA TYR A 434 -18.77 -8.40 -1.95
C TYR A 434 -18.48 -7.19 -1.08
N CYS A 435 -17.83 -7.39 0.07
CA CYS A 435 -17.16 -6.28 0.78
C CYS A 435 -15.57 -6.33 0.73
N SER A 436 -15.00 -7.11 -0.20
CA SER A 436 -13.54 -7.26 -0.32
C SER A 436 -12.94 -6.06 -1.02
N LYS A 437 -12.83 -4.98 -0.25
CA LYS A 437 -12.36 -3.69 -0.80
C LYS A 437 -10.86 -3.44 -0.80
N GLN A 438 -10.11 -4.24 -0.07
CA GLN A 438 -8.70 -3.98 0.16
C GLN A 438 -7.83 -5.24 0.19
N ALA A 439 -8.25 -6.22 0.94
CA ALA A 439 -7.46 -7.45 1.09
C ALA A 439 -7.30 -8.11 -0.30
N ALA A 440 -6.16 -8.72 -0.55
CA ALA A 440 -5.81 -9.08 -1.89
C ALA A 440 -5.44 -10.54 -2.11
N VAL A 441 -5.45 -11.35 -1.05
CA VAL A 441 -5.14 -12.81 -1.12
C VAL A 441 -6.16 -13.60 -0.35
N ILE A 442 -6.68 -14.63 -1.00
CA ILE A 442 -7.68 -15.48 -0.41
C ILE A 442 -7.31 -16.91 -0.57
N ARG A 443 -7.35 -17.65 0.54
CA ARG A 443 -7.28 -19.13 0.43
C ARG A 443 -8.44 -19.67 -0.44
N ALA A 444 -8.07 -20.41 -1.49
CA ALA A 444 -8.98 -20.81 -2.55
C ALA A 444 -9.65 -22.14 -2.27
N SER A 445 -9.22 -22.83 -1.22
CA SER A 445 -9.83 -24.09 -0.86
C SER A 445 -9.66 -24.52 0.58
N ASP A 446 -10.45 -25.53 0.99
CA ASP A 446 -10.18 -26.41 2.13
C ASP A 446 -8.70 -26.74 2.25
N ASP A 447 -8.25 -26.90 3.50
CA ASP A 447 -6.90 -27.21 3.89
C ASP A 447 -6.23 -28.36 3.18
N PHE A 448 -4.98 -28.17 2.78
CA PHE A 448 -4.08 -29.32 2.52
C PHE A 448 -4.13 -30.32 3.69
N TYR A 449 -4.32 -31.61 3.39
CA TYR A 449 -4.31 -32.65 4.43
C TYR A 449 -3.29 -33.77 4.15
N PRO A 450 -2.11 -33.73 4.80
CA PRO A 450 -1.03 -34.63 4.51
C PRO A 450 -1.41 -36.10 4.73
N ARG A 451 -2.32 -36.34 5.67
CA ARG A 451 -2.61 -37.72 6.15
C ARG A 451 -3.88 -38.25 5.64
N ASP A 452 -4.55 -37.52 4.76
CA ASP A 452 -5.83 -37.92 4.24
C ASP A 452 -5.83 -38.15 2.70
N PRO A 453 -5.66 -39.42 2.25
CA PRO A 453 -5.52 -39.70 0.87
C PRO A 453 -6.63 -39.27 -0.06
N VAL A 454 -7.88 -39.21 0.37
CA VAL A 454 -8.97 -38.68 -0.43
C VAL A 454 -8.79 -37.21 -0.89
N SER A 455 -8.03 -36.42 -0.11
CA SER A 455 -7.98 -34.96 -0.23
C SER A 455 -7.21 -34.39 -1.46
N HIS A 456 -6.21 -35.10 -1.93
CA HIS A 456 -5.28 -34.58 -2.95
C HIS A 456 -5.89 -34.23 -4.30
N THR A 457 -6.52 -35.21 -4.93
CA THR A 457 -7.24 -34.93 -6.17
C THR A 457 -8.26 -33.84 -5.97
N ILE A 458 -8.93 -33.87 -4.84
CA ILE A 458 -10.03 -32.96 -4.60
C ILE A 458 -9.52 -31.54 -4.46
N HIS A 459 -8.38 -31.39 -3.81
CA HIS A 459 -7.74 -30.13 -3.59
C HIS A 459 -7.47 -29.42 -4.97
N ILE A 460 -6.87 -30.14 -5.89
CA ILE A 460 -6.56 -29.57 -7.19
C ILE A 460 -7.83 -29.16 -7.95
N ALA A 461 -8.84 -30.00 -7.96
CA ALA A 461 -10.08 -29.59 -8.55
C ALA A 461 -10.65 -28.34 -7.87
N SER A 462 -10.70 -28.34 -6.54
CA SER A 462 -11.30 -27.25 -5.81
C SER A 462 -10.60 -25.93 -6.08
N VAL A 463 -9.29 -25.86 -5.88
CA VAL A 463 -8.60 -24.59 -6.10
C VAL A 463 -8.81 -24.12 -7.54
N ALA A 464 -8.77 -25.04 -8.52
CA ALA A 464 -8.90 -24.56 -9.90
C ALA A 464 -10.30 -23.96 -10.22
N TYR A 465 -11.35 -24.71 -9.90
CA TYR A 465 -12.73 -24.25 -10.16
C TYR A 465 -13.11 -23.05 -9.23
N ASN A 466 -12.75 -23.11 -7.97
CA ASN A 466 -13.12 -21.96 -7.13
C ASN A 466 -12.39 -20.70 -7.61
N SER A 467 -11.16 -20.87 -8.17
CA SER A 467 -10.43 -19.69 -8.65
C SER A 467 -11.12 -18.94 -9.80
N VAL A 468 -11.96 -19.61 -10.57
CA VAL A 468 -12.75 -18.97 -11.63
C VAL A 468 -13.47 -17.78 -11.05
N PHE A 469 -14.00 -17.93 -9.84
CA PHE A 469 -14.83 -16.91 -9.28
C PHE A 469 -14.13 -16.11 -8.20
N LEU A 470 -13.50 -16.79 -7.28
CA LEU A 470 -12.73 -16.09 -6.21
C LEU A 470 -11.62 -15.23 -6.76
N GLY A 471 -10.99 -15.65 -7.87
CA GLY A 471 -9.94 -14.85 -8.46
C GLY A 471 -10.37 -13.57 -9.15
N GLU A 472 -11.68 -13.34 -9.21
CA GLU A 472 -12.16 -12.04 -9.66
C GLU A 472 -12.04 -10.94 -8.56
N PHE A 473 -12.01 -11.38 -7.31
CA PHE A 473 -11.94 -10.52 -6.16
C PHE A 473 -10.50 -10.39 -5.58
N MET A 474 -9.82 -11.51 -5.42
CA MET A 474 -8.51 -11.55 -4.79
C MET A 474 -7.62 -12.57 -5.47
N GLN A 475 -6.33 -12.51 -5.17
CA GLN A 475 -5.39 -13.50 -5.71
C GLN A 475 -5.56 -14.80 -4.95
N PRO A 476 -5.86 -15.89 -5.65
CA PRO A 476 -6.00 -17.19 -4.97
C PRO A 476 -4.69 -17.76 -4.42
N ASP A 477 -4.82 -18.27 -3.19
CA ASP A 477 -3.76 -18.94 -2.48
C ASP A 477 -4.11 -20.42 -2.46
N TRP A 478 -3.29 -21.26 -3.09
CA TRP A 478 -3.62 -22.66 -3.18
C TRP A 478 -3.13 -23.49 -2.00
N ASP A 479 -2.65 -22.81 -0.99
CA ASP A 479 -2.34 -23.36 0.36
C ASP A 479 -0.95 -24.03 0.43
N MET A 480 -0.52 -24.24 1.62
CA MET A 480 0.70 -24.92 1.89
C MET A 480 0.63 -26.37 1.38
N PHE A 481 1.78 -27.02 1.33
CA PHE A 481 1.87 -28.44 1.00
C PHE A 481 3.15 -28.99 1.58
N HIS A 482 3.40 -30.28 1.36
CA HIS A 482 4.68 -30.95 1.84
C HIS A 482 5.52 -31.37 0.69
N SER A 483 6.79 -31.04 0.76
CA SER A 483 7.70 -31.47 -0.24
C SER A 483 8.06 -32.99 -0.23
N VAL A 484 7.89 -33.63 0.92
CA VAL A 484 8.10 -35.10 1.12
C VAL A 484 6.74 -35.70 1.43
N HIS A 485 6.17 -36.32 0.40
CA HIS A 485 4.81 -36.80 0.42
C HIS A 485 4.64 -37.48 -0.94
N PRO A 486 3.81 -38.47 -1.01
CA PRO A 486 3.56 -39.15 -2.33
C PRO A 486 2.91 -38.25 -3.40
N ALA A 487 2.05 -37.34 -2.95
CA ALA A 487 1.48 -36.28 -3.80
C ALA A 487 2.25 -34.97 -3.90
N ALA A 488 3.53 -34.94 -3.51
CA ALA A 488 4.24 -33.69 -3.44
C ALA A 488 4.35 -32.98 -4.80
N GLU A 489 4.71 -33.72 -5.84
CA GLU A 489 4.87 -33.14 -7.15
C GLU A 489 3.50 -32.71 -7.67
N TYR A 490 2.46 -33.51 -7.43
CA TYR A 490 1.13 -33.13 -7.79
C TYR A 490 0.75 -31.76 -7.22
N HIS A 491 0.95 -31.56 -5.91
CA HIS A 491 0.66 -30.30 -5.28
C HIS A 491 1.62 -29.22 -5.71
N ALA A 492 2.93 -29.52 -5.78
CA ALA A 492 3.91 -28.56 -6.09
C ALA A 492 3.75 -27.85 -7.45
N SER A 493 3.45 -28.67 -8.44
CA SER A 493 3.27 -28.19 -9.76
C SER A 493 2.04 -27.32 -9.78
N ALA A 494 0.97 -27.73 -9.13
CA ALA A 494 -0.19 -26.88 -9.05
C ALA A 494 0.13 -25.48 -8.45
N ARG A 495 0.88 -25.43 -7.38
CA ARG A 495 1.16 -24.13 -6.79
C ARG A 495 1.97 -23.28 -7.74
N ALA A 496 2.85 -23.91 -8.51
CA ALA A 496 3.74 -23.21 -9.46
C ALA A 496 2.91 -22.51 -10.55
N ILE A 497 1.75 -23.00 -10.86
CA ILE A 497 0.88 -22.40 -11.90
C ILE A 497 -0.31 -21.70 -11.34
N SER A 498 -0.38 -21.59 -10.01
CA SER A 498 -1.52 -21.03 -9.37
C SER A 498 -1.66 -19.55 -9.56
N GLY A 499 -0.54 -18.82 -9.77
CA GLY A 499 -0.54 -17.34 -9.67
C GLY A 499 -0.46 -16.79 -8.27
N GLY A 500 -0.32 -17.68 -7.29
CA GLY A 500 -0.50 -17.30 -5.89
C GLY A 500 0.75 -17.51 -5.07
N PRO A 501 0.69 -17.23 -3.77
CA PRO A 501 1.86 -17.48 -2.94
C PRO A 501 2.26 -18.98 -2.88
N LEU A 502 3.53 -19.21 -2.76
CA LEU A 502 4.08 -20.54 -2.70
C LEU A 502 4.82 -20.75 -1.37
N TYR A 503 4.34 -21.76 -0.64
CA TYR A 503 4.87 -22.07 0.70
C TYR A 503 4.55 -23.47 1.12
N VAL A 504 5.50 -24.12 1.79
CA VAL A 504 5.34 -25.40 2.33
C VAL A 504 5.11 -25.35 3.82
N SER A 505 4.62 -26.48 4.34
CA SER A 505 4.50 -26.66 5.77
C SER A 505 5.32 -27.85 6.29
N ASP A 506 6.47 -28.11 5.65
CA ASP A 506 7.34 -29.23 5.99
C ASP A 506 7.72 -29.20 7.49
N SER A 507 7.79 -30.38 8.16
CA SER A 507 8.46 -30.46 9.44
C SER A 507 9.92 -30.17 9.19
N PRO A 508 10.63 -29.50 10.11
CA PRO A 508 12.10 -29.28 9.90
C PRO A 508 12.86 -30.58 9.59
N GLY A 509 13.75 -30.54 8.63
CA GLY A 509 14.43 -31.68 8.17
C GLY A 509 13.72 -32.54 7.15
N LYS A 510 12.39 -32.40 6.95
CA LYS A 510 11.69 -33.26 5.97
C LYS A 510 11.43 -32.52 4.67
N HIS A 511 12.50 -32.34 3.92
CA HIS A 511 12.44 -31.62 2.71
C HIS A 511 12.97 -32.39 1.54
N ASN A 512 12.32 -32.26 0.40
CA ASN A 512 12.92 -32.67 -0.86
C ASN A 512 13.40 -31.46 -1.67
N PHE A 513 14.71 -31.22 -1.60
CA PHE A 513 15.26 -30.03 -2.21
C PHE A 513 15.36 -30.11 -3.74
N GLU A 514 15.37 -31.32 -4.30
CA GLU A 514 15.32 -31.45 -5.74
C GLU A 514 13.95 -30.90 -6.22
N LEU A 515 12.89 -31.26 -5.55
CA LEU A 515 11.60 -30.75 -5.84
C LEU A 515 11.51 -29.23 -5.56
N LEU A 516 12.04 -28.78 -4.42
CA LEU A 516 11.97 -27.35 -4.08
C LEU A 516 12.75 -26.45 -5.04
N ARG A 517 13.88 -26.92 -5.55
CA ARG A 517 14.57 -26.19 -6.60
C ARG A 517 13.80 -26.03 -7.91
N LYS A 518 12.77 -26.79 -8.13
CA LYS A 518 11.91 -26.52 -9.24
C LYS A 518 10.93 -25.34 -9.02
N LEU A 519 10.87 -24.82 -7.79
CA LEU A 519 9.95 -23.79 -7.36
C LEU A 519 10.65 -22.51 -6.85
N VAL A 520 11.86 -22.65 -6.33
CA VAL A 520 12.48 -21.61 -5.59
C VAL A 520 13.88 -21.44 -6.01
N LEU A 521 14.26 -20.20 -6.31
CA LEU A 521 15.59 -19.82 -6.69
C LEU A 521 16.47 -19.63 -5.46
N PRO A 522 17.80 -19.45 -5.65
CA PRO A 522 18.65 -19.46 -4.48
C PRO A 522 18.48 -18.27 -3.60
N ASP A 523 17.98 -17.15 -4.11
CA ASP A 523 17.60 -16.03 -3.25
C ASP A 523 16.16 -16.11 -2.60
N GLY A 524 15.46 -17.23 -2.72
CA GLY A 524 14.13 -17.31 -2.22
C GLY A 524 13.02 -16.75 -3.08
N SER A 525 13.34 -16.24 -4.24
CA SER A 525 12.32 -15.75 -5.17
C SER A 525 11.71 -16.97 -5.96
N ILE A 526 10.43 -16.79 -6.42
CA ILE A 526 9.71 -17.78 -7.15
C ILE A 526 9.42 -17.21 -8.54
N LEU A 527 8.95 -18.05 -9.44
CA LEU A 527 8.44 -17.59 -10.79
C LEU A 527 6.89 -17.55 -10.77
N ARG A 528 6.34 -16.49 -10.26
CA ARG A 528 4.91 -16.49 -10.06
C ARG A 528 4.26 -16.15 -11.39
N ALA A 529 3.24 -16.88 -11.79
CA ALA A 529 2.45 -16.51 -12.95
C ALA A 529 1.49 -15.30 -12.63
N ARG A 530 0.87 -14.71 -13.64
CA ARG A 530 0.27 -13.38 -13.50
C ARG A 530 -1.20 -13.45 -13.17
N LEU A 531 -1.90 -14.57 -13.42
CA LEU A 531 -3.33 -14.62 -13.25
C LEU A 531 -3.65 -15.67 -12.23
N PRO A 532 -4.90 -15.79 -11.78
CA PRO A 532 -5.36 -16.95 -11.01
C PRO A 532 -5.32 -18.17 -11.94
N GLY A 533 -4.70 -19.27 -11.54
CA GLY A 533 -4.79 -20.46 -12.41
C GLY A 533 -6.25 -20.96 -12.45
N ARG A 534 -6.69 -21.38 -13.64
CA ARG A 534 -8.08 -21.73 -13.90
C ARG A 534 -8.19 -22.84 -14.89
N PRO A 535 -9.34 -23.51 -14.91
CA PRO A 535 -9.51 -24.57 -15.89
C PRO A 535 -9.62 -23.98 -17.28
N THR A 536 -9.29 -24.78 -18.29
CA THR A 536 -9.37 -24.32 -19.67
C THR A 536 -10.83 -24.27 -20.06
N ARG A 537 -11.20 -23.54 -21.13
CA ARG A 537 -12.64 -23.42 -21.56
C ARG A 537 -13.37 -24.80 -21.68
N ASP A 538 -12.65 -25.68 -22.35
CA ASP A 538 -12.71 -27.13 -22.36
C ASP A 538 -13.14 -27.86 -21.13
N CYS A 539 -12.66 -27.41 -19.97
CA CYS A 539 -12.80 -28.13 -18.70
C CYS A 539 -13.85 -27.46 -17.84
N LEU A 540 -14.40 -26.32 -18.25
CA LEU A 540 -15.34 -25.62 -17.36
C LEU A 540 -16.66 -26.33 -17.10
N PHE A 541 -17.15 -27.08 -18.10
CA PHE A 541 -18.42 -27.78 -17.91
C PHE A 541 -18.30 -29.29 -17.78
N ALA A 542 -17.09 -29.83 -17.74
CA ALA A 542 -16.87 -31.27 -17.58
C ALA A 542 -16.18 -31.48 -16.23
N ASP A 543 -16.82 -32.18 -15.28
CA ASP A 543 -16.23 -32.39 -13.92
C ASP A 543 -15.17 -33.48 -13.93
N PRO A 544 -13.90 -33.08 -13.83
CA PRO A 544 -12.83 -34.03 -13.91
C PRO A 544 -12.58 -34.83 -12.63
N ALA A 545 -13.33 -34.52 -11.56
CA ALA A 545 -13.31 -35.36 -10.38
C ALA A 545 -14.39 -36.47 -10.51
N ARG A 546 -15.46 -36.24 -11.28
CA ARG A 546 -16.66 -37.11 -11.26
C ARG A 546 -17.04 -37.75 -12.62
N ASP A 547 -16.56 -37.28 -13.76
CA ASP A 547 -17.15 -37.75 -15.00
C ASP A 547 -16.55 -39.05 -15.52
N GLY A 548 -15.49 -39.50 -14.91
CA GLY A 548 -14.81 -40.68 -15.35
C GLY A 548 -14.10 -40.62 -16.69
N VAL A 549 -14.11 -39.48 -17.37
CA VAL A 549 -13.72 -39.41 -18.79
C VAL A 549 -12.66 -38.32 -19.11
N SER A 550 -12.73 -37.18 -18.42
CA SER A 550 -11.78 -36.06 -18.67
C SER A 550 -10.60 -35.77 -17.67
N LEU A 551 -9.50 -35.20 -18.21
CA LEU A 551 -8.32 -34.73 -17.48
C LEU A 551 -8.56 -33.27 -17.20
N LEU A 552 -8.13 -32.78 -16.04
CA LEU A 552 -8.30 -31.36 -15.74
C LEU A 552 -7.14 -30.65 -16.37
N LYS A 553 -7.39 -29.53 -17.05
CA LYS A 553 -6.27 -28.73 -17.59
C LYS A 553 -6.40 -27.34 -17.01
N ILE A 554 -5.29 -26.85 -16.45
CA ILE A 554 -5.22 -25.55 -15.78
C ILE A 554 -4.29 -24.66 -16.56
N TRP A 555 -4.72 -23.44 -16.84
CA TRP A 555 -3.85 -22.52 -17.58
C TRP A 555 -3.54 -21.28 -16.77
N ASN A 556 -2.42 -20.66 -17.10
CA ASN A 556 -2.02 -19.38 -16.57
C ASN A 556 -1.15 -18.73 -17.60
N MET A 557 -0.78 -17.48 -17.30
CA MET A 557 0.05 -16.68 -18.18
C MET A 557 1.24 -16.11 -17.46
N ASN A 558 2.34 -16.01 -18.20
CA ASN A 558 3.44 -15.17 -17.82
C ASN A 558 3.43 -14.00 -18.81
N LYS A 559 4.48 -13.21 -18.86
CA LYS A 559 4.47 -12.10 -19.76
C LYS A 559 4.73 -12.57 -21.20
N TYR A 560 5.63 -13.54 -21.42
CA TYR A 560 6.00 -13.95 -22.80
C TYR A 560 5.75 -15.42 -23.05
N THR A 561 5.15 -16.12 -22.09
CA THR A 561 4.64 -17.48 -22.32
C THR A 561 3.37 -17.70 -21.61
N GLY A 562 2.67 -18.76 -22.02
CA GLY A 562 1.57 -19.38 -21.25
C GLY A 562 2.10 -20.62 -20.52
N VAL A 563 1.28 -21.17 -19.63
CA VAL A 563 1.59 -22.41 -18.95
C VAL A 563 0.35 -23.19 -18.81
N LEU A 564 0.49 -24.49 -18.84
CA LEU A 564 -0.65 -25.36 -18.85
C LEU A 564 -0.27 -26.55 -18.01
N GLY A 565 -1.11 -26.91 -17.05
CA GLY A 565 -0.91 -28.14 -16.32
C GLY A 565 -2.07 -29.06 -16.53
N VAL A 566 -1.78 -30.33 -16.68
CA VAL A 566 -2.79 -31.32 -16.92
C VAL A 566 -2.75 -32.34 -15.77
N TYR A 567 -3.93 -32.63 -15.23
CA TYR A 567 -4.08 -33.44 -14.01
C TYR A 567 -5.12 -34.47 -14.24
N ASN A 568 -4.88 -35.67 -13.76
CA ASN A 568 -6.00 -36.62 -13.57
C ASN A 568 -6.46 -36.50 -12.14
N CYS A 569 -7.65 -36.01 -11.93
CA CYS A 569 -8.15 -35.94 -10.57
C CYS A 569 -9.46 -36.67 -10.39
N GLN A 570 -9.66 -37.73 -11.18
CA GLN A 570 -10.84 -38.57 -11.04
C GLN A 570 -10.74 -39.39 -9.77
N GLY A 571 -11.87 -39.92 -9.33
CA GLY A 571 -11.85 -40.93 -8.30
C GLY A 571 -12.24 -40.51 -6.90
N ALA A 572 -12.53 -39.21 -6.68
CA ALA A 572 -12.93 -38.70 -5.38
C ALA A 572 -13.60 -37.33 -5.53
N ALA A 573 -14.53 -37.06 -4.66
CA ALA A 573 -15.22 -35.80 -4.65
C ALA A 573 -16.16 -35.82 -3.48
N TRP A 574 -16.72 -34.66 -3.22
CA TRP A 574 -17.77 -34.54 -2.26
C TRP A 574 -19.04 -35.29 -2.68
N SER A 575 -19.64 -36.03 -1.74
CA SER A 575 -20.85 -36.87 -1.99
C SER A 575 -22.10 -36.18 -1.64
N SER A 576 -23.00 -36.03 -2.61
CA SER A 576 -24.35 -35.54 -2.32
C SER A 576 -25.14 -36.37 -1.30
N THR A 577 -24.79 -37.65 -1.15
CA THR A 577 -25.51 -38.59 -0.28
C THR A 577 -24.82 -38.66 1.05
N GLU A 578 -23.51 -38.95 1.07
CA GLU A 578 -22.77 -39.02 2.32
C GLU A 578 -22.43 -37.64 2.93
N ARG A 579 -22.53 -36.59 2.11
CA ARG A 579 -22.23 -35.20 2.50
C ARG A 579 -20.84 -34.98 3.09
N LYS A 580 -19.86 -35.64 2.48
CA LYS A 580 -18.46 -35.42 2.80
C LYS A 580 -17.63 -35.96 1.63
N ASN A 581 -16.34 -35.73 1.71
CA ASN A 581 -15.48 -36.12 0.71
C ASN A 581 -15.25 -37.61 0.78
N ILE A 582 -15.46 -38.35 -0.32
CA ILE A 582 -15.14 -39.79 -0.37
C ILE A 582 -14.53 -40.19 -1.71
N PHE A 583 -13.87 -41.31 -1.73
CA PHE A 583 -13.51 -42.00 -2.98
C PHE A 583 -14.75 -42.56 -3.66
N HIS A 584 -14.69 -42.75 -4.97
CA HIS A 584 -15.81 -43.35 -5.73
C HIS A 584 -15.24 -44.17 -6.89
N GLN A 585 -16.03 -45.08 -7.40
CA GLN A 585 -15.59 -45.93 -8.51
C GLN A 585 -15.17 -45.20 -9.75
N THR A 586 -14.08 -45.65 -10.36
CA THR A 586 -13.67 -45.14 -11.66
C THR A 586 -13.67 -46.25 -12.72
N LYS A 587 -13.99 -45.91 -13.96
CA LYS A 587 -13.97 -46.93 -15.05
C LYS A 587 -12.56 -47.48 -15.35
N THR A 588 -11.52 -46.64 -15.43
CA THR A 588 -10.14 -47.12 -15.63
C THR A 588 -9.19 -46.28 -14.85
N ASP A 589 -7.95 -46.72 -14.80
CA ASP A 589 -6.94 -45.94 -14.13
C ASP A 589 -6.45 -44.75 -15.01
N SER A 590 -6.10 -45.04 -16.26
CA SER A 590 -5.52 -44.10 -17.18
C SER A 590 -6.57 -43.42 -18.07
N LEU A 591 -6.42 -42.11 -18.26
CA LEU A 591 -7.24 -41.37 -19.22
C LEU A 591 -6.35 -40.64 -20.22
N THR A 592 -6.85 -40.49 -21.44
CA THR A 592 -6.12 -39.83 -22.48
C THR A 592 -6.92 -38.62 -22.83
N GLY A 593 -6.30 -37.46 -22.87
CA GLY A 593 -7.01 -36.23 -23.33
C GLY A 593 -6.04 -35.62 -24.36
N SER A 594 -6.15 -34.35 -24.63
CA SER A 594 -5.12 -33.71 -25.45
C SER A 594 -4.99 -32.24 -25.13
N ILE A 595 -3.88 -31.66 -25.58
CA ILE A 595 -3.67 -30.26 -25.39
C ILE A 595 -3.49 -29.59 -26.74
N ARG A 596 -3.90 -28.33 -26.80
CA ARG A 596 -3.61 -27.43 -27.88
C ARG A 596 -3.04 -26.14 -27.32
N GLY A 597 -2.16 -25.48 -28.09
CA GLY A 597 -1.65 -24.18 -27.72
C GLY A 597 -2.72 -23.23 -27.21
N ARG A 598 -3.86 -23.18 -27.88
CA ARG A 598 -4.92 -22.23 -27.53
C ARG A 598 -5.75 -22.63 -26.36
N ASP A 599 -5.49 -23.77 -25.77
CA ASP A 599 -6.06 -24.07 -24.43
C ASP A 599 -5.65 -23.03 -23.40
N VAL A 600 -4.49 -22.44 -23.62
CA VAL A 600 -4.08 -21.30 -22.79
C VAL A 600 -4.86 -20.16 -23.33
N HIS A 601 -5.95 -19.91 -22.67
CA HIS A 601 -6.93 -19.00 -23.20
C HIS A 601 -6.40 -17.67 -23.72
N SER A 602 -5.49 -17.01 -23.02
CA SER A 602 -5.04 -15.68 -23.41
C SER A 602 -3.66 -15.71 -24.03
N ILE A 603 -3.29 -16.82 -24.64
CA ILE A 603 -1.92 -17.04 -25.06
C ILE A 603 -1.47 -15.92 -25.98
N SER A 604 -2.38 -15.35 -26.74
CA SER A 604 -2.12 -14.12 -27.52
C SER A 604 -1.32 -13.01 -26.93
N GLU A 605 -1.65 -12.76 -25.68
CA GLU A 605 -1.03 -11.70 -24.96
C GLU A 605 0.43 -11.98 -24.69
N ALA A 606 0.92 -13.17 -24.93
CA ALA A 606 2.34 -13.45 -24.74
C ALA A 606 3.08 -13.21 -26.04
N SER A 607 2.36 -13.04 -27.13
CA SER A 607 3.00 -12.83 -28.47
C SER A 607 3.53 -11.41 -28.53
N THR A 608 4.74 -11.19 -29.06
CA THR A 608 5.25 -9.86 -29.28
C THR A 608 4.59 -9.19 -30.52
N ASP A 609 3.91 -9.93 -31.36
CA ASP A 609 3.22 -9.28 -32.48
C ASP A 609 1.95 -9.99 -32.75
N PRO A 610 0.97 -9.80 -31.87
CA PRO A 610 -0.23 -10.59 -32.04
C PRO A 610 -0.96 -10.43 -33.35
N THR A 611 -0.91 -9.28 -33.99
CA THR A 611 -1.71 -9.14 -35.24
C THR A 611 -1.11 -9.91 -36.40
N THR A 612 0.16 -10.22 -36.39
CA THR A 612 0.68 -11.08 -37.45
C THR A 612 0.86 -12.57 -37.03
N TRP A 613 0.68 -12.87 -35.75
CA TRP A 613 0.87 -14.23 -35.27
C TRP A 613 -0.11 -15.24 -35.81
N ASN A 614 0.42 -16.31 -36.40
CA ASN A 614 -0.41 -17.41 -36.88
C ASN A 614 -0.92 -18.42 -35.88
N GLY A 615 -0.53 -18.33 -34.61
CA GLY A 615 -1.11 -19.18 -33.56
C GLY A 615 -0.27 -20.39 -33.20
N ASP A 616 0.87 -20.57 -33.90
CA ASP A 616 1.82 -21.64 -33.59
C ASP A 616 2.61 -21.35 -32.31
N CYS A 617 2.86 -22.41 -31.55
CA CYS A 617 3.48 -22.36 -30.24
C CYS A 617 4.54 -23.44 -30.16
N ALA A 618 5.59 -23.11 -29.46
CA ALA A 618 6.53 -24.07 -28.95
C ALA A 618 5.98 -24.55 -27.58
N VAL A 619 5.91 -25.89 -27.43
CA VAL A 619 5.35 -26.56 -26.29
C VAL A 619 6.42 -27.47 -25.64
N TYR A 620 6.83 -27.13 -24.41
CA TYR A 620 7.90 -27.84 -23.70
C TYR A 620 7.28 -28.56 -22.49
N SER A 621 7.43 -29.89 -22.51
CA SER A 621 6.98 -30.76 -21.45
C SER A 621 7.99 -30.71 -20.35
N GLN A 622 7.64 -30.04 -19.28
CA GLN A 622 8.63 -29.86 -18.23
C GLN A 622 9.07 -31.21 -17.64
N SER A 623 8.14 -32.17 -17.51
CA SER A 623 8.43 -33.50 -16.97
C SER A 623 9.16 -34.40 -17.91
N ARG A 624 8.83 -34.43 -19.19
CA ARG A 624 9.61 -35.28 -20.10
C ARG A 624 10.80 -34.61 -20.61
N GLY A 625 10.91 -33.30 -20.46
CA GLY A 625 11.98 -32.60 -21.13
C GLY A 625 11.93 -32.52 -22.68
N GLU A 626 10.75 -32.60 -23.26
CA GLU A 626 10.62 -32.67 -24.71
C GLU A 626 10.06 -31.34 -25.22
N LEU A 627 10.73 -30.76 -26.23
CA LEU A 627 10.17 -29.64 -27.05
C LEU A 627 9.53 -30.10 -28.39
N ILE A 628 8.27 -29.71 -28.57
CA ILE A 628 7.43 -29.98 -29.70
C ILE A 628 6.94 -28.63 -30.27
N VAL A 629 7.03 -28.49 -31.58
CA VAL A 629 6.29 -27.42 -32.24
C VAL A 629 4.88 -27.78 -32.51
N MET A 630 3.94 -26.97 -32.03
CA MET A 630 2.55 -27.23 -32.23
C MET A 630 1.87 -26.15 -33.03
N PRO A 631 1.55 -26.46 -34.30
CA PRO A 631 0.80 -25.50 -35.09
C PRO A 631 -0.54 -25.20 -34.50
N TYR A 632 -1.04 -24.05 -34.87
CA TYR A 632 -2.35 -23.58 -34.47
C TYR A 632 -3.43 -24.63 -34.60
N ASN A 633 -4.19 -24.82 -33.52
CA ASN A 633 -5.15 -25.93 -33.47
C ASN A 633 -4.76 -27.47 -33.54
N VAL A 634 -3.56 -27.86 -33.98
CA VAL A 634 -3.08 -29.23 -33.82
C VAL A 634 -3.17 -29.67 -32.32
N SER A 635 -3.76 -30.81 -32.01
CA SER A 635 -3.73 -31.42 -30.66
C SER A 635 -2.52 -32.34 -30.47
N LEU A 636 -2.06 -32.45 -29.22
CA LEU A 636 -1.09 -33.45 -28.78
C LEU A 636 -1.79 -34.32 -27.73
N PRO A 637 -1.67 -35.67 -27.82
CA PRO A 637 -2.38 -36.49 -26.82
C PRO A 637 -1.67 -36.51 -25.50
N VAL A 638 -2.42 -36.56 -24.41
CA VAL A 638 -1.82 -36.62 -23.09
C VAL A 638 -2.58 -37.66 -22.28
N SER A 639 -1.84 -38.60 -21.70
CA SER A 639 -2.37 -39.74 -20.92
C SER A 639 -1.84 -39.76 -19.49
N LEU A 640 -2.73 -39.91 -18.53
CA LEU A 640 -2.35 -39.81 -17.15
C LEU A 640 -3.20 -40.72 -16.35
N LYS A 641 -2.57 -41.39 -15.41
CA LYS A 641 -3.34 -42.10 -14.37
C LYS A 641 -3.71 -41.16 -13.24
N ILE A 642 -4.59 -41.65 -12.37
CA ILE A 642 -5.11 -40.89 -11.23
C ILE A 642 -3.94 -40.40 -10.38
N ARG A 643 -3.99 -39.11 -10.07
CA ARG A 643 -2.94 -38.50 -9.27
C ARG A 643 -1.62 -38.34 -10.00
N GLU A 644 -1.63 -38.42 -11.31
CA GLU A 644 -0.49 -38.01 -12.07
C GLU A 644 -0.79 -36.65 -12.74
N HIS A 645 0.24 -36.03 -13.27
CA HIS A 645 0.09 -34.67 -13.85
C HIS A 645 1.22 -34.48 -14.85
N GLU A 646 1.10 -33.47 -15.69
CA GLU A 646 2.23 -33.01 -16.51
C GLU A 646 2.10 -31.48 -16.70
N ILE A 647 3.23 -30.81 -16.76
CA ILE A 647 3.29 -29.39 -16.91
C ILE A 647 3.93 -29.06 -18.25
N PHE A 648 3.32 -28.12 -18.99
CA PHE A 648 3.81 -27.65 -20.30
C PHE A 648 3.95 -26.14 -20.28
N THR A 649 5.11 -25.64 -20.66
CA THR A 649 5.29 -24.25 -21.01
C THR A 649 4.95 -24.07 -22.50
N VAL A 650 4.13 -23.06 -22.81
CA VAL A 650 3.55 -22.85 -24.13
C VAL A 650 3.95 -21.45 -24.58
N SER A 651 4.86 -21.32 -25.56
CA SER A 651 5.34 -20.04 -25.98
C SER A 651 4.99 -19.79 -27.48
N PRO A 652 4.45 -18.63 -27.78
CA PRO A 652 4.20 -18.19 -29.12
C PRO A 652 5.47 -18.13 -29.90
N ILE A 653 5.43 -18.72 -31.08
CA ILE A 653 6.58 -18.66 -31.99
C ILE A 653 6.54 -17.37 -32.82
N SER A 654 7.68 -16.76 -32.94
CA SER A 654 7.81 -15.60 -33.79
C SER A 654 8.59 -15.98 -35.03
N HIS A 655 8.05 -15.58 -36.17
CA HIS A 655 8.66 -15.86 -37.45
C HIS A 655 9.44 -14.62 -37.91
N LEU A 656 10.73 -14.67 -37.76
CA LEU A 656 11.55 -13.51 -38.02
C LEU A 656 11.64 -13.31 -39.57
N VAL A 657 12.07 -14.38 -40.26
CA VAL A 657 11.97 -14.48 -41.73
C VAL A 657 11.63 -15.95 -42.08
N ASP A 658 11.42 -16.24 -43.38
CA ASP A 658 11.13 -17.61 -43.77
C ASP A 658 12.26 -18.48 -43.27
N GLY A 659 11.93 -19.54 -42.53
CA GLY A 659 12.94 -20.49 -42.02
C GLY A 659 13.65 -20.11 -40.72
N VAL A 660 13.44 -18.88 -40.22
CA VAL A 660 14.01 -18.47 -38.94
C VAL A 660 12.90 -18.07 -38.01
N SER A 661 12.65 -18.98 -37.06
CA SER A 661 11.56 -18.82 -36.09
C SER A 661 12.03 -19.22 -34.68
N PHE A 662 11.43 -18.61 -33.65
CA PHE A 662 12.02 -18.66 -32.28
C PHE A 662 10.90 -18.48 -31.29
N ALA A 663 11.05 -19.08 -30.11
CA ALA A 663 10.17 -18.80 -28.93
C ALA A 663 11.03 -19.14 -27.70
N PRO A 664 11.07 -18.24 -26.75
CA PRO A 664 11.74 -18.58 -25.52
C PRO A 664 10.95 -19.54 -24.65
N ILE A 665 11.64 -20.36 -23.87
CA ILE A 665 10.96 -21.25 -22.93
C ILE A 665 11.13 -20.78 -21.45
N GLY A 666 12.36 -20.55 -21.07
CA GLY A 666 12.72 -20.08 -19.77
C GLY A 666 13.59 -21.08 -19.01
N LEU A 667 13.41 -21.10 -17.68
CA LEU A 667 14.24 -21.97 -16.86
C LEU A 667 13.64 -23.31 -16.86
N VAL A 668 14.17 -24.15 -17.73
CA VAL A 668 13.50 -25.42 -18.05
C VAL A 668 13.42 -26.45 -16.89
N ASN A 669 14.31 -26.34 -15.92
CA ASN A 669 14.22 -27.21 -14.76
C ASN A 669 13.28 -26.67 -13.67
N MET A 670 12.52 -25.58 -13.95
CA MET A 670 11.55 -25.03 -12.98
C MET A 670 10.24 -25.31 -13.54
N TYR A 671 9.26 -25.59 -12.72
CA TYR A 671 7.97 -25.84 -13.23
C TYR A 671 7.44 -24.69 -14.11
N ASN A 672 7.48 -23.44 -13.62
CA ASN A 672 6.85 -22.36 -14.41
C ASN A 672 8.00 -21.63 -15.14
N SER A 673 8.61 -22.37 -16.07
CA SER A 673 9.85 -21.95 -16.74
C SER A 673 9.73 -20.53 -17.31
N GLY A 674 8.65 -20.26 -17.98
CA GLY A 674 8.47 -19.01 -18.69
C GLY A 674 8.33 -17.79 -17.78
N GLY A 675 8.13 -18.02 -16.50
CA GLY A 675 8.08 -16.94 -15.48
C GLY A 675 9.38 -16.22 -15.35
N ALA A 676 10.42 -16.81 -15.89
CA ALA A 676 11.74 -16.16 -15.85
C ALA A 676 12.01 -15.09 -16.90
N ILE A 677 11.19 -15.04 -17.93
CA ILE A 677 11.39 -14.10 -19.01
C ILE A 677 10.72 -12.79 -18.71
N GLU A 678 11.56 -11.82 -18.40
CA GLU A 678 11.14 -10.48 -18.04
C GLU A 678 11.03 -9.56 -19.25
N GLY A 679 11.88 -9.74 -20.24
CA GLY A 679 11.94 -8.86 -21.39
C GLY A 679 12.25 -9.74 -22.59
N LEU A 680 11.67 -9.38 -23.72
CA LEU A 680 11.86 -10.09 -24.97
C LEU A 680 11.58 -9.14 -26.12
N ARG A 681 12.52 -9.08 -27.06
CA ARG A 681 12.40 -8.23 -28.25
C ARG A 681 13.02 -8.98 -29.44
N TYR A 682 12.37 -8.93 -30.59
CA TYR A 682 12.93 -9.56 -31.80
C TYR A 682 13.52 -8.47 -32.74
N GLU A 683 14.75 -8.63 -33.22
CA GLU A 683 15.25 -7.74 -34.30
C GLU A 683 15.54 -8.52 -35.60
N ALA A 684 14.51 -8.66 -36.41
CA ALA A 684 14.52 -9.47 -37.65
C ALA A 684 15.54 -8.92 -38.65
N GLU A 685 15.80 -7.61 -38.59
CA GLU A 685 16.77 -6.96 -39.46
C GLU A 685 18.18 -7.34 -39.13
N LYS A 686 18.41 -7.83 -37.89
CA LYS A 686 19.71 -8.35 -37.48
C LYS A 686 19.70 -9.85 -37.17
N MET A 687 18.56 -10.48 -37.38
CA MET A 687 18.33 -11.90 -37.07
C MET A 687 18.69 -12.21 -35.60
N LYS A 688 18.25 -11.34 -34.70
CA LYS A 688 18.66 -11.39 -33.29
C LYS A 688 17.45 -11.42 -32.39
N VAL A 689 17.64 -12.01 -31.20
CA VAL A 689 16.67 -12.01 -30.12
C VAL A 689 17.32 -11.43 -28.88
N VAL A 690 16.65 -10.53 -28.14
CA VAL A 690 17.28 -9.92 -26.97
C VAL A 690 16.31 -10.17 -25.87
N MET A 691 16.82 -10.80 -24.81
CA MET A 691 16.03 -11.16 -23.65
C MET A 691 16.55 -10.64 -22.32
N GLU A 692 15.68 -10.47 -21.35
CA GLU A 692 16.03 -10.16 -19.97
C GLU A 692 15.47 -11.29 -19.16
N VAL A 693 16.34 -11.99 -18.44
CA VAL A 693 15.98 -13.19 -17.77
C VAL A 693 16.36 -13.15 -16.31
N LYS A 694 15.44 -13.61 -15.49
CA LYS A 694 15.69 -13.63 -14.05
C LYS A 694 16.09 -14.99 -13.62
N GLY A 695 16.94 -15.10 -12.61
CA GLY A 695 17.23 -16.41 -12.04
C GLY A 695 18.51 -17.01 -12.50
N CYS A 696 18.61 -18.31 -12.36
CA CYS A 696 19.83 -18.98 -12.75
C CYS A 696 19.40 -20.40 -13.01
N GLY A 697 20.31 -21.17 -13.57
CA GLY A 697 19.99 -22.52 -14.06
C GLY A 697 20.06 -22.69 -15.57
N LYS A 698 19.50 -23.79 -16.00
CA LYS A 698 19.44 -24.11 -17.39
C LYS A 698 18.33 -23.34 -18.10
N PHE A 699 18.73 -22.56 -19.08
CA PHE A 699 17.80 -21.77 -19.84
C PHE A 699 17.49 -22.39 -21.24
N GLY A 700 16.23 -22.45 -21.63
CA GLY A 700 15.87 -23.02 -22.89
C GLY A 700 14.98 -22.13 -23.78
N SER A 701 15.12 -22.37 -25.09
CA SER A 701 14.37 -21.71 -26.12
C SER A 701 14.21 -22.64 -27.35
N TYR A 702 13.16 -22.40 -28.13
CA TYR A 702 13.00 -22.99 -29.44
C TYR A 702 13.67 -22.06 -30.49
N SER A 703 14.47 -22.66 -31.39
CA SER A 703 15.00 -21.94 -32.60
C SER A 703 14.99 -22.91 -33.80
N SER A 704 14.48 -22.52 -34.94
CA SER A 704 14.43 -23.36 -36.13
C SER A 704 15.78 -23.60 -36.69
N VAL A 705 16.71 -22.71 -36.38
CA VAL A 705 18.04 -22.82 -36.85
C VAL A 705 18.95 -22.82 -35.66
N LYS A 706 20.10 -23.37 -35.88
CA LYS A 706 21.12 -23.34 -34.90
C LYS A 706 21.67 -21.94 -34.71
N PRO A 707 21.71 -21.43 -33.47
CA PRO A 707 22.30 -20.12 -33.30
C PRO A 707 23.77 -19.99 -33.73
N LYS A 708 24.19 -18.81 -34.17
CA LYS A 708 25.60 -18.55 -34.37
C LYS A 708 26.26 -18.25 -33.08
N ARG A 709 25.51 -17.62 -32.17
CA ARG A 709 26.09 -17.14 -30.93
C ARG A 709 24.99 -16.92 -29.92
N CYS A 710 25.34 -17.19 -28.66
CA CYS A 710 24.50 -16.88 -27.54
C CYS A 710 25.34 -16.04 -26.61
N VAL A 711 24.83 -14.85 -26.25
CA VAL A 711 25.62 -13.92 -25.51
C VAL A 711 24.89 -13.55 -24.20
N VAL A 712 25.62 -13.57 -23.09
CA VAL A 712 25.04 -13.29 -21.78
C VAL A 712 25.90 -12.22 -21.15
N GLU A 713 25.31 -11.07 -20.82
CA GLU A 713 26.05 -9.89 -20.39
C GLU A 713 27.27 -9.66 -21.23
N SER A 714 27.13 -9.47 -22.53
CA SER A 714 28.29 -9.21 -23.39
C SER A 714 29.35 -10.30 -23.57
N ASN A 715 29.26 -11.43 -22.90
CA ASN A 715 30.17 -12.50 -23.22
C ASN A 715 29.49 -13.61 -23.92
N GLU A 716 30.22 -14.20 -24.84
CA GLU A 716 29.75 -15.33 -25.59
C GLU A 716 29.76 -16.59 -24.68
N ILE A 717 28.79 -17.48 -24.81
CA ILE A 717 28.79 -18.65 -23.96
C ILE A 717 28.46 -19.90 -24.74
N ALA A 718 28.84 -21.05 -24.21
CA ALA A 718 28.58 -22.29 -24.88
C ALA A 718 27.11 -22.59 -24.75
N PHE A 719 26.60 -23.35 -25.70
CA PHE A 719 25.24 -23.75 -25.75
C PHE A 719 25.16 -25.06 -26.46
N GLU A 720 24.05 -25.73 -26.28
CA GLU A 720 23.65 -26.95 -26.95
C GLU A 720 22.44 -26.69 -27.81
N TYR A 721 22.35 -27.48 -28.87
CA TYR A 721 21.31 -27.30 -29.85
C TYR A 721 20.98 -28.66 -30.34
N ASP A 722 19.75 -29.08 -30.12
CA ASP A 722 19.19 -30.28 -30.70
C ASP A 722 18.49 -29.92 -32.03
N SER A 723 19.07 -30.41 -33.14
CA SER A 723 18.60 -30.01 -34.47
C SER A 723 17.26 -30.59 -34.75
N SER A 724 16.95 -31.68 -34.08
CA SER A 724 15.75 -32.33 -34.34
C SER A 724 14.54 -31.62 -33.69
N SER A 725 14.66 -31.12 -32.46
CA SER A 725 13.52 -30.48 -31.82
C SER A 725 13.64 -28.94 -31.93
N GLY A 726 14.83 -28.42 -32.19
CA GLY A 726 15.04 -26.96 -32.13
C GLY A 726 15.39 -26.43 -30.74
N LEU A 727 15.55 -27.34 -29.81
CA LEU A 727 15.92 -26.92 -28.44
C LEU A 727 17.31 -26.35 -28.28
N VAL A 728 17.37 -25.08 -27.92
CA VAL A 728 18.61 -24.46 -27.54
C VAL A 728 18.69 -24.38 -25.98
N THR A 729 19.81 -24.72 -25.37
CA THR A 729 20.02 -24.61 -23.92
C THR A 729 21.39 -24.07 -23.64
N PHE A 730 21.46 -23.22 -22.62
CA PHE A 730 22.73 -22.83 -22.03
C PHE A 730 22.51 -22.60 -20.54
N GLU A 731 23.60 -22.51 -19.79
CA GLU A 731 23.51 -22.42 -18.31
C GLU A 731 23.65 -21.02 -17.90
N LEU A 732 22.78 -20.57 -17.01
CA LEU A 732 22.93 -19.24 -16.40
C LEU A 732 23.48 -19.54 -14.98
N ASP A 733 24.69 -19.12 -14.76
CA ASP A 733 25.47 -19.80 -13.77
C ASP A 733 25.11 -19.37 -12.40
N LYS A 734 24.86 -18.07 -12.31
CA LYS A 734 24.71 -17.41 -11.07
C LYS A 734 23.57 -16.49 -11.24
N MET A 735 23.02 -16.06 -10.11
CA MET A 735 21.97 -15.08 -10.07
C MET A 735 22.59 -13.81 -10.61
N PRO A 736 21.76 -12.87 -11.11
CA PRO A 736 22.32 -11.59 -11.58
C PRO A 736 22.90 -10.83 -10.39
N ILE A 737 24.08 -10.23 -10.54
CA ILE A 737 24.71 -9.48 -9.44
C ILE A 737 24.68 -7.97 -9.67
N GLU A 738 25.01 -7.21 -8.62
CA GLU A 738 25.23 -5.75 -8.68
C GLU A 738 24.07 -4.91 -9.25
N ASN A 739 24.39 -4.00 -10.20
CA ASN A 739 23.38 -3.20 -10.96
C ASN A 739 22.57 -3.98 -12.06
N LYS A 740 22.69 -5.32 -12.15
CA LYS A 740 22.07 -6.06 -13.26
C LYS A 740 20.61 -6.34 -12.97
N ARG A 741 20.29 -7.04 -11.90
CA ARG A 741 18.85 -7.36 -11.62
C ARG A 741 18.19 -8.39 -12.61
N PHE A 742 18.60 -8.42 -13.89
CA PHE A 742 18.24 -9.52 -14.77
C PHE A 742 19.44 -9.80 -15.61
N HIS A 743 19.52 -11.00 -16.15
CA HIS A 743 20.53 -11.32 -17.14
C HIS A 743 20.10 -10.71 -18.48
N LEU A 744 21.04 -10.11 -19.20
CA LEU A 744 20.74 -9.61 -20.54
C LEU A 744 21.35 -10.60 -21.54
N ILE A 745 20.46 -11.19 -22.32
CA ILE A 745 20.83 -12.28 -23.19
C ILE A 745 20.59 -11.93 -24.61
N GLN A 746 21.57 -12.15 -25.42
CA GLN A 746 21.39 -11.94 -26.83
C GLN A 746 21.64 -13.27 -27.61
N VAL A 747 20.70 -13.64 -28.47
CA VAL A 747 20.80 -14.89 -29.28
C VAL A 747 20.84 -14.46 -30.75
N GLU A 748 21.93 -14.78 -31.44
CA GLU A 748 22.11 -14.37 -32.86
C GLU A 748 21.85 -15.55 -33.76
N LEU A 749 20.91 -15.42 -34.69
CA LEU A 749 20.48 -16.55 -35.56
C LEU A 749 20.88 -16.46 -37.10
N PRO B 5 14.20 10.52 38.11
CA PRO B 5 15.34 10.51 37.20
C PRO B 5 15.24 11.67 36.19
N ALA B 6 15.88 11.54 35.03
CA ALA B 6 15.69 12.42 33.86
C ALA B 6 14.84 13.72 34.05
N VAL B 7 13.55 13.50 34.31
CA VAL B 7 12.55 14.53 34.31
C VAL B 7 11.67 14.27 35.54
N ARG B 8 11.41 15.31 36.33
CA ARG B 8 10.60 15.18 37.55
C ARG B 8 10.12 16.52 38.11
N ILE B 9 8.96 16.46 38.76
CA ILE B 9 8.34 17.57 39.45
C ILE B 9 8.56 17.40 40.95
N SER B 10 9.60 18.07 41.47
CA SER B 10 9.94 18.07 42.90
C SER B 10 9.79 19.51 43.47
N ASP B 11 9.09 19.60 44.61
CA ASP B 11 8.51 20.85 45.11
C ASP B 11 7.40 21.20 44.13
N GLY B 12 7.36 22.47 43.73
CA GLY B 12 6.66 22.87 42.52
C GLY B 12 7.61 23.28 41.41
N ASN B 13 8.79 22.65 41.33
CA ASN B 13 9.73 22.87 40.22
C ASN B 13 9.78 21.70 39.20
N LEU B 14 9.84 22.00 37.90
CA LEU B 14 10.11 20.97 36.89
C LEU B 14 11.61 20.82 36.69
N ILE B 15 12.12 19.65 37.01
CA ILE B 15 13.56 19.45 37.03
C ILE B 15 14.03 18.41 35.99
N ILE B 16 14.89 18.84 35.08
CA ILE B 16 15.42 18.01 33.99
C ILE B 16 16.93 17.89 34.14
N LYS B 17 17.49 16.66 34.14
CA LYS B 17 18.95 16.42 34.43
C LYS B 17 19.45 17.37 35.55
N ASN B 18 18.68 17.48 36.62
CA ASN B 18 19.00 18.37 37.77
C ASN B 18 19.27 19.85 37.42
N ARG B 19 18.32 20.44 36.74
CA ARG B 19 18.34 21.86 36.49
C ARG B 19 16.88 22.23 36.44
N THR B 20 16.52 23.28 37.17
CA THR B 20 15.15 23.71 37.19
C THR B 20 14.90 24.39 35.87
N ILE B 21 13.82 23.97 35.24
CA ILE B 21 13.34 24.51 33.99
C ILE B 21 12.09 25.32 34.23
N LEU B 22 11.15 24.76 34.97
CA LEU B 22 9.99 25.50 35.40
C LEU B 22 9.98 25.53 36.92
N THR B 23 9.41 26.63 37.46
CA THR B 23 9.17 26.81 38.90
C THR B 23 7.70 27.21 39.05
N GLY B 24 7.17 27.10 40.26
CA GLY B 24 5.79 27.48 40.50
C GLY B 24 4.78 26.53 39.90
N VAL B 25 5.08 25.26 39.91
CA VAL B 25 4.15 24.26 39.39
C VAL B 25 3.03 24.01 40.44
N PRO B 26 1.78 24.28 40.10
CA PRO B 26 0.73 24.10 41.13
C PRO B 26 0.50 22.66 41.66
N ASP B 27 -0.14 22.58 42.83
CA ASP B 27 -0.71 21.38 43.46
C ASP B 27 -1.42 20.50 42.50
N ASN B 28 -2.36 21.13 41.80
CA ASN B 28 -3.30 20.44 40.96
C ASN B 28 -2.74 19.92 39.60
N VAL B 29 -1.43 19.94 39.41
CA VAL B 29 -0.79 19.35 38.28
C VAL B 29 -0.28 18.00 38.75
N ILE B 30 -0.76 16.92 38.13
CA ILE B 30 -0.39 15.54 38.48
C ILE B 30 0.45 14.92 37.37
N THR B 31 1.50 14.22 37.78
CA THR B 31 2.39 13.56 36.85
C THR B 31 2.31 12.04 36.95
N THR B 32 2.81 11.35 35.92
CA THR B 32 2.93 9.89 35.87
C THR B 32 3.93 9.46 34.81
N SER B 33 4.66 8.40 35.11
CA SER B 33 5.48 7.71 34.12
C SER B 33 4.90 6.34 33.77
N ALA B 34 3.57 6.25 33.81
CA ALA B 34 2.83 5.08 33.30
C ALA B 34 2.07 5.41 31.99
N SER B 35 1.96 4.39 31.16
CA SER B 35 1.18 4.46 29.92
C SER B 35 0.69 3.03 29.66
N GLU B 36 -0.24 2.87 28.71
CA GLU B 36 -0.47 1.58 28.06
C GLU B 36 0.77 0.63 28.10
N ALA B 37 1.97 1.11 27.74
CA ALA B 37 3.21 0.27 27.81
C ALA B 37 3.67 -0.22 29.23
N GLY B 38 4.02 0.59 30.25
CA GLY B 38 4.60 1.96 30.20
C GLY B 38 6.00 2.14 30.81
N PRO B 39 6.16 1.96 32.15
CA PRO B 39 7.20 2.62 33.01
C PRO B 39 8.19 3.57 32.30
N VAL B 40 7.63 4.64 31.76
CA VAL B 40 8.20 5.44 30.66
C VAL B 40 9.27 6.45 31.11
N GLU B 41 10.18 6.84 30.21
CA GLU B 41 11.37 7.66 30.57
C GLU B 41 11.25 9.21 30.83
N GLY B 42 10.12 9.79 30.45
CA GLY B 42 9.81 11.17 30.63
C GLY B 42 8.56 11.15 31.46
N VAL B 43 7.72 12.14 31.28
CA VAL B 43 6.58 12.27 32.15
C VAL B 43 5.36 12.71 31.36
N PHE B 44 4.24 12.03 31.54
CA PHE B 44 2.98 12.55 31.11
C PHE B 44 2.45 13.45 32.21
N VAL B 45 1.69 14.46 31.82
CA VAL B 45 1.24 15.47 32.77
C VAL B 45 -0.24 15.68 32.56
N GLY B 46 -1.00 15.73 33.63
CA GLY B 46 -2.40 16.15 33.60
C GLY B 46 -2.78 17.06 34.78
N ALA B 47 -4.06 17.06 35.13
CA ALA B 47 -4.70 17.88 36.19
C ALA B 47 -6.21 17.54 36.06
N VAL B 48 -7.23 18.02 36.80
CA VAL B 48 -7.60 17.95 38.25
C VAL B 48 -8.16 19.32 38.70
N PHE B 49 -9.42 19.56 38.30
CA PHE B 49 -10.10 20.81 38.49
C PHE B 49 -11.37 20.58 39.30
N ASN B 50 -11.87 21.59 40.01
CA ASN B 50 -13.10 21.39 40.81
C ASN B 50 -14.32 21.19 39.95
N LYS B 51 -14.41 21.87 38.78
CA LYS B 51 -15.63 21.77 37.94
C LYS B 51 -15.45 21.18 36.51
N GLU B 52 -16.37 20.30 36.13
CA GLU B 52 -16.45 19.78 34.79
C GLU B 52 -16.71 20.96 33.83
N GLU B 53 -15.81 21.17 32.87
CA GLU B 53 -15.97 22.16 31.81
C GLU B 53 -15.52 21.62 30.43
N SER B 54 -15.99 22.29 29.37
CA SER B 54 -15.54 22.01 28.01
C SER B 54 -14.26 22.75 27.58
N LYS B 55 -13.78 23.66 28.44
CA LYS B 55 -12.50 24.36 28.29
C LYS B 55 -11.92 24.50 29.69
N HIS B 56 -10.61 24.31 29.80
CA HIS B 56 -9.87 24.53 31.03
C HIS B 56 -8.49 25.09 30.68
N ILE B 57 -8.00 26.03 31.50
CA ILE B 57 -6.64 26.54 31.39
C ILE B 57 -5.90 26.27 32.70
N VAL B 58 -4.63 25.92 32.64
CA VAL B 58 -3.95 25.66 33.84
C VAL B 58 -2.45 25.86 33.66
N PRO B 59 -1.86 26.73 34.49
CA PRO B 59 -0.41 26.92 34.38
C PRO B 59 0.32 25.66 34.72
N ILE B 60 1.46 25.48 34.09
CA ILE B 60 2.28 24.32 34.28
C ILE B 60 3.48 24.70 35.11
N GLY B 61 3.85 25.97 35.06
CA GLY B 61 5.03 26.49 35.75
C GLY B 61 5.55 27.68 34.96
N THR B 62 6.68 28.19 35.40
CA THR B 62 7.12 29.49 34.96
C THR B 62 8.47 29.29 34.32
N LEU B 63 8.62 29.83 33.11
CA LEU B 63 9.84 29.64 32.35
C LEU B 63 10.55 31.00 32.25
N ARG B 64 11.83 31.02 32.61
CA ARG B 64 12.69 32.19 32.45
C ARG B 64 14.09 31.79 32.10
N ASN B 65 14.63 32.50 31.12
CA ASN B 65 16.02 32.39 30.79
C ASN B 65 16.38 30.99 30.34
N SER B 66 15.45 30.38 29.58
CA SER B 66 15.71 29.15 28.83
C SER B 66 15.32 29.42 27.38
N ARG B 67 16.22 29.21 26.44
CA ARG B 67 15.84 29.30 25.01
C ARG B 67 14.82 28.23 24.64
N PHE B 68 13.84 28.63 23.83
CA PHE B 68 12.88 27.71 23.28
C PHE B 68 12.63 27.95 21.81
N MET B 69 11.95 26.97 21.20
CA MET B 69 11.36 27.10 19.85
C MET B 69 9.97 26.52 19.89
N SER B 70 9.02 27.25 19.34
CA SER B 70 7.70 26.82 19.32
C SER B 70 7.29 26.78 17.85
N CYS B 71 6.41 25.84 17.52
CA CYS B 71 5.66 25.97 16.32
C CYS B 71 4.25 26.20 16.78
N PHE B 72 3.61 27.26 16.27
CA PHE B 72 2.26 27.64 16.77
C PHE B 72 1.43 27.93 15.59
N ARG B 73 0.12 27.81 15.77
CA ARG B 73 -0.85 28.05 14.73
C ARG B 73 -1.15 29.58 14.52
N PHE B 74 -0.64 30.17 13.45
CA PHE B 74 -0.93 31.60 13.16
C PHE B 74 -2.27 31.75 12.48
N LYS B 75 -2.75 30.67 11.85
CA LYS B 75 -4.12 30.61 11.33
C LYS B 75 -4.63 29.24 11.76
N LEU B 76 -5.93 29.03 11.67
CA LEU B 76 -6.56 27.71 11.84
C LEU B 76 -5.74 26.58 11.15
N TRP B 77 -5.33 26.85 9.92
CA TRP B 77 -4.80 25.81 9.04
C TRP B 77 -3.32 25.51 9.22
N TRP B 78 -2.54 26.51 9.62
CA TRP B 78 -1.09 26.47 9.47
C TRP B 78 -0.30 26.95 10.66
N MET B 79 0.91 26.42 10.79
CA MET B 79 1.84 26.77 11.85
C MET B 79 3.01 27.55 11.28
N ALA B 80 3.68 28.28 12.19
CA ALA B 80 5.04 28.81 11.95
C ALA B 80 5.81 28.90 13.26
N GLN B 81 7.05 29.34 13.17
CA GLN B 81 7.96 29.33 14.26
C GLN B 81 8.01 30.69 15.00
N ARG B 82 8.22 30.56 16.32
CA ARG B 82 8.56 31.64 17.22
C ARG B 82 9.61 31.14 18.18
N MET B 83 10.68 31.92 18.30
CA MET B 83 11.70 31.70 19.34
C MET B 83 11.55 32.67 20.56
N GLY B 84 12.25 32.35 21.64
CA GLY B 84 12.23 33.20 22.83
C GLY B 84 12.95 32.60 23.99
N GLU B 85 12.90 33.31 25.13
CA GLU B 85 13.51 32.89 26.38
C GLU B 85 12.64 33.08 27.60
N MET B 86 11.43 33.58 27.44
CA MET B 86 10.54 33.91 28.51
C MET B 86 9.21 33.35 28.14
N GLY B 87 8.51 32.79 29.09
CA GLY B 87 7.21 32.23 28.84
C GLY B 87 6.17 33.17 28.29
N ARG B 88 6.25 34.47 28.58
CA ARG B 88 5.27 35.43 27.99
C ARG B 88 5.34 35.40 26.48
N ASP B 89 6.54 35.09 25.96
CA ASP B 89 6.86 35.00 24.50
C ASP B 89 6.36 33.69 23.81
N ILE B 90 5.81 32.75 24.57
CA ILE B 90 5.27 31.52 24.00
C ILE B 90 3.90 31.83 23.43
N PRO B 91 3.67 31.61 22.10
CA PRO B 91 2.41 32.07 21.50
C PRO B 91 1.13 31.32 21.86
N TYR B 92 0.01 31.92 21.58
CA TYR B 92 -1.23 31.17 21.59
C TYR B 92 -1.13 29.99 20.59
N GLU B 93 -1.81 28.90 20.91
CA GLU B 93 -1.86 27.76 19.99
C GLU B 93 -0.46 27.22 19.60
N THR B 94 0.39 27.07 20.60
CA THR B 94 1.64 26.40 20.49
C THR B 94 1.35 24.88 20.60
N GLN B 95 1.79 24.14 19.59
CA GLN B 95 1.47 22.68 19.49
C GLN B 95 2.64 21.81 19.78
N PHE B 96 3.80 22.43 19.79
CA PHE B 96 5.05 21.78 19.96
C PHE B 96 6.01 22.85 20.51
N LEU B 97 6.74 22.49 21.54
CA LEU B 97 7.67 23.39 22.19
C LEU B 97 8.91 22.64 22.52
N LEU B 98 10.07 23.15 22.10
CA LEU B 98 11.37 22.57 22.42
C LEU B 98 12.17 23.56 23.32
N VAL B 99 12.84 23.03 24.34
CA VAL B 99 13.54 23.87 25.33
C VAL B 99 14.96 23.50 25.54
N GLU B 100 15.83 24.51 25.54
CA GLU B 100 17.26 24.28 25.77
C GLU B 100 17.72 24.64 27.18
N SER B 101 18.50 23.74 27.78
CA SER B 101 19.09 23.85 29.13
C SER B 101 20.55 23.45 29.05
N ASN B 102 21.25 23.59 30.18
CA ASN B 102 22.63 23.05 30.36
C ASN B 102 22.68 21.70 31.07
N LYS B 120 22.99 21.90 25.38
CA LYS B 120 23.57 20.73 25.97
C LYS B 120 22.41 19.75 26.32
N VAL B 121 21.27 20.23 26.80
CA VAL B 121 20.10 19.38 27.03
C VAL B 121 18.79 19.95 26.48
N TYR B 122 18.00 19.09 25.79
CA TYR B 122 16.77 19.54 25.12
C TYR B 122 15.60 18.86 25.67
N THR B 123 14.52 19.60 25.86
CA THR B 123 13.32 19.01 26.38
C THR B 123 12.20 19.30 25.40
N VAL B 124 11.40 18.29 25.00
CA VAL B 124 10.22 18.55 24.20
C VAL B 124 9.03 18.53 25.08
N PHE B 125 8.09 19.34 24.66
CA PHE B 125 6.82 19.44 25.26
C PHE B 125 5.83 19.14 24.15
N LEU B 126 5.02 18.10 24.36
CA LEU B 126 4.01 17.67 23.43
C LEU B 126 2.63 17.65 24.02
N PRO B 127 1.87 18.70 23.78
CA PRO B 127 0.48 18.69 24.16
C PRO B 127 -0.35 17.74 23.30
N LEU B 128 -1.17 16.94 23.97
CA LEU B 128 -1.82 15.81 23.38
C LEU B 128 -3.32 15.89 23.27
N ILE B 129 -3.83 14.95 22.50
CA ILE B 129 -5.23 14.54 22.53
C ILE B 129 -5.40 13.58 23.70
N GLU B 130 -6.43 13.78 24.52
CA GLU B 130 -6.79 12.84 25.59
C GLU B 130 -8.28 12.72 25.66
N GLY B 131 -8.81 11.54 25.36
CA GLY B 131 -10.21 11.37 25.12
C GLY B 131 -10.82 12.33 24.11
N SER B 132 -11.84 13.09 24.54
CA SER B 132 -12.53 14.04 23.66
C SER B 132 -11.88 15.40 23.65
N PHE B 133 -10.77 15.54 24.38
CA PHE B 133 -10.10 16.84 24.52
C PHE B 133 -8.84 16.90 23.73
N ARG B 134 -8.53 18.12 23.24
CA ARG B 134 -7.23 18.47 22.67
C ARG B 134 -6.50 19.58 23.44
N SER B 135 -5.18 19.43 23.64
CA SER B 135 -4.36 20.41 24.35
C SER B 135 -3.46 21.20 23.43
N CYS B 136 -3.20 22.45 23.81
CA CYS B 136 -2.08 23.17 23.28
C CYS B 136 -1.44 23.97 24.41
N LEU B 137 -0.34 24.65 24.12
CA LEU B 137 0.35 25.49 25.06
C LEU B 137 0.16 26.97 24.65
N GLN B 138 0.26 27.90 25.61
CA GLN B 138 0.14 29.38 25.50
C GLN B 138 1.13 29.97 26.50
N GLY B 139 1.77 31.09 26.22
CA GLY B 139 2.52 31.82 27.28
C GLY B 139 1.57 32.81 27.94
N ASN B 140 1.88 33.32 29.13
CA ASN B 140 1.05 34.45 29.64
C ASN B 140 1.89 35.56 30.26
N VAL B 141 1.23 36.71 30.51
CA VAL B 141 1.91 37.93 31.01
C VAL B 141 2.97 37.53 32.04
N ASN B 142 2.56 36.70 33.01
CA ASN B 142 3.44 36.16 34.08
C ASN B 142 4.60 35.24 33.75
N ASP B 143 4.77 34.87 32.48
CA ASP B 143 5.79 33.90 32.04
C ASP B 143 5.46 32.49 32.41
N GLU B 144 4.20 32.26 32.74
CA GLU B 144 3.79 30.90 33.00
C GLU B 144 3.51 30.24 31.63
N VAL B 145 4.05 29.04 31.45
CA VAL B 145 3.60 28.15 30.35
C VAL B 145 2.28 27.59 30.77
N GLU B 146 1.25 27.88 30.03
CA GLU B 146 -0.06 27.39 30.37
C GLU B 146 -0.48 26.23 29.44
N LEU B 147 -1.26 25.28 29.98
CA LEU B 147 -1.86 24.23 29.17
C LEU B 147 -3.32 24.48 28.95
N CYS B 148 -3.71 24.53 27.69
CA CYS B 148 -5.11 24.81 27.25
C CYS B 148 -5.83 23.54 26.71
N LEU B 149 -6.82 23.03 27.43
CA LEU B 149 -7.55 21.83 27.07
C LEU B 149 -8.97 22.18 26.62
N GLU B 150 -9.37 21.67 25.45
CA GLU B 150 -10.65 21.98 24.84
C GLU B 150 -11.33 20.78 24.13
N SER B 151 -12.66 20.76 24.23
CA SER B 151 -13.49 19.70 23.74
C SER B 151 -14.03 20.12 22.42
N GLY B 152 -14.22 21.42 22.22
CA GLY B 152 -14.97 21.92 21.08
C GLY B 152 -16.47 21.73 21.10
N ASP B 153 -17.03 21.36 22.24
CA ASP B 153 -18.46 21.08 22.29
C ASP B 153 -19.00 21.37 23.72
N VAL B 154 -19.77 22.45 23.89
CA VAL B 154 -20.28 22.79 25.25
C VAL B 154 -20.82 21.55 25.97
N ASP B 155 -21.44 20.61 25.27
CA ASP B 155 -21.92 19.36 25.92
C ASP B 155 -20.84 18.34 26.34
N THR B 156 -19.58 18.55 25.98
CA THR B 156 -18.55 17.55 26.24
C THR B 156 -17.67 18.16 27.29
N LYS B 157 -17.91 17.76 28.52
CA LYS B 157 -17.21 18.33 29.67
C LYS B 157 -16.39 17.29 30.40
N ARG B 158 -15.37 17.75 31.08
CA ARG B 158 -14.53 16.85 31.81
C ARG B 158 -13.85 17.61 32.89
N SER B 159 -13.39 16.90 33.93
CA SER B 159 -12.81 17.59 35.08
C SER B 159 -11.41 17.14 35.47
N SER B 160 -10.93 16.00 34.96
CA SER B 160 -9.54 15.62 35.20
C SER B 160 -8.88 14.75 34.14
N PHE B 161 -7.55 14.84 34.13
CA PHE B 161 -6.70 14.46 33.00
C PHE B 161 -5.41 13.91 33.53
N THR B 162 -4.89 12.85 32.93
CA THR B 162 -3.54 12.33 33.29
C THR B 162 -2.50 12.41 32.19
N HIS B 163 -2.93 12.53 30.95
CA HIS B 163 -2.03 12.36 29.80
C HIS B 163 -2.23 13.41 28.72
N SER B 164 -2.39 14.67 29.12
CA SER B 164 -2.66 15.73 28.14
C SER B 164 -1.39 16.45 27.70
N LEU B 165 -0.28 16.09 28.30
CA LEU B 165 0.98 16.65 27.84
C LEU B 165 2.03 15.68 28.14
N TYR B 166 3.02 15.58 27.26
CA TYR B 166 4.11 14.67 27.51
C TYR B 166 5.41 15.39 27.40
N ILE B 167 6.34 15.09 28.31
CA ILE B 167 7.60 15.82 28.41
C ILE B 167 8.80 14.91 28.48
N HIS B 168 9.81 15.14 27.66
CA HIS B 168 10.93 14.21 27.61
C HIS B 168 12.18 14.90 27.21
N ALA B 169 13.34 14.43 27.69
CA ALA B 169 14.57 15.19 27.50
C ALA B 169 15.70 14.34 27.05
N GLY B 170 16.67 14.92 26.41
CA GLY B 170 17.83 14.15 26.02
C GLY B 170 18.82 15.11 25.46
N THR B 171 19.95 14.59 25.07
CA THR B 171 21.04 15.43 24.61
C THR B 171 21.10 15.59 23.09
N ASP B 172 20.46 14.70 22.34
CA ASP B 172 20.32 14.86 20.87
C ASP B 172 18.86 15.34 20.61
N PRO B 173 18.72 16.56 20.09
CA PRO B 173 17.35 17.08 20.07
C PRO B 173 16.44 16.28 19.15
N PHE B 174 17.02 15.79 18.04
CA PHE B 174 16.30 15.07 17.00
C PHE B 174 15.87 13.70 17.51
N GLN B 175 16.74 13.02 18.26
CA GLN B 175 16.37 11.71 18.88
C GLN B 175 15.38 11.98 19.95
N THR B 176 15.62 13.05 20.70
CA THR B 176 14.68 13.36 21.76
C THR B 176 13.24 13.50 21.22
N ILE B 177 13.13 14.22 20.11
CA ILE B 177 11.79 14.45 19.49
C ILE B 177 11.20 13.11 19.02
N THR B 178 12.00 12.32 18.32
CA THR B 178 11.54 11.04 17.78
C THR B 178 11.16 10.07 18.86
N ASP B 179 11.98 9.98 19.89
CA ASP B 179 11.71 9.04 21.00
C ASP B 179 10.47 9.47 21.73
N ALA B 180 10.24 10.79 21.84
CA ALA B 180 9.00 11.23 22.53
C ALA B 180 7.73 10.89 21.79
N ILE B 181 7.73 11.19 20.51
CA ILE B 181 6.64 10.84 19.61
C ILE B 181 6.33 9.30 19.68
N ARG B 182 7.39 8.50 19.70
CA ARG B 182 7.23 7.05 19.79
C ARG B 182 6.57 6.67 21.11
N THR B 183 7.01 7.30 22.21
CA THR B 183 6.38 6.99 23.48
C THR B 183 4.95 7.39 23.42
N VAL B 184 4.65 8.52 22.76
CA VAL B 184 3.32 8.93 22.68
C VAL B 184 2.51 7.92 21.88
N LYS B 185 3.07 7.49 20.74
CA LYS B 185 2.42 6.50 19.85
C LYS B 185 1.97 5.24 20.57
N LEU B 186 2.85 4.70 21.35
CA LEU B 186 2.63 3.53 22.19
C LEU B 186 1.57 3.76 23.28
N HIS B 187 1.28 5.00 23.65
CA HIS B 187 0.26 5.27 24.63
C HIS B 187 -1.08 5.32 23.88
N LEU B 188 -1.10 6.01 22.75
CA LEU B 188 -2.37 6.30 22.09
C LEU B 188 -2.75 5.21 21.08
N ASN B 189 -1.74 4.59 20.47
CA ASN B 189 -1.88 3.69 19.30
C ASN B 189 -2.81 4.20 18.21
N SER B 190 -2.97 5.53 18.09
CA SER B 190 -3.89 6.15 17.15
C SER B 190 -3.20 6.78 15.89
N PHE B 191 -1.88 6.68 15.82
CA PHE B 191 -1.14 7.16 14.68
C PHE B 191 0.09 6.28 14.46
N ARG B 192 0.81 6.52 13.34
CA ARG B 192 2.09 5.85 13.07
C ARG B 192 3.09 6.88 12.74
N GLN B 193 4.35 6.59 13.00
CA GLN B 193 5.39 7.51 12.63
C GLN B 193 5.65 7.52 11.14
N ARG B 194 6.33 8.57 10.67
CA ARG B 194 6.57 8.77 9.25
C ARG B 194 7.22 7.55 8.71
N HIS B 195 8.22 7.03 9.41
CA HIS B 195 9.04 5.97 8.74
C HIS B 195 8.33 4.64 8.62
N GLU B 196 7.22 4.44 9.30
CA GLU B 196 6.48 3.21 9.26
C GLU B 196 5.36 3.21 8.20
N LYS B 197 5.18 4.29 7.47
CA LYS B 197 4.02 4.44 6.59
C LYS B 197 4.46 4.28 5.14
N LYS B 198 3.51 3.98 4.28
CA LYS B 198 3.85 3.84 2.88
C LYS B 198 3.69 5.16 2.10
N LEU B 199 4.78 5.61 1.53
CA LEU B 199 4.79 6.82 0.72
C LEU B 199 4.18 6.52 -0.62
N PRO B 200 3.35 7.42 -1.16
CA PRO B 200 2.87 7.23 -2.47
C PRO B 200 4.01 7.44 -3.48
N GLY B 201 3.88 6.75 -4.60
CA GLY B 201 4.95 6.77 -5.60
C GLY B 201 5.23 8.14 -6.20
N ILE B 202 4.30 9.08 -6.08
CA ILE B 202 4.51 10.40 -6.64
C ILE B 202 5.78 11.09 -6.11
N VAL B 203 6.17 10.78 -4.87
CA VAL B 203 7.37 11.39 -4.31
C VAL B 203 8.63 11.22 -5.10
N ASP B 204 8.76 10.20 -5.93
CA ASP B 204 10.03 10.04 -6.65
C ASP B 204 10.09 10.62 -8.04
N TYR B 205 9.05 11.38 -8.40
CA TYR B 205 9.01 11.95 -9.72
C TYR B 205 8.60 13.40 -9.66
N PHE B 206 8.99 14.13 -10.66
CA PHE B 206 8.52 15.51 -10.92
C PHE B 206 7.03 15.60 -11.20
N GLY B 207 6.43 16.69 -10.72
CA GLY B 207 5.02 16.93 -10.86
C GLY B 207 4.68 18.34 -11.28
N TRP B 208 3.42 18.50 -11.64
CA TRP B 208 2.85 19.83 -11.95
C TRP B 208 1.47 19.90 -11.30
N CYS B 209 1.16 21.07 -10.70
CA CYS B 209 -0.10 21.34 -10.05
C CYS B 209 -0.74 22.46 -10.81
N THR B 210 -2.00 22.33 -11.18
CA THR B 210 -2.68 23.39 -11.95
C THR B 210 -2.93 24.72 -11.16
N TRP B 211 -2.78 24.70 -9.84
CA TRP B 211 -3.38 25.79 -9.06
C TRP B 211 -2.97 27.19 -9.49
N ASP B 212 -1.67 27.49 -9.46
CA ASP B 212 -1.24 28.86 -9.73
C ASP B 212 -1.24 29.13 -11.23
N ALA B 213 -1.36 28.09 -12.07
CA ALA B 213 -1.46 28.34 -13.51
C ALA B 213 -2.83 28.87 -13.92
N PHE B 214 -3.92 28.44 -13.26
CA PHE B 214 -5.26 28.76 -13.73
C PHE B 214 -6.26 29.08 -12.63
N TYR B 215 -5.90 28.79 -11.38
CA TYR B 215 -6.84 28.83 -10.27
C TYR B 215 -8.09 28.04 -10.60
N GLN B 216 -9.24 28.49 -10.10
CA GLN B 216 -10.48 27.78 -10.36
C GLN B 216 -10.94 27.72 -11.82
N GLU B 217 -10.18 28.36 -12.70
CA GLU B 217 -10.51 28.45 -14.11
C GLU B 217 -10.02 27.25 -14.85
N VAL B 218 -9.33 26.36 -14.14
CA VAL B 218 -8.68 25.24 -14.82
C VAL B 218 -9.68 24.50 -15.72
N THR B 219 -9.19 24.08 -16.90
CA THR B 219 -9.93 23.25 -17.84
C THR B 219 -9.12 22.02 -18.19
N GLN B 220 -9.75 21.02 -18.78
CA GLN B 220 -8.99 19.83 -19.22
C GLN B 220 -7.99 20.18 -20.29
N GLU B 221 -8.32 21.17 -21.10
CA GLU B 221 -7.38 21.61 -22.15
C GLU B 221 -6.16 22.32 -21.57
N GLY B 222 -6.36 23.08 -20.50
CA GLY B 222 -5.20 23.73 -19.84
C GLY B 222 -4.32 22.64 -19.22
N VAL B 223 -4.97 21.65 -18.61
CA VAL B 223 -4.21 20.51 -18.05
C VAL B 223 -3.34 19.92 -19.17
N GLU B 224 -3.93 19.63 -20.31
CA GLU B 224 -3.18 18.94 -21.34
C GLU B 224 -1.99 19.82 -21.77
N ALA B 225 -2.26 21.12 -21.88
CA ALA B 225 -1.26 22.07 -22.36
C ALA B 225 -0.01 22.10 -21.45
N GLY B 226 -0.22 22.22 -20.14
CA GLY B 226 0.88 22.29 -19.16
C GLY B 226 1.75 21.04 -19.18
N LEU B 227 1.14 19.85 -19.33
CA LEU B 227 1.92 18.58 -19.42
C LEU B 227 2.80 18.57 -20.65
N LYS B 228 2.19 19.01 -21.75
CA LYS B 228 2.87 19.06 -23.04
C LYS B 228 4.06 20.01 -23.05
N SER B 229 3.89 21.23 -22.54
CA SER B 229 5.04 22.18 -22.49
C SER B 229 6.23 21.70 -21.65
N LEU B 230 5.94 21.16 -20.47
CA LEU B 230 7.00 20.72 -19.61
C LEU B 230 7.80 19.57 -20.23
N ALA B 231 7.07 18.60 -20.73
CA ALA B 231 7.66 17.47 -21.46
C ALA B 231 8.53 17.89 -22.67
N ALA B 232 8.07 18.87 -23.42
CA ALA B 232 8.75 19.33 -24.64
C ALA B 232 10.14 19.92 -24.32
N GLY B 233 10.28 20.49 -23.13
CA GLY B 233 11.57 21.02 -22.70
C GLY B 233 12.50 19.96 -22.14
N GLY B 234 12.03 18.74 -21.93
CA GLY B 234 12.93 17.69 -21.48
C GLY B 234 12.88 17.42 -19.99
N THR B 235 11.91 18.01 -19.32
CA THR B 235 11.62 17.70 -17.90
C THR B 235 10.17 17.22 -17.76
N PRO B 236 9.92 15.97 -18.14
CA PRO B 236 8.55 15.53 -18.23
C PRO B 236 8.02 15.24 -16.79
N PRO B 237 6.88 15.82 -16.42
CA PRO B 237 6.26 15.44 -15.15
C PRO B 237 5.68 14.04 -15.25
N LYS B 238 5.78 13.27 -14.18
CA LYS B 238 5.11 11.97 -14.14
C LYS B 238 3.89 11.96 -13.25
N PHE B 239 3.65 13.08 -12.56
CA PHE B 239 2.36 13.27 -11.86
C PHE B 239 1.78 14.64 -12.05
N VAL B 240 0.46 14.74 -11.98
CA VAL B 240 -0.20 16.03 -12.05
C VAL B 240 -1.21 16.04 -10.96
N ILE B 241 -1.38 17.20 -10.32
CA ILE B 241 -2.45 17.45 -9.42
C ILE B 241 -3.43 18.45 -10.12
N ILE B 242 -4.67 18.00 -10.36
CA ILE B 242 -5.71 18.87 -10.88
C ILE B 242 -6.32 19.47 -9.67
N ASP B 243 -6.06 20.76 -9.50
CA ASP B 243 -6.33 21.42 -8.26
C ASP B 243 -7.75 21.97 -8.25
N ASP B 244 -8.05 22.80 -7.26
CA ASP B 244 -9.38 23.37 -7.09
C ASP B 244 -9.92 23.90 -8.43
N GLY B 245 -11.13 23.47 -8.77
CA GLY B 245 -11.88 24.01 -9.93
C GLY B 245 -12.52 22.99 -10.84
N TRP B 246 -12.29 21.67 -10.60
CA TRP B 246 -12.82 20.65 -11.47
C TRP B 246 -14.17 20.13 -10.98
N GLN B 247 -14.54 20.44 -9.75
CA GLN B 247 -15.73 19.90 -9.19
C GLN B 247 -17.04 20.64 -9.58
N SER B 248 -18.16 19.94 -9.36
CA SER B 248 -19.54 20.43 -9.64
C SER B 248 -20.06 21.10 -8.40
N VAL B 249 -20.12 22.42 -8.45
CA VAL B 249 -20.45 23.27 -7.29
C VAL B 249 -21.51 24.35 -7.68
N GLU B 250 -22.16 24.97 -6.69
CA GLU B 250 -23.27 25.91 -6.89
C GLU B 250 -23.36 26.77 -5.59
N ARG B 251 -23.59 28.10 -5.72
CA ARG B 251 -23.86 29.00 -4.59
C ARG B 251 -25.19 28.66 -4.00
N ASP B 252 -25.54 29.17 -2.83
CA ASP B 252 -26.82 28.77 -2.34
C ASP B 252 -27.96 28.88 -3.43
N PRO B 265 -19.96 34.97 -2.13
CA PRO B 265 -20.88 33.85 -2.07
C PRO B 265 -20.07 32.55 -2.03
N ILE B 266 -20.28 31.74 -0.99
CA ILE B 266 -19.58 30.43 -0.81
C ILE B 266 -20.22 29.33 -1.63
N PHE B 267 -19.39 28.51 -2.27
CA PHE B 267 -19.89 27.35 -3.01
C PHE B 267 -19.97 26.04 -2.21
N ARG B 268 -20.84 25.14 -2.67
CA ARG B 268 -21.11 23.89 -2.04
C ARG B 268 -21.19 22.79 -3.10
N LEU B 269 -20.75 21.58 -2.74
CA LEU B 269 -20.73 20.47 -3.69
C LEU B 269 -22.16 20.08 -4.06
N THR B 270 -22.36 19.86 -5.36
CA THR B 270 -23.65 19.43 -5.86
C THR B 270 -23.60 18.01 -6.40
N GLY B 271 -22.64 17.66 -7.24
CA GLY B 271 -22.43 16.22 -7.45
C GLY B 271 -21.05 15.80 -7.00
N ILE B 272 -20.73 14.51 -7.10
CA ILE B 272 -19.32 14.08 -6.95
C ILE B 272 -18.55 14.03 -8.26
N LYS B 273 -19.22 14.20 -9.38
CA LYS B 273 -18.55 14.09 -10.63
C LYS B 273 -18.04 15.43 -11.00
N GLU B 274 -17.19 15.41 -12.02
CA GLU B 274 -16.60 16.60 -12.56
C GLU B 274 -17.65 17.50 -13.20
N ASN B 275 -17.31 18.80 -13.19
CA ASN B 275 -17.99 19.80 -14.01
C ASN B 275 -17.70 19.74 -15.53
N GLU B 276 -18.50 20.55 -16.25
CA GLU B 276 -18.45 20.65 -17.70
C GLU B 276 -17.07 20.95 -18.26
N LYS B 277 -16.19 21.62 -17.55
CA LYS B 277 -14.82 21.78 -18.14
C LYS B 277 -13.99 20.48 -18.22
N PHE B 278 -14.49 19.41 -17.61
CA PHE B 278 -13.74 18.14 -17.66
C PHE B 278 -14.56 17.00 -18.27
N LYS B 279 -15.57 17.37 -19.07
CA LYS B 279 -16.30 16.40 -19.89
C LYS B 279 -15.71 16.44 -21.31
N LYS B 280 -15.57 15.30 -21.98
CA LYS B 280 -14.89 15.36 -23.26
C LYS B 280 -15.76 16.14 -24.27
N LYS B 281 -15.12 16.90 -25.13
CA LYS B 281 -15.83 17.94 -25.86
C LYS B 281 -16.82 17.31 -26.86
N ASP B 282 -16.39 16.30 -27.59
CA ASP B 282 -17.28 15.62 -28.53
C ASP B 282 -18.28 14.64 -27.87
N ASP B 283 -18.44 14.63 -26.55
CA ASP B 283 -19.19 13.53 -25.93
C ASP B 283 -19.36 13.77 -24.45
N PRO B 284 -20.25 14.71 -24.09
CA PRO B 284 -20.35 15.02 -22.67
C PRO B 284 -20.73 13.83 -21.73
N ASN B 285 -20.94 12.63 -22.26
CA ASN B 285 -21.00 11.48 -21.36
C ASN B 285 -19.65 10.93 -20.87
N VAL B 286 -18.52 11.36 -21.43
CA VAL B 286 -17.26 10.72 -21.07
C VAL B 286 -16.64 11.14 -19.75
N GLY B 287 -16.64 12.41 -19.36
CA GLY B 287 -16.14 12.73 -17.95
C GLY B 287 -14.60 12.87 -17.68
N ILE B 288 -14.21 13.04 -16.41
CA ILE B 288 -12.75 13.21 -16.09
C ILE B 288 -11.85 12.02 -16.52
N LYS B 289 -12.42 10.84 -16.73
CA LYS B 289 -11.59 9.79 -17.30
C LYS B 289 -10.93 10.18 -18.60
N ASN B 290 -11.50 11.13 -19.32
CA ASN B 290 -10.95 11.56 -20.63
C ASN B 290 -9.57 12.19 -20.49
N ILE B 291 -9.48 13.16 -19.59
CA ILE B 291 -8.22 13.80 -19.34
C ILE B 291 -7.22 12.91 -18.59
N VAL B 292 -7.66 12.02 -17.73
CA VAL B 292 -6.70 11.03 -17.18
C VAL B 292 -6.05 10.23 -18.35
N LYS B 293 -6.87 9.79 -19.28
CA LYS B 293 -6.42 8.93 -20.39
C LYS B 293 -5.42 9.69 -21.27
N ILE B 294 -5.71 10.96 -21.52
CA ILE B 294 -4.79 11.84 -22.24
C ILE B 294 -3.45 11.97 -21.50
N ALA B 295 -3.49 12.33 -20.22
CA ALA B 295 -2.27 12.48 -19.44
C ALA B 295 -1.41 11.19 -19.46
N LYS B 296 -2.02 10.08 -19.16
CA LYS B 296 -1.28 8.80 -19.08
C LYS B 296 -0.94 8.19 -20.46
N GLU B 297 -1.91 8.08 -21.36
CA GLU B 297 -1.66 7.38 -22.62
C GLU B 297 -1.01 8.26 -23.69
N LYS B 298 -1.38 9.52 -23.74
CA LYS B 298 -0.77 10.42 -24.66
C LYS B 298 0.47 11.10 -24.14
N HIS B 299 0.55 11.40 -22.86
CA HIS B 299 1.72 12.18 -22.36
C HIS B 299 2.61 11.46 -21.40
N GLY B 300 2.34 10.19 -21.14
CA GLY B 300 3.25 9.41 -20.32
C GLY B 300 3.20 9.62 -18.80
N LEU B 301 2.16 10.25 -18.25
CA LEU B 301 2.09 10.43 -16.77
C LEU B 301 1.85 9.10 -16.07
N ARG B 302 2.45 8.88 -14.91
CA ARG B 302 2.18 7.68 -14.18
C ARG B 302 1.05 7.91 -13.19
N TYR B 303 0.89 9.14 -12.68
CA TYR B 303 -0.11 9.39 -11.70
C TYR B 303 -0.93 10.64 -12.01
N VAL B 304 -2.21 10.56 -11.67
CA VAL B 304 -3.12 11.72 -11.68
C VAL B 304 -3.80 11.84 -10.32
N TYR B 305 -3.64 13.01 -9.67
CA TYR B 305 -4.31 13.32 -8.45
C TYR B 305 -5.27 14.48 -8.66
N VAL B 306 -6.29 14.57 -7.80
CA VAL B 306 -7.25 15.66 -7.80
C VAL B 306 -7.45 16.26 -6.38
N TRP B 307 -7.86 17.53 -6.33
CA TRP B 307 -8.12 18.26 -5.09
C TRP B 307 -9.55 18.06 -4.64
N HIS B 308 -9.75 17.92 -3.34
CA HIS B 308 -11.03 18.16 -2.73
C HIS B 308 -10.86 18.65 -1.30
N ALA B 309 -11.94 19.17 -0.75
CA ALA B 309 -11.95 19.57 0.63
C ALA B 309 -12.36 18.36 1.40
N ILE B 310 -11.94 18.35 2.66
CA ILE B 310 -12.29 17.29 3.58
C ILE B 310 -13.81 17.23 3.80
N THR B 311 -14.44 18.39 3.57
CA THR B 311 -15.88 18.58 3.59
C THR B 311 -16.55 18.53 2.21
N GLY B 312 -15.74 18.33 1.17
CA GLY B 312 -16.22 18.14 -0.19
C GLY B 312 -15.77 19.34 -0.97
N TYR B 313 -16.36 20.48 -0.61
CA TYR B 313 -15.88 21.78 -1.09
C TYR B 313 -15.83 22.81 0.07
N TRP B 314 -15.21 23.94 -0.19
CA TRP B 314 -15.14 25.07 0.75
C TRP B 314 -16.44 25.34 1.56
N GLY B 315 -17.61 25.32 0.93
CA GLY B 315 -18.85 25.35 1.73
C GLY B 315 -19.58 24.02 1.90
N GLY B 316 -18.82 22.94 2.00
CA GLY B 316 -19.39 21.64 2.19
C GLY B 316 -20.12 21.07 1.01
N VAL B 317 -21.17 20.34 1.34
CA VAL B 317 -22.00 19.68 0.38
C VAL B 317 -23.42 20.24 0.51
N ARG B 318 -24.06 20.45 -0.63
CA ARG B 318 -25.40 21.02 -0.66
C ARG B 318 -26.26 20.24 0.32
N PRO B 319 -26.84 20.94 1.32
CA PRO B 319 -27.63 20.22 2.31
C PRO B 319 -28.69 19.35 1.66
N GLY B 320 -28.92 18.19 2.24
CA GLY B 320 -29.60 17.14 1.52
C GLY B 320 -29.53 15.85 2.27
N GLU B 321 -30.15 14.83 1.70
CA GLU B 321 -30.26 13.62 2.44
C GLU B 321 -29.41 12.47 1.92
N GLU B 322 -28.82 12.54 0.74
CA GLU B 322 -28.08 11.39 0.28
C GLU B 322 -26.81 11.20 1.13
N TYR B 323 -26.22 12.31 1.60
CA TYR B 323 -25.08 12.28 2.49
C TYR B 323 -25.39 12.93 3.83
N GLY B 324 -26.68 13.14 4.17
CA GLY B 324 -27.08 13.68 5.51
C GLY B 324 -26.53 15.07 5.76
N SER B 325 -26.16 15.78 4.69
CA SER B 325 -25.53 17.05 4.88
C SER B 325 -26.49 18.11 5.45
N VAL B 326 -26.10 18.71 6.57
CA VAL B 326 -26.84 19.75 7.28
C VAL B 326 -25.90 20.97 7.49
N MET B 327 -26.45 22.19 7.43
CA MET B 327 -25.69 23.44 7.60
C MET B 327 -25.18 23.59 9.01
N LYS B 328 -23.91 23.95 9.16
CA LYS B 328 -23.28 24.11 10.46
C LYS B 328 -22.32 25.25 10.31
N TYR B 329 -22.14 26.00 11.37
CA TYR B 329 -21.36 27.23 11.27
C TYR B 329 -20.22 27.00 12.18
N PRO B 330 -19.02 27.36 11.73
CA PRO B 330 -17.87 27.20 12.57
C PRO B 330 -17.99 27.86 13.89
N ASN B 331 -17.60 27.13 14.91
CA ASN B 331 -17.38 27.65 16.22
C ASN B 331 -15.98 28.24 16.36
N MET B 332 -15.89 29.41 16.99
CA MET B 332 -14.69 30.21 17.07
C MET B 332 -14.00 29.86 18.33
N SER B 333 -12.72 29.67 18.23
CA SER B 333 -11.96 29.30 19.39
C SER B 333 -10.97 30.38 19.72
N LYS B 334 -10.79 30.61 21.01
CA LYS B 334 -9.99 31.74 21.42
C LYS B 334 -8.56 31.85 20.89
N GLY B 335 -7.76 30.78 21.04
CA GLY B 335 -6.37 30.80 20.65
C GLY B 335 -6.26 31.11 19.16
N VAL B 336 -7.19 30.56 18.39
CA VAL B 336 -7.12 30.68 16.96
C VAL B 336 -7.48 32.13 16.59
N VAL B 337 -8.57 32.59 17.19
CA VAL B 337 -9.23 33.85 16.79
C VAL B 337 -8.45 35.08 17.26
N GLU B 338 -7.76 34.85 18.35
CA GLU B 338 -6.73 35.70 18.83
C GLU B 338 -5.58 35.86 17.80
N ASN B 339 -5.07 34.78 17.21
CA ASN B 339 -3.94 34.92 16.28
C ASN B 339 -4.42 35.34 14.91
N ASP B 340 -5.67 35.04 14.62
CA ASP B 340 -6.18 35.33 13.32
C ASP B 340 -7.52 35.99 13.47
N PRO B 341 -7.54 37.29 13.83
CA PRO B 341 -8.84 37.98 13.98
C PRO B 341 -9.76 37.80 12.77
N THR B 342 -9.19 37.80 11.56
CA THR B 342 -9.98 37.66 10.29
C THR B 342 -10.89 36.38 10.20
N TRP B 343 -10.50 35.34 10.95
CA TRP B 343 -11.29 34.07 10.97
C TRP B 343 -12.75 34.31 11.40
N LYS B 344 -12.97 35.27 12.31
CA LYS B 344 -14.35 35.66 12.75
C LYS B 344 -15.26 36.17 11.63
N THR B 345 -14.66 36.69 10.58
CA THR B 345 -15.47 37.23 9.49
C THR B 345 -15.30 36.46 8.18
N ASP B 346 -14.77 35.23 8.27
CA ASP B 346 -14.48 34.47 7.08
C ASP B 346 -15.80 34.04 6.47
N VAL B 347 -15.82 34.04 5.15
CA VAL B 347 -16.97 33.52 4.41
C VAL B 347 -17.47 32.16 4.94
N MET B 348 -16.51 31.30 5.36
CA MET B 348 -16.83 29.97 5.99
C MET B 348 -17.55 30.13 7.31
N THR B 349 -17.03 31.03 8.14
CA THR B 349 -17.61 31.29 9.46
C THR B 349 -19.01 31.84 9.35
N LEU B 350 -19.18 32.74 8.39
CA LEU B 350 -20.43 33.47 8.22
C LEU B 350 -21.47 32.70 7.40
N GLN B 351 -21.10 32.22 6.23
CA GLN B 351 -22.05 31.47 5.40
C GLN B 351 -22.17 29.98 5.74
N GLY B 352 -21.33 29.48 6.64
CA GLY B 352 -21.40 28.09 7.11
C GLY B 352 -21.00 27.04 6.08
N LEU B 353 -21.17 25.79 6.49
CA LEU B 353 -20.92 24.58 5.64
C LEU B 353 -22.03 23.59 5.82
N GLY B 354 -22.41 23.02 4.69
CA GLY B 354 -23.14 21.77 4.64
C GLY B 354 -22.22 20.61 5.00
N LEU B 355 -22.29 20.21 6.28
CA LEU B 355 -21.53 19.14 6.88
C LEU B 355 -22.16 17.79 6.71
N VAL B 356 -21.47 16.95 5.94
CA VAL B 356 -21.84 15.53 5.77
C VAL B 356 -21.99 14.89 7.12
N SER B 357 -23.02 14.10 7.30
CA SER B 357 -23.23 13.41 8.57
C SER B 357 -22.12 12.38 8.86
N PRO B 358 -21.70 12.24 10.13
CA PRO B 358 -20.70 11.17 10.35
C PRO B 358 -21.21 9.80 9.99
N LYS B 359 -22.54 9.60 9.97
CA LYS B 359 -23.14 8.36 9.52
C LYS B 359 -23.00 8.15 8.02
N LYS B 360 -22.85 9.21 7.25
CA LYS B 360 -22.75 9.04 5.85
C LYS B 360 -21.38 9.40 5.31
N VAL B 361 -20.42 9.75 6.17
CA VAL B 361 -19.16 10.29 5.67
C VAL B 361 -18.33 9.24 4.88
N TYR B 362 -18.32 8.00 5.33
CA TYR B 362 -17.65 6.94 4.56
C TYR B 362 -18.34 6.82 3.19
N LYS B 363 -19.66 6.78 3.22
CA LYS B 363 -20.44 6.69 2.00
C LYS B 363 -20.05 7.80 1.04
N PHE B 364 -19.95 9.00 1.60
CA PHE B 364 -19.60 10.11 0.82
C PHE B 364 -18.21 9.91 0.18
N TYR B 365 -17.19 9.70 1.00
CA TYR B 365 -15.80 9.61 0.42
C TYR B 365 -15.71 8.45 -0.59
N ASN B 366 -16.36 7.35 -0.25
CA ASN B 366 -16.26 6.16 -1.09
C ASN B 366 -16.93 6.35 -2.43
N GLU B 367 -18.09 7.03 -2.41
CA GLU B 367 -18.74 7.29 -3.72
C GLU B 367 -17.92 8.25 -4.57
N LEU B 368 -17.41 9.29 -3.94
CA LEU B 368 -16.53 10.19 -4.65
C LEU B 368 -15.25 9.50 -5.18
N HIS B 369 -14.53 8.80 -4.27
CA HIS B 369 -13.28 8.10 -4.69
C HIS B 369 -13.46 6.88 -5.61
N SER B 370 -14.60 6.18 -5.51
CA SER B 370 -14.88 5.06 -6.45
C SER B 370 -15.04 5.62 -7.86
N TYR B 371 -15.78 6.75 -7.98
CA TYR B 371 -15.93 7.40 -9.29
C TYR B 371 -14.55 7.82 -9.83
N LEU B 372 -13.77 8.53 -9.02
CA LEU B 372 -12.43 8.94 -9.46
C LEU B 372 -11.54 7.74 -9.80
N ALA B 373 -11.54 6.73 -8.95
CA ALA B 373 -10.59 5.63 -9.17
C ALA B 373 -11.03 4.90 -10.41
N ASP B 374 -12.35 4.75 -10.59
CA ASP B 374 -12.84 4.11 -11.82
C ASP B 374 -12.53 4.93 -13.04
N ALA B 375 -12.34 6.22 -12.90
CA ALA B 375 -11.83 7.06 -13.96
C ALA B 375 -10.31 7.02 -14.19
N GLY B 376 -9.54 6.29 -13.37
CA GLY B 376 -8.10 6.20 -13.54
C GLY B 376 -7.32 7.14 -12.61
N VAL B 377 -8.01 7.85 -11.69
CA VAL B 377 -7.37 8.74 -10.74
C VAL B 377 -6.63 7.90 -9.63
N ASP B 378 -5.43 8.34 -9.22
CA ASP B 378 -4.50 7.57 -8.30
C ASP B 378 -4.38 8.14 -6.89
N GLY B 379 -4.91 9.35 -6.66
CA GLY B 379 -4.93 9.94 -5.33
C GLY B 379 -5.59 11.33 -5.23
N VAL B 380 -5.61 11.87 -4.00
CA VAL B 380 -6.28 13.10 -3.64
C VAL B 380 -5.41 14.01 -2.77
N LYS B 381 -5.43 15.28 -3.10
CA LYS B 381 -4.96 16.36 -2.22
C LYS B 381 -6.15 16.83 -1.42
N VAL B 382 -6.18 16.46 -0.13
CA VAL B 382 -7.38 16.67 0.69
C VAL B 382 -7.12 17.90 1.58
N ALA B 383 -7.79 19.01 1.24
CA ALA B 383 -7.46 20.32 1.84
C ALA B 383 -8.49 20.72 2.87
N VAL B 384 -8.33 21.92 3.40
CA VAL B 384 -9.33 22.50 4.30
C VAL B 384 -9.58 21.62 5.50
N GLN B 385 -8.57 20.93 5.97
CA GLN B 385 -8.78 19.82 6.97
C GLN B 385 -9.17 20.25 8.39
N CYS B 386 -8.55 21.32 8.84
CA CYS B 386 -8.77 21.80 10.19
C CYS B 386 -10.24 22.31 10.48
N VAL B 387 -11.06 22.58 9.45
CA VAL B 387 -12.38 23.13 9.72
C VAL B 387 -13.11 22.28 10.74
N LEU B 388 -12.84 20.96 10.68
CA LEU B 388 -13.57 19.97 11.44
C LEU B 388 -13.53 20.32 12.88
N GLU B 389 -12.41 20.87 13.33
CA GLU B 389 -12.28 21.17 14.76
C GLU B 389 -13.27 22.26 15.22
N THR B 390 -13.85 22.97 14.25
CA THR B 390 -14.80 24.02 14.56
C THR B 390 -16.24 23.59 14.47
N LEU B 391 -16.50 22.35 14.01
CA LEU B 391 -17.87 21.93 13.72
C LEU B 391 -18.34 20.80 14.61
N GLY B 392 -17.66 20.64 15.75
CA GLY B 392 -17.83 19.50 16.63
C GLY B 392 -19.16 19.59 17.36
N GLY B 393 -19.57 20.84 17.59
CA GLY B 393 -20.93 21.20 17.91
C GLY B 393 -21.70 20.21 18.73
N GLY B 394 -22.66 19.56 18.15
CA GLY B 394 -23.35 18.57 18.95
C GLY B 394 -22.90 17.18 18.54
N LEU B 395 -21.60 16.95 18.37
CA LEU B 395 -21.10 15.74 17.70
C LEU B 395 -19.92 15.07 18.40
N GLY B 396 -19.80 15.35 19.71
CA GLY B 396 -18.73 14.85 20.53
C GLY B 396 -17.50 15.72 20.54
N GLY B 397 -17.55 16.84 19.83
CA GLY B 397 -16.44 17.77 19.82
C GLY B 397 -15.39 17.63 18.71
N ARG B 398 -14.32 18.40 18.91
CA ARG B 398 -13.16 18.57 18.06
C ARG B 398 -12.47 17.24 17.63
N VAL B 399 -12.15 16.49 18.66
CA VAL B 399 -11.31 15.31 18.52
C VAL B 399 -12.11 14.18 17.89
N GLU B 400 -13.33 14.03 18.37
CA GLU B 400 -14.21 13.00 17.90
C GLU B 400 -14.60 13.15 16.50
N LEU B 401 -14.96 14.38 16.06
CA LEU B 401 -15.37 14.54 14.70
C LEU B 401 -14.21 14.34 13.71
N THR B 402 -13.05 14.89 14.06
CA THR B 402 -11.83 14.74 13.30
C THR B 402 -11.48 13.21 13.15
N ARG B 403 -11.44 12.50 14.26
CA ARG B 403 -11.23 11.07 14.26
C ARG B 403 -12.22 10.38 13.30
N GLN B 404 -13.49 10.70 13.41
CA GLN B 404 -14.46 10.06 12.55
C GLN B 404 -14.27 10.24 11.08
N PHE B 405 -14.01 11.47 10.69
CA PHE B 405 -13.82 11.82 9.31
C PHE B 405 -12.53 11.19 8.71
N HIS B 406 -11.44 11.24 9.45
CA HIS B 406 -10.18 10.69 9.02
C HIS B 406 -10.24 9.16 9.00
N GLN B 407 -10.97 8.52 9.92
CA GLN B 407 -11.21 7.08 9.83
C GLN B 407 -11.87 6.67 8.50
N ALA B 408 -12.88 7.43 8.08
CA ALA B 408 -13.60 7.25 6.86
C ALA B 408 -12.77 7.58 5.68
N LEU B 409 -12.09 8.72 5.75
CA LEU B 409 -11.24 9.07 4.64
C LEU B 409 -10.17 7.97 4.35
N ASP B 410 -9.42 7.61 5.38
CA ASP B 410 -8.42 6.55 5.32
C ASP B 410 -8.92 5.24 4.73
N SER B 411 -10.12 4.82 5.15
CA SER B 411 -10.76 3.65 4.55
C SER B 411 -10.97 3.72 3.04
N SER B 412 -11.50 4.88 2.60
CA SER B 412 -11.78 5.10 1.23
C SER B 412 -10.51 5.25 0.43
N VAL B 413 -9.50 5.86 1.00
CA VAL B 413 -8.20 6.03 0.31
C VAL B 413 -7.53 4.62 0.13
N ALA B 414 -7.56 3.81 1.16
CA ALA B 414 -6.88 2.54 1.11
C ALA B 414 -7.64 1.66 0.16
N LYS B 415 -8.98 1.81 0.04
CA LYS B 415 -9.74 1.06 -0.95
C LYS B 415 -9.45 1.48 -2.39
N ASN B 416 -9.65 2.78 -2.65
CA ASN B 416 -9.71 3.31 -4.00
C ASN B 416 -8.41 3.79 -4.61
N PHE B 417 -7.44 4.11 -3.75
CA PHE B 417 -6.13 4.66 -4.11
C PHE B 417 -5.07 3.92 -3.33
N PRO B 418 -4.93 2.62 -3.63
CA PRO B 418 -4.05 1.70 -2.87
C PRO B 418 -2.58 1.95 -2.92
N ASP B 419 -2.09 2.85 -3.75
CA ASP B 419 -0.74 3.36 -3.59
C ASP B 419 -0.59 4.37 -2.37
N ASN B 420 -1.63 4.50 -1.55
CA ASN B 420 -1.69 5.47 -0.47
C ASN B 420 -1.74 6.93 -1.01
N GLY B 421 -2.67 7.17 -1.93
CA GLY B 421 -2.73 8.43 -2.68
C GLY B 421 -3.48 9.48 -1.88
N CYS B 422 -2.76 10.07 -0.92
CA CYS B 422 -3.35 11.12 -0.12
C CYS B 422 -2.30 12.11 0.26
N ILE B 423 -2.63 13.39 0.06
CA ILE B 423 -1.73 14.52 0.49
C ILE B 423 -2.55 15.42 1.44
N ALA B 424 -2.09 15.57 2.67
CA ALA B 424 -2.86 16.27 3.68
C ALA B 424 -2.55 17.76 3.50
N CYS B 425 -3.59 18.58 3.49
CA CYS B 425 -3.42 20.00 3.21
C CYS B 425 -4.25 20.84 4.16
N MET B 426 -3.65 21.90 4.70
CA MET B 426 -4.36 22.84 5.61
C MET B 426 -4.81 22.01 6.82
N SER B 427 -3.85 21.25 7.35
CA SER B 427 -4.14 20.13 8.24
C SER B 427 -3.24 20.16 9.47
N HIS B 428 -2.65 21.30 9.81
CA HIS B 428 -1.71 21.34 10.93
C HIS B 428 -2.39 21.44 12.31
N ASN B 429 -3.40 20.67 12.62
CA ASN B 429 -3.80 20.63 14.02
C ASN B 429 -3.47 19.29 14.62
N THR B 430 -3.35 19.26 15.92
CA THR B 430 -2.93 18.08 16.62
C THR B 430 -4.05 17.09 16.63
N ASP B 431 -5.27 17.58 16.50
CA ASP B 431 -6.40 16.71 16.30
C ASP B 431 -6.22 15.65 15.12
N ALA B 432 -5.71 16.14 14.00
CA ALA B 432 -5.39 15.36 12.82
C ALA B 432 -4.07 14.63 13.01
N LEU B 433 -3.05 15.29 13.49
CA LEU B 433 -1.77 14.63 13.62
C LEU B 433 -1.74 13.38 14.48
N TYR B 434 -2.37 13.43 15.66
CA TYR B 434 -2.36 12.30 16.56
C TYR B 434 -3.38 11.21 16.16
N CYS B 435 -4.15 11.42 15.11
CA CYS B 435 -4.83 10.28 14.43
C CYS B 435 -4.36 9.94 12.97
N SER B 436 -3.16 10.39 12.59
CA SER B 436 -2.56 10.16 11.31
C SER B 436 -1.90 8.75 11.27
N LYS B 437 -2.74 7.77 11.07
CA LYS B 437 -2.36 6.39 11.17
C LYS B 437 -1.98 5.80 9.82
N GLN B 438 -2.17 6.54 8.73
CA GLN B 438 -2.06 6.01 7.37
C GLN B 438 -1.47 6.94 6.35
N ALA B 439 -2.03 8.15 6.23
CA ALA B 439 -1.60 9.10 5.21
C ALA B 439 -0.16 9.44 5.41
N ALA B 440 0.58 9.68 4.34
CA ALA B 440 2.05 9.78 4.48
C ALA B 440 2.73 11.04 4.00
N VAL B 441 1.96 11.97 3.42
CA VAL B 441 2.52 13.20 2.95
C VAL B 441 1.72 14.40 3.50
N ILE B 442 2.43 15.41 3.97
CA ILE B 442 1.77 16.56 4.56
C ILE B 442 2.35 17.86 4.08
N ARG B 443 1.48 18.72 3.57
CA ARG B 443 1.86 20.13 3.32
C ARG B 443 2.31 20.76 4.64
N ALA B 444 3.52 21.23 4.59
CA ALA B 444 4.28 21.68 5.74
C ALA B 444 4.16 23.20 6.03
N SER B 445 3.45 23.94 5.19
CA SER B 445 3.33 25.40 5.36
C SER B 445 2.18 25.96 4.52
N ASP B 446 1.97 27.24 4.78
CA ASP B 446 1.04 28.06 4.08
C ASP B 446 1.45 28.07 2.61
N ASP B 447 0.47 28.28 1.72
CA ASP B 447 0.67 28.22 0.25
C ASP B 447 1.80 29.02 -0.27
N PHE B 448 2.47 28.49 -1.28
CA PHE B 448 3.33 29.32 -2.09
C PHE B 448 2.49 30.50 -2.71
N TYR B 449 3.05 31.72 -2.64
CA TYR B 449 2.34 32.92 -3.19
C TYR B 449 3.21 33.58 -4.27
N PRO B 450 3.00 33.25 -5.53
CA PRO B 450 3.96 33.81 -6.49
C PRO B 450 3.91 35.37 -6.64
N ARG B 451 2.79 36.00 -6.33
CA ARG B 451 2.67 37.48 -6.48
C ARG B 451 2.76 38.23 -5.15
N ASP B 452 3.37 37.63 -4.14
CA ASP B 452 3.41 38.28 -2.86
C ASP B 452 4.87 38.23 -2.37
N PRO B 453 5.61 39.36 -2.48
CA PRO B 453 7.06 39.34 -2.20
C PRO B 453 7.44 39.11 -0.76
N VAL B 454 6.54 39.39 0.19
CA VAL B 454 6.81 39.10 1.62
C VAL B 454 6.91 37.56 1.93
N SER B 455 6.23 36.76 1.10
CA SER B 455 5.97 35.36 1.39
C SER B 455 7.19 34.46 1.30
N HIS B 456 8.25 34.87 0.61
CA HIS B 456 9.24 33.93 0.15
C HIS B 456 10.22 33.46 1.20
N THR B 457 10.73 34.41 1.98
CA THR B 457 11.66 34.08 3.06
C THR B 457 10.89 33.40 4.15
N ILE B 458 9.64 33.85 4.37
CA ILE B 458 8.79 33.26 5.36
C ILE B 458 8.46 31.74 5.06
N HIS B 459 8.18 31.45 3.78
CA HIS B 459 7.97 30.08 3.27
C HIS B 459 9.12 29.17 3.69
N ILE B 460 10.32 29.53 3.31
CA ILE B 460 11.47 28.71 3.63
C ILE B 460 11.60 28.48 5.12
N ALA B 461 11.38 29.51 5.94
CA ALA B 461 11.52 29.33 7.34
C ALA B 461 10.40 28.47 7.86
N SER B 462 9.16 28.70 7.44
CA SER B 462 8.04 27.94 8.00
C SER B 462 8.17 26.43 7.72
N VAL B 463 8.65 26.11 6.52
CA VAL B 463 8.70 24.75 6.02
C VAL B 463 9.77 23.99 6.81
N ALA B 464 10.95 24.61 6.94
CA ALA B 464 12.03 24.05 7.74
C ALA B 464 11.68 23.78 9.21
N TYR B 465 11.21 24.79 9.91
CA TYR B 465 10.90 24.59 11.33
C TYR B 465 9.67 23.70 11.53
N ASN B 466 8.61 23.90 10.77
CA ASN B 466 7.47 22.97 10.91
C ASN B 466 7.83 21.49 10.69
N SER B 467 8.82 21.23 9.81
CA SER B 467 9.22 19.87 9.45
C SER B 467 9.88 19.19 10.61
N VAL B 468 10.38 19.99 11.58
CA VAL B 468 10.96 19.38 12.78
C VAL B 468 9.93 18.53 13.55
N PHE B 469 8.67 18.98 13.58
CA PHE B 469 7.56 18.29 14.29
C PHE B 469 6.69 17.53 13.28
N LEU B 470 6.27 18.14 12.17
CA LEU B 470 5.36 17.45 11.20
C LEU B 470 5.98 16.20 10.56
N GLY B 471 7.29 16.23 10.35
CA GLY B 471 8.02 15.16 9.81
C GLY B 471 8.17 13.95 10.67
N GLU B 472 7.71 14.01 11.91
CA GLU B 472 7.61 12.81 12.75
C GLU B 472 6.40 12.00 12.39
N PHE B 473 5.45 12.62 11.73
CA PHE B 473 4.20 11.98 11.39
C PHE B 473 4.10 11.63 9.89
N MET B 474 4.49 12.55 9.03
CA MET B 474 4.31 12.39 7.58
C MET B 474 5.56 12.93 6.89
N GLN B 475 5.75 12.61 5.63
CA GLN B 475 6.79 13.26 4.86
C GLN B 475 6.33 14.70 4.48
N PRO B 476 7.08 15.71 4.93
CA PRO B 476 6.70 17.12 4.54
C PRO B 476 6.71 17.40 3.01
N ASP B 477 5.71 18.12 2.53
CA ASP B 477 5.65 18.58 1.17
C ASP B 477 5.84 20.13 1.30
N TRP B 478 6.89 20.63 0.66
CA TRP B 478 7.21 22.05 0.74
C TRP B 478 6.49 22.92 -0.33
N ASP B 479 5.58 22.33 -1.08
CA ASP B 479 4.57 23.01 -1.91
C ASP B 479 5.09 23.26 -3.33
N MET B 480 4.14 23.58 -4.19
CA MET B 480 4.48 23.99 -5.56
C MET B 480 5.32 25.28 -5.52
N PHE B 481 5.97 25.58 -6.65
CA PHE B 481 6.62 26.91 -6.90
C PHE B 481 6.63 27.21 -8.41
N HIS B 482 7.23 28.35 -8.81
CA HIS B 482 7.35 28.73 -10.24
C HIS B 482 8.76 28.66 -10.73
N SER B 483 8.99 28.04 -11.88
CA SER B 483 10.35 28.01 -12.37
C SER B 483 10.79 29.35 -12.92
N VAL B 484 9.85 30.21 -13.33
CA VAL B 484 10.19 31.61 -13.81
C VAL B 484 9.70 32.54 -12.77
N HIS B 485 10.58 33.14 -11.96
CA HIS B 485 10.16 33.99 -10.81
C HIS B 485 11.44 34.51 -10.23
N PRO B 486 11.43 35.72 -9.63
CA PRO B 486 12.65 36.22 -8.96
C PRO B 486 13.26 35.33 -7.85
N ALA B 487 12.42 34.55 -7.18
CA ALA B 487 12.84 33.70 -6.11
C ALA B 487 12.87 32.22 -6.53
N ALA B 488 12.89 32.01 -7.82
CA ALA B 488 12.69 30.68 -8.34
C ALA B 488 13.73 29.72 -7.75
N GLU B 489 14.98 30.18 -7.72
CA GLU B 489 16.10 29.35 -7.33
C GLU B 489 16.16 29.06 -5.83
N TYR B 490 15.76 30.06 -5.08
CA TYR B 490 15.57 30.02 -3.65
C TYR B 490 14.53 28.94 -3.32
N HIS B 491 13.39 28.98 -3.98
CA HIS B 491 12.33 28.00 -3.74
C HIS B 491 12.73 26.65 -4.26
N ALA B 492 13.31 26.62 -5.45
CA ALA B 492 13.74 25.37 -6.05
C ALA B 492 14.71 24.57 -5.23
N SER B 493 15.76 25.24 -4.75
CA SER B 493 16.86 24.62 -4.01
C SER B 493 16.32 24.03 -2.72
N ALA B 494 15.36 24.69 -2.10
CA ALA B 494 14.71 24.19 -0.90
C ALA B 494 13.87 22.92 -1.17
N ARG B 495 13.13 22.92 -2.27
CA ARG B 495 12.38 21.74 -2.66
C ARG B 495 13.32 20.55 -2.82
N ALA B 496 14.47 20.81 -3.42
CA ALA B 496 15.43 19.79 -3.72
C ALA B 496 15.99 19.08 -2.51
N ILE B 497 16.04 19.78 -1.40
CA ILE B 497 16.61 19.20 -0.18
C ILE B 497 15.50 18.99 0.87
N SER B 498 14.24 19.08 0.47
CA SER B 498 13.10 18.94 1.36
C SER B 498 12.85 17.47 1.79
N GLY B 499 13.23 16.52 0.94
CA GLY B 499 12.91 15.06 1.13
C GLY B 499 11.50 14.74 0.65
N GLY B 500 10.84 15.70 0.02
CA GLY B 500 9.43 15.60 -0.26
C GLY B 500 9.15 15.77 -1.74
N PRO B 501 7.86 15.77 -2.12
CA PRO B 501 7.48 15.89 -3.50
C PRO B 501 7.91 17.18 -4.08
N LEU B 502 8.31 17.09 -5.34
CA LEU B 502 8.90 18.22 -6.09
C LEU B 502 8.00 18.49 -7.30
N TYR B 503 7.38 19.67 -7.33
CA TYR B 503 6.45 20.04 -8.39
C TYR B 503 6.29 21.56 -8.61
N VAL B 504 5.94 21.97 -9.85
CA VAL B 504 5.72 23.37 -10.18
C VAL B 504 4.29 23.63 -10.45
N SER B 505 3.90 24.91 -10.42
CA SER B 505 2.57 25.36 -10.81
C SER B 505 2.65 26.38 -11.95
N ASP B 506 3.71 26.27 -12.76
CA ASP B 506 3.91 27.06 -13.96
C ASP B 506 2.70 27.12 -14.86
N SER B 507 2.42 28.31 -15.36
CA SER B 507 1.67 28.50 -16.61
C SER B 507 2.28 27.73 -17.78
N PRO B 508 1.43 27.09 -18.59
CA PRO B 508 1.93 26.32 -19.74
C PRO B 508 2.80 27.20 -20.66
N GLY B 509 3.94 26.68 -21.07
CA GLY B 509 4.90 27.43 -21.84
C GLY B 509 5.68 28.56 -21.16
N LYS B 510 5.50 28.82 -19.86
CA LYS B 510 6.40 29.75 -19.14
C LYS B 510 7.27 28.98 -18.14
N HIS B 511 8.38 28.45 -18.64
CA HIS B 511 9.23 27.55 -17.90
C HIS B 511 10.66 27.98 -18.03
N ASN B 512 11.45 27.74 -16.99
CA ASN B 512 12.89 27.91 -17.09
C ASN B 512 13.53 26.52 -17.09
N PHE B 513 13.73 25.95 -18.26
CA PHE B 513 14.24 24.58 -18.30
C PHE B 513 15.64 24.44 -17.74
N GLU B 514 16.42 25.51 -17.73
CA GLU B 514 17.79 25.39 -17.18
C GLU B 514 17.73 25.18 -15.64
N LEU B 515 16.89 25.92 -14.96
CA LEU B 515 16.61 25.67 -13.52
C LEU B 515 16.02 24.20 -13.34
N LEU B 516 15.01 23.86 -14.14
CA LEU B 516 14.34 22.54 -14.02
C LEU B 516 15.23 21.31 -14.19
N ARG B 517 16.24 21.42 -15.05
CA ARG B 517 17.23 20.31 -15.22
C ARG B 517 18.05 20.07 -13.99
N LYS B 518 18.11 21.06 -13.11
CA LYS B 518 18.84 20.94 -11.83
C LYS B 518 18.13 20.03 -10.82
N LEU B 519 16.85 19.79 -11.09
CA LEU B 519 15.91 19.03 -10.24
C LEU B 519 15.31 17.75 -10.85
N VAL B 520 15.16 17.68 -12.18
CA VAL B 520 14.41 16.66 -12.87
C VAL B 520 15.22 16.07 -13.97
N LEU B 521 15.42 14.78 -13.95
CA LEU B 521 16.16 14.06 -14.98
C LEU B 521 15.27 13.83 -16.20
N PRO B 522 15.87 13.44 -17.33
CA PRO B 522 15.03 13.36 -18.51
C PRO B 522 13.89 12.35 -18.46
N ASP B 523 13.93 11.37 -17.55
CA ASP B 523 12.79 10.47 -17.43
C ASP B 523 11.69 10.96 -16.44
N GLY B 524 11.83 12.20 -15.93
CA GLY B 524 10.95 12.76 -14.93
C GLY B 524 11.21 12.39 -13.45
N SER B 525 12.27 11.68 -13.15
CA SER B 525 12.61 11.34 -11.78
C SER B 525 13.42 12.45 -11.16
N ILE B 526 13.41 12.47 -9.83
CA ILE B 526 14.11 13.48 -9.07
C ILE B 526 15.14 12.81 -8.16
N LEU B 527 15.96 13.62 -7.47
CA LEU B 527 16.95 13.09 -6.54
C LEU B 527 16.44 13.50 -5.18
N ARG B 528 15.61 12.65 -4.64
CA ARG B 528 14.89 12.99 -3.43
C ARG B 528 15.71 12.59 -2.24
N ALA B 529 15.90 13.48 -1.29
CA ALA B 529 16.63 13.10 -0.09
C ALA B 529 15.76 12.19 0.75
N ARG B 530 16.37 11.54 1.74
CA ARG B 530 15.71 10.53 2.57
C ARG B 530 14.91 11.06 3.78
N LEU B 531 15.20 12.24 4.35
CA LEU B 531 14.54 12.66 5.61
C LEU B 531 13.79 13.93 5.33
N PRO B 532 13.01 14.41 6.30
CA PRO B 532 12.47 15.77 6.18
C PRO B 532 13.59 16.78 6.29
N GLY B 533 13.63 17.75 5.41
CA GLY B 533 14.65 18.83 5.52
C GLY B 533 14.35 19.55 6.85
N ARG B 534 15.39 19.83 7.61
CA ARG B 534 15.23 20.45 8.89
C ARG B 534 16.40 21.38 9.18
N PRO B 535 16.18 22.37 10.03
CA PRO B 535 17.29 23.19 10.55
C PRO B 535 18.35 22.32 11.25
N THR B 536 19.60 22.72 11.17
CA THR B 536 20.65 22.16 11.98
C THR B 536 20.44 22.49 13.46
N ARG B 537 21.18 21.77 14.30
CA ARG B 537 21.09 21.88 15.78
C ARG B 537 21.35 23.34 16.18
N ASP B 538 22.44 23.85 15.65
CA ASP B 538 22.73 25.30 15.50
C ASP B 538 21.63 26.30 15.34
N CYS B 539 20.63 25.92 14.56
CA CYS B 539 19.67 26.86 14.05
C CYS B 539 18.37 26.68 14.78
N LEU B 540 18.29 25.67 15.65
CA LEU B 540 16.97 25.35 16.25
C LEU B 540 16.42 26.44 17.12
N PHE B 541 17.29 27.20 17.78
CA PHE B 541 16.86 28.18 18.81
C PHE B 541 17.12 29.64 18.38
N ALA B 542 17.43 29.84 17.12
CA ALA B 542 17.82 31.13 16.58
C ALA B 542 16.95 31.42 15.40
N ASP B 543 16.03 32.38 15.53
CA ASP B 543 15.04 32.69 14.52
C ASP B 543 15.66 33.42 13.33
N PRO B 544 15.90 32.71 12.18
CA PRO B 544 16.53 33.35 11.06
C PRO B 544 15.61 34.22 10.26
N ALA B 545 14.38 34.41 10.72
CA ALA B 545 13.51 35.35 10.16
C ALA B 545 13.43 36.67 10.99
N ARG B 546 13.69 36.62 12.30
CA ARG B 546 13.52 37.75 13.21
C ARG B 546 14.86 38.16 13.89
N ASP B 547 15.81 37.28 14.08
CA ASP B 547 16.96 37.59 14.95
C ASP B 547 18.01 38.53 14.32
N GLY B 548 17.89 38.79 13.04
CA GLY B 548 18.76 39.76 12.39
C GLY B 548 20.20 39.34 12.31
N VAL B 549 20.52 38.19 12.86
CA VAL B 549 21.89 37.75 12.88
C VAL B 549 22.09 36.35 12.32
N SER B 550 21.06 35.50 12.27
CA SER B 550 21.30 34.07 11.90
C SER B 550 20.96 33.75 10.45
N LEU B 551 21.87 33.07 9.78
CA LEU B 551 21.53 32.27 8.59
C LEU B 551 20.85 30.89 8.92
N LEU B 552 19.84 30.51 8.12
CA LEU B 552 19.17 29.22 8.24
C LEU B 552 19.90 28.24 7.45
N LYS B 553 20.35 27.21 8.16
CA LYS B 553 21.00 26.04 7.62
C LYS B 553 20.06 24.82 7.75
N ILE B 554 19.77 24.25 6.59
CA ILE B 554 18.84 23.15 6.46
C ILE B 554 19.63 21.92 6.02
N TRP B 555 19.52 20.82 6.75
CA TRP B 555 20.29 19.58 6.45
C TRP B 555 19.37 18.43 6.01
N ASN B 556 19.89 17.53 5.19
CA ASN B 556 19.16 16.31 4.86
C ASN B 556 20.20 15.23 4.55
N MET B 557 19.74 14.00 4.30
CA MET B 557 20.67 12.89 4.09
C MET B 557 20.29 12.15 2.80
N ASN B 558 21.27 11.79 2.03
CA ASN B 558 21.12 10.74 1.00
C ASN B 558 21.73 9.45 1.56
N LYS B 559 21.94 8.45 0.75
CA LYS B 559 22.50 7.18 1.20
C LYS B 559 24.02 7.32 1.57
N TYR B 560 24.77 8.01 0.72
CA TYR B 560 26.21 8.08 0.87
C TYR B 560 26.77 9.47 0.91
N THR B 561 25.91 10.47 0.86
CA THR B 561 26.29 11.83 1.19
C THR B 561 25.25 12.47 2.05
N GLY B 562 25.60 13.62 2.59
CA GLY B 562 24.66 14.50 3.24
C GLY B 562 24.52 15.72 2.36
N VAL B 563 23.51 16.53 2.64
CA VAL B 563 23.40 17.83 1.98
C VAL B 563 23.03 18.89 2.98
N LEU B 564 23.44 20.13 2.64
CA LEU B 564 23.27 21.31 3.52
C LEU B 564 22.95 22.51 2.65
N GLY B 565 21.80 23.10 2.92
CA GLY B 565 21.35 24.32 2.21
C GLY B 565 21.42 25.49 3.21
N VAL B 566 21.92 26.64 2.77
CA VAL B 566 22.02 27.84 3.64
C VAL B 566 21.28 28.98 3.02
N TYR B 567 20.41 29.56 3.79
CA TYR B 567 19.48 30.54 3.29
C TYR B 567 19.59 31.77 4.20
N ASN B 568 19.50 32.96 3.61
CA ASN B 568 19.18 34.11 4.41
C ASN B 568 17.69 34.36 4.31
N CYS B 569 16.98 34.31 5.44
CA CYS B 569 15.51 34.53 5.51
C CYS B 569 15.15 35.73 6.35
N GLN B 570 16.10 36.61 6.61
CA GLN B 570 15.80 37.76 7.44
C GLN B 570 14.85 38.70 6.74
N GLY B 571 14.13 39.49 7.52
CA GLY B 571 13.44 40.68 7.02
C GLY B 571 11.95 40.56 6.86
N ALA B 572 11.39 39.43 7.27
CA ALA B 572 9.95 39.27 7.16
C ALA B 572 9.45 38.17 8.08
N ALA B 573 8.29 38.37 8.71
CA ALA B 573 7.73 37.35 9.58
C ALA B 573 6.34 37.69 9.93
N TRP B 574 5.63 36.72 10.51
CA TRP B 574 4.36 37.02 11.16
C TRP B 574 4.60 37.92 12.39
N SER B 575 3.78 38.97 12.47
CA SER B 575 3.95 40.00 13.52
C SER B 575 2.92 39.75 14.57
N SER B 576 3.36 39.68 15.82
CA SER B 576 2.43 39.56 16.95
C SER B 576 1.38 40.70 17.14
N THR B 577 1.54 41.84 16.49
CA THR B 577 0.58 42.95 16.68
C THR B 577 -0.34 43.19 15.48
N GLU B 578 0.25 43.22 14.30
CA GLU B 578 -0.55 43.23 13.08
C GLU B 578 -1.14 41.83 12.76
N ARG B 579 -0.63 40.75 13.39
CA ARG B 579 -1.24 39.41 13.26
C ARG B 579 -1.25 38.96 11.80
N LYS B 580 -0.16 39.18 11.10
CA LYS B 580 -0.12 38.75 9.70
C LYS B 580 1.31 38.90 9.30
N ASN B 581 1.70 38.29 8.18
CA ASN B 581 3.08 38.37 7.69
C ASN B 581 3.40 39.75 7.14
N ILE B 582 4.55 40.30 7.50
CA ILE B 582 5.00 41.61 7.03
C ILE B 582 6.51 41.66 7.05
N PHE B 583 7.02 42.62 6.28
CA PHE B 583 8.42 42.94 6.29
C PHE B 583 8.67 43.71 7.58
N HIS B 584 9.89 43.63 8.09
CA HIS B 584 10.28 44.37 9.28
C HIS B 584 11.70 44.73 9.04
N GLN B 585 12.26 45.57 9.89
CA GLN B 585 13.53 46.19 9.57
C GLN B 585 14.69 45.23 9.75
N THR B 586 15.69 45.34 8.90
CA THR B 586 16.92 44.61 9.08
C THR B 586 18.12 45.50 9.33
N LYS B 587 19.06 45.05 10.16
CA LYS B 587 20.29 45.81 10.40
C LYS B 587 21.10 45.99 9.12
N THR B 588 21.22 44.91 8.34
CA THR B 588 21.95 44.98 7.07
C THR B 588 21.29 44.09 6.04
N ASP B 589 21.80 44.21 4.80
CA ASP B 589 21.34 43.45 3.68
C ASP B 589 21.95 42.06 3.70
N SER B 590 23.07 41.92 4.39
CA SER B 590 23.96 40.78 4.20
C SER B 590 24.35 40.19 5.55
N LEU B 591 24.47 38.86 5.63
CA LEU B 591 24.92 38.16 6.83
C LEU B 591 26.01 37.12 6.53
N THR B 592 26.93 36.95 7.48
CA THR B 592 27.96 35.88 7.47
C THR B 592 27.58 34.80 8.49
N GLY B 593 28.15 33.63 8.27
CA GLY B 593 27.97 32.50 9.16
C GLY B 593 28.98 31.49 8.69
N SER B 594 28.82 30.23 9.05
CA SER B 594 29.71 29.22 8.55
C SER B 594 29.11 27.81 8.66
N ILE B 595 29.76 26.88 8.01
CA ILE B 595 29.28 25.53 7.96
C ILE B 595 30.38 24.53 8.39
N ARG B 596 29.93 23.40 8.92
CA ARG B 596 30.78 22.26 9.22
C ARG B 596 30.16 20.98 8.68
N GLY B 597 31.01 20.03 8.32
CA GLY B 597 30.54 18.65 8.08
C GLY B 597 29.48 18.22 9.10
N ARG B 598 29.81 18.36 10.38
CA ARG B 598 28.93 17.82 11.39
C ARG B 598 27.62 18.59 11.53
N ASP B 599 27.45 19.71 10.86
CA ASP B 599 26.14 20.37 10.87
C ASP B 599 25.10 19.41 10.28
N VAL B 600 25.52 18.59 9.30
CA VAL B 600 24.65 17.48 8.84
C VAL B 600 24.51 16.48 9.99
N HIS B 601 23.46 16.66 10.80
CA HIS B 601 23.38 15.92 12.07
C HIS B 601 23.75 14.42 11.91
N SER B 602 23.20 13.77 10.91
CA SER B 602 23.35 12.30 10.73
C SER B 602 24.48 11.86 9.85
N ILE B 603 25.42 12.77 9.58
CA ILE B 603 26.43 12.53 8.53
C ILE B 603 27.11 11.17 8.64
N SER B 604 27.43 10.69 9.83
CA SER B 604 28.19 9.41 9.90
C SER B 604 27.47 8.23 9.22
N GLU B 605 26.15 8.28 9.17
CA GLU B 605 25.37 7.22 8.52
C GLU B 605 25.62 7.19 7.02
N ALA B 606 26.11 8.28 6.46
CA ALA B 606 26.60 8.25 5.05
C ALA B 606 27.97 7.61 4.88
N SER B 607 28.72 7.45 5.95
CA SER B 607 30.01 6.78 5.85
C SER B 607 29.95 5.25 5.60
N THR B 608 30.80 4.69 4.74
CA THR B 608 30.91 3.21 4.62
C THR B 608 31.61 2.51 5.81
N ASP B 609 32.42 3.23 6.58
CA ASP B 609 32.96 2.68 7.80
C ASP B 609 32.96 3.70 8.96
N PRO B 610 31.78 3.91 9.55
CA PRO B 610 31.68 4.93 10.59
C PRO B 610 32.60 4.70 11.79
N THR B 611 32.89 3.43 12.13
CA THR B 611 33.65 3.19 13.37
C THR B 611 35.08 3.66 13.19
N THR B 612 35.65 3.62 11.98
CA THR B 612 37.02 4.07 11.80
C THR B 612 37.18 5.41 11.02
N TRP B 613 36.09 6.12 10.77
CA TRP B 613 36.17 7.38 10.03
C TRP B 613 36.64 8.56 10.89
N ASN B 614 37.39 9.45 10.23
CA ASN B 614 37.90 10.74 10.76
C ASN B 614 36.89 11.78 11.22
N GLY B 615 35.74 11.83 10.56
CA GLY B 615 34.90 13.04 10.50
C GLY B 615 35.29 14.04 9.38
N ASP B 616 36.32 13.75 8.60
CA ASP B 616 36.65 14.50 7.38
C ASP B 616 35.58 14.30 6.25
N CYS B 617 35.14 15.40 5.66
CA CYS B 617 34.16 15.45 4.58
C CYS B 617 34.65 16.31 3.42
N ALA B 618 34.37 15.88 2.21
CA ALA B 618 34.51 16.72 1.02
C ALA B 618 33.24 17.53 0.90
N VAL B 619 33.39 18.81 0.66
CA VAL B 619 32.29 19.74 0.71
C VAL B 619 32.28 20.42 -0.61
N TYR B 620 31.15 20.38 -1.31
CA TYR B 620 31.05 20.84 -2.71
C TYR B 620 29.95 21.86 -2.83
N SER B 621 30.31 23.11 -3.24
CA SER B 621 29.32 24.16 -3.39
C SER B 621 28.72 24.01 -4.75
N GLN B 622 27.40 23.89 -4.77
CA GLN B 622 26.74 23.65 -6.04
C GLN B 622 26.83 24.90 -6.92
N SER B 623 26.58 26.08 -6.35
CA SER B 623 26.53 27.30 -7.19
C SER B 623 27.90 27.74 -7.70
N ARG B 624 28.95 27.64 -6.89
CA ARG B 624 30.26 28.09 -7.36
C ARG B 624 31.02 26.95 -7.99
N GLY B 625 30.56 25.74 -7.75
CA GLY B 625 31.16 24.59 -8.35
C GLY B 625 32.55 24.28 -7.86
N GLU B 626 32.80 24.44 -6.58
CA GLU B 626 34.12 24.16 -6.04
C GLU B 626 34.06 23.26 -4.79
N LEU B 627 35.10 22.43 -4.69
CA LEU B 627 35.32 21.38 -3.71
C LEU B 627 36.46 21.64 -2.68
N ILE B 628 36.16 21.55 -1.40
CA ILE B 628 37.12 21.79 -0.34
C ILE B 628 37.09 20.58 0.61
N VAL B 629 38.23 20.00 0.94
CA VAL B 629 38.27 19.01 1.99
C VAL B 629 38.20 19.76 3.29
N MET B 630 37.35 19.33 4.20
CA MET B 630 37.03 20.04 5.44
C MET B 630 37.26 19.05 6.61
N PRO B 631 38.41 19.17 7.32
CA PRO B 631 38.62 18.29 8.44
C PRO B 631 37.53 18.39 9.46
N TYR B 632 37.48 17.38 10.32
CA TYR B 632 36.47 17.29 11.37
C TYR B 632 36.43 18.58 12.19
N ASN B 633 35.24 19.10 12.42
CA ASN B 633 35.08 20.29 13.25
C ASN B 633 35.75 21.64 12.78
N VAL B 634 36.23 21.72 11.54
CA VAL B 634 36.76 22.98 11.02
C VAL B 634 35.61 23.63 10.29
N SER B 635 35.58 24.96 10.36
CA SER B 635 34.51 25.77 9.74
C SER B 635 34.94 26.29 8.40
N LEU B 636 33.94 26.49 7.54
CA LEU B 636 34.07 27.22 6.29
C LEU B 636 33.09 28.41 6.30
N PRO B 637 33.58 29.64 6.02
CA PRO B 637 32.71 30.82 6.07
C PRO B 637 31.71 30.84 4.92
N VAL B 638 30.57 31.37 5.20
CA VAL B 638 29.57 31.54 4.17
C VAL B 638 28.97 32.92 4.32
N SER B 639 28.48 33.55 3.23
CA SER B 639 27.66 34.78 3.42
C SER B 639 26.67 35.08 2.32
N LEU B 640 25.58 35.70 2.69
CA LEU B 640 24.40 35.69 1.87
C LEU B 640 23.61 36.89 2.19
N LYS B 641 23.19 37.57 1.15
CA LYS B 641 22.23 38.63 1.25
C LYS B 641 20.82 38.07 1.40
N ILE B 642 19.86 38.93 1.80
CA ILE B 642 18.52 38.52 2.03
C ILE B 642 17.97 37.83 0.77
N ARG B 643 17.29 36.70 0.92
CA ARG B 643 16.81 35.88 -0.21
C ARG B 643 17.89 35.33 -1.09
N GLU B 644 19.11 35.17 -0.59
CA GLU B 644 20.07 34.37 -1.40
C GLU B 644 20.19 33.03 -0.69
N HIS B 645 20.91 32.11 -1.33
CA HIS B 645 21.05 30.80 -0.78
C HIS B 645 22.27 30.14 -1.41
N GLU B 646 22.71 29.05 -0.79
CA GLU B 646 23.69 28.15 -1.38
C GLU B 646 23.44 26.69 -0.92
N ILE B 647 23.71 25.75 -1.82
CA ILE B 647 23.60 24.32 -1.52
C ILE B 647 24.95 23.71 -1.54
N PHE B 648 25.26 22.92 -0.50
CA PHE B 648 26.47 22.13 -0.44
C PHE B 648 26.24 20.61 -0.31
N THR B 649 26.91 19.82 -1.11
CA THR B 649 26.95 18.38 -0.87
C THR B 649 28.15 18.05 0.03
N VAL B 650 27.91 17.19 1.04
CA VAL B 650 28.87 16.83 2.07
C VAL B 650 29.09 15.31 2.11
N SER B 651 30.24 14.83 1.65
CA SER B 651 30.53 13.42 1.52
C SER B 651 31.66 13.00 2.41
N PRO B 652 31.39 12.03 3.29
CA PRO B 652 32.41 11.52 4.14
C PRO B 652 33.55 10.92 3.32
N ILE B 653 34.78 11.25 3.69
CA ILE B 653 35.95 10.78 3.00
C ILE B 653 36.30 9.45 3.60
N SER B 654 36.61 8.48 2.75
CA SER B 654 37.11 7.17 3.21
C SER B 654 38.60 7.07 2.76
N HIS B 655 39.46 6.56 3.65
CA HIS B 655 40.89 6.44 3.41
C HIS B 655 41.11 5.00 3.06
N LEU B 656 41.45 4.74 1.80
CA LEU B 656 41.75 3.39 1.31
C LEU B 656 43.11 2.87 1.80
N VAL B 657 44.14 3.69 1.58
CA VAL B 657 45.48 3.50 2.16
C VAL B 657 46.09 4.88 2.36
N ASP B 658 47.28 4.93 2.95
CA ASP B 658 47.99 6.19 3.17
C ASP B 658 48.18 6.98 1.86
N GLY B 659 47.76 8.25 1.91
CA GLY B 659 47.80 9.15 0.77
C GLY B 659 46.65 9.00 -0.22
N VAL B 660 45.84 7.93 -0.09
CA VAL B 660 44.72 7.73 -1.00
C VAL B 660 43.39 7.85 -0.27
N SER B 661 42.67 8.90 -0.64
CA SER B 661 41.40 9.25 -0.01
C SER B 661 40.36 9.40 -1.11
N PHE B 662 39.11 9.07 -0.81
CA PHE B 662 38.02 9.27 -1.80
C PHE B 662 36.72 9.64 -1.11
N ALA B 663 35.92 10.43 -1.83
CA ALA B 663 34.50 10.63 -1.48
C ALA B 663 33.72 10.98 -2.75
N PRO B 664 32.57 10.35 -2.94
CA PRO B 664 31.81 10.70 -4.13
C PRO B 664 30.93 11.91 -3.86
N ILE B 665 30.61 12.68 -4.89
CA ILE B 665 29.74 13.88 -4.74
C ILE B 665 28.41 13.65 -5.44
N GLY B 666 28.50 13.29 -6.72
CA GLY B 666 27.38 12.86 -7.53
C GLY B 666 27.19 13.69 -8.76
N LEU B 667 25.93 14.01 -9.02
CA LEU B 667 25.59 14.82 -10.18
C LEU B 667 25.62 16.33 -9.84
N VAL B 668 26.79 16.90 -10.16
CA VAL B 668 27.20 18.25 -9.73
C VAL B 668 26.34 19.39 -10.25
N ASN B 669 25.70 19.16 -11.37
CA ASN B 669 24.87 20.14 -11.95
C ASN B 669 23.41 19.94 -11.48
N MET B 670 23.17 19.10 -10.49
CA MET B 670 21.86 19.05 -9.89
C MET B 670 21.94 19.47 -8.42
N TYR B 671 20.91 20.12 -7.92
CA TYR B 671 20.95 20.63 -6.55
C TYR B 671 21.29 19.55 -5.49
N ASN B 672 20.47 18.47 -5.41
CA ASN B 672 20.81 17.36 -4.55
C ASN B 672 21.72 16.31 -5.18
N SER B 673 22.98 16.69 -5.38
CA SER B 673 23.92 15.90 -6.17
C SER B 673 24.10 14.53 -5.65
N GLY B 674 24.23 14.42 -4.33
CA GLY B 674 24.53 13.13 -3.71
C GLY B 674 23.38 12.13 -3.82
N GLY B 675 22.20 12.63 -4.15
CA GLY B 675 21.04 11.76 -4.35
C GLY B 675 21.21 10.80 -5.52
N ALA B 676 22.20 11.01 -6.40
CA ALA B 676 22.42 10.08 -7.51
C ALA B 676 23.22 8.83 -7.15
N ILE B 677 23.81 8.76 -5.97
CA ILE B 677 24.69 7.67 -5.59
C ILE B 677 23.87 6.61 -4.90
N GLU B 678 23.63 5.52 -5.65
CA GLU B 678 22.72 4.46 -5.19
C GLU B 678 23.53 3.42 -4.49
N GLY B 679 24.74 3.12 -4.97
CA GLY B 679 25.61 2.12 -4.32
C GLY B 679 27.05 2.63 -4.25
N LEU B 680 27.78 2.16 -3.26
CA LEU B 680 29.16 2.59 -3.02
C LEU B 680 29.93 1.52 -2.27
N ARG B 681 31.07 1.15 -2.81
CA ARG B 681 31.89 0.11 -2.21
C ARG B 681 33.34 0.48 -2.49
N TYR B 682 34.17 0.37 -1.47
CA TYR B 682 35.58 0.64 -1.59
C TYR B 682 36.27 -0.70 -1.55
N GLU B 683 37.23 -0.94 -2.44
CA GLU B 683 38.15 -2.06 -2.25
C GLU B 683 39.54 -1.52 -1.97
N ALA B 684 39.98 -1.60 -0.72
CA ALA B 684 41.17 -0.88 -0.25
C ALA B 684 42.42 -1.33 -0.98
N GLU B 685 42.97 -2.49 -0.59
CA GLU B 685 44.09 -3.13 -1.34
C GLU B 685 44.07 -2.82 -2.85
N LYS B 686 43.11 -3.40 -3.58
CA LYS B 686 42.93 -3.16 -5.03
C LYS B 686 42.90 -1.70 -5.48
N MET B 687 42.79 -0.74 -4.55
CA MET B 687 42.77 0.69 -4.86
C MET B 687 41.69 0.95 -5.92
N LYS B 688 40.47 0.50 -5.62
CA LYS B 688 39.32 0.60 -6.55
C LYS B 688 38.05 1.06 -5.83
N VAL B 689 37.32 2.00 -6.45
CA VAL B 689 36.00 2.43 -5.99
C VAL B 689 34.90 1.94 -6.94
N VAL B 690 33.89 1.27 -6.38
CA VAL B 690 32.77 0.84 -7.21
C VAL B 690 31.49 1.46 -6.73
N MET B 691 30.78 2.04 -7.67
CA MET B 691 29.58 2.80 -7.40
C MET B 691 28.46 2.44 -8.36
N GLU B 692 27.24 2.59 -7.86
CA GLU B 692 26.07 2.59 -8.71
C GLU B 692 25.44 3.98 -8.70
N VAL B 693 25.07 4.46 -9.90
CA VAL B 693 24.67 5.86 -10.09
C VAL B 693 23.48 6.01 -11.00
N LYS B 694 22.48 6.73 -10.52
CA LYS B 694 21.29 6.93 -11.35
C LYS B 694 21.41 8.24 -12.16
N GLY B 695 20.70 8.30 -13.27
CA GLY B 695 20.65 9.55 -14.01
C GLY B 695 21.76 9.74 -15.01
N CYS B 696 22.03 10.98 -15.31
CA CYS B 696 22.96 11.36 -16.39
C CYS B 696 23.42 12.83 -16.23
N GLY B 697 24.40 13.25 -17.03
CA GLY B 697 24.98 14.59 -16.86
C GLY B 697 26.32 14.44 -16.17
N LYS B 698 26.76 15.53 -15.57
CA LYS B 698 28.15 15.59 -15.10
C LYS B 698 28.27 15.04 -13.68
N PHE B 699 29.16 14.09 -13.54
CA PHE B 699 29.41 13.40 -12.30
C PHE B 699 30.75 13.79 -11.68
N GLY B 700 30.74 14.03 -10.38
CA GLY B 700 31.93 14.36 -9.68
C GLY B 700 32.16 13.55 -8.41
N SER B 701 33.44 13.47 -8.04
CA SER B 701 33.88 12.80 -6.82
C SER B 701 35.11 13.57 -6.34
N TYR B 702 35.49 13.40 -5.06
CA TYR B 702 36.82 13.83 -4.58
C TYR B 702 37.77 12.64 -4.59
N SER B 703 39.01 12.91 -5.02
CA SER B 703 40.10 11.92 -4.91
C SER B 703 41.40 12.63 -4.54
N SER B 704 42.12 12.13 -3.53
CA SER B 704 43.39 12.75 -3.16
C SER B 704 44.38 12.63 -4.34
N VAL B 705 44.31 11.52 -5.07
CA VAL B 705 45.23 11.29 -6.17
C VAL B 705 44.51 11.31 -7.52
N LYS B 706 45.25 11.53 -8.60
CA LYS B 706 44.65 11.44 -9.92
C LYS B 706 44.33 10.00 -10.23
N PRO B 707 43.08 9.74 -10.64
CA PRO B 707 42.72 8.36 -10.86
C PRO B 707 43.46 7.82 -12.06
N LYS B 708 43.77 6.52 -12.01
CA LYS B 708 44.38 5.85 -13.15
C LYS B 708 43.36 5.62 -14.24
N ARG B 709 42.21 5.02 -13.89
CA ARG B 709 41.13 4.71 -14.86
C ARG B 709 39.72 5.04 -14.33
N CYS B 710 38.87 5.51 -15.23
CA CYS B 710 37.48 5.76 -14.91
C CYS B 710 36.69 4.96 -15.89
N VAL B 711 35.94 4.00 -15.37
CA VAL B 711 35.24 3.04 -16.14
C VAL B 711 33.72 3.07 -15.83
N VAL B 712 32.94 3.15 -16.90
CA VAL B 712 31.51 3.18 -16.80
C VAL B 712 31.04 1.95 -17.53
N GLU B 713 30.41 1.01 -16.85
CA GLU B 713 29.86 -0.21 -17.51
C GLU B 713 30.88 -0.93 -18.41
N SER B 714 32.05 -1.26 -17.88
CA SER B 714 33.12 -1.95 -18.65
C SER B 714 33.97 -1.13 -19.61
N ASN B 715 33.53 0.09 -19.93
CA ASN B 715 34.27 0.93 -20.88
C ASN B 715 35.06 2.03 -20.21
N GLU B 716 36.31 2.15 -20.60
CA GLU B 716 37.11 3.25 -20.12
C GLU B 716 36.55 4.59 -20.65
N ILE B 717 36.64 5.66 -19.84
CA ILE B 717 36.17 7.00 -20.24
C ILE B 717 37.08 8.17 -19.81
N ALA B 718 37.01 9.24 -20.59
CA ALA B 718 37.76 10.46 -20.36
C ALA B 718 37.28 11.13 -19.07
N PHE B 719 38.23 11.71 -18.33
CA PHE B 719 37.94 12.45 -17.11
C PHE B 719 38.88 13.58 -16.90
N GLU B 720 38.45 14.56 -16.13
CA GLU B 720 39.31 15.62 -15.68
C GLU B 720 39.61 15.46 -14.23
N TYR B 721 40.75 16.01 -13.84
CA TYR B 721 41.16 16.04 -12.47
C TYR B 721 41.72 17.41 -12.24
N ASP B 722 41.20 18.12 -11.25
CA ASP B 722 41.90 19.27 -10.74
C ASP B 722 42.76 18.78 -9.57
N SER B 723 44.09 18.84 -9.73
CA SER B 723 45.04 18.38 -8.70
C SER B 723 45.09 19.34 -7.50
N SER B 724 44.60 20.54 -7.66
CA SER B 724 44.55 21.49 -6.55
C SER B 724 43.50 21.08 -5.49
N SER B 725 42.26 20.84 -5.91
CA SER B 725 41.17 20.47 -5.01
C SER B 725 40.88 18.96 -4.91
N GLY B 726 41.24 18.18 -5.93
CA GLY B 726 40.89 16.75 -6.01
C GLY B 726 39.58 16.38 -6.70
N LEU B 727 38.92 17.36 -7.31
CA LEU B 727 37.71 17.09 -8.09
C LEU B 727 38.01 16.23 -9.34
N VAL B 728 37.43 15.04 -9.37
CA VAL B 728 37.32 14.25 -10.58
C VAL B 728 35.98 14.57 -11.24
N THR B 729 35.96 14.62 -12.55
CA THR B 729 34.74 14.96 -13.24
C THR B 729 34.70 14.17 -14.54
N PHE B 730 33.57 13.50 -14.79
CA PHE B 730 33.29 12.93 -16.12
C PHE B 730 31.82 13.11 -16.46
N GLU B 731 31.48 12.86 -17.72
CA GLU B 731 30.10 12.97 -18.21
C GLU B 731 29.52 11.57 -18.26
N LEU B 732 28.24 11.48 -17.93
CA LEU B 732 27.43 10.30 -18.18
C LEU B 732 26.45 10.73 -19.22
N ASP B 733 26.66 10.32 -20.45
CA ASP B 733 26.02 10.96 -21.60
C ASP B 733 24.54 10.65 -21.69
N LYS B 734 24.14 9.43 -21.31
CA LYS B 734 22.73 9.00 -21.39
C LYS B 734 22.26 8.37 -20.13
N MET B 735 20.95 8.21 -20.01
CA MET B 735 20.36 7.40 -18.92
C MET B 735 20.72 5.94 -19.13
N PRO B 736 20.77 5.16 -18.05
CA PRO B 736 21.08 3.74 -18.22
C PRO B 736 19.96 3.00 -18.93
N ILE B 737 20.31 1.97 -19.70
CA ILE B 737 19.38 1.36 -20.64
C ILE B 737 19.09 -0.09 -20.28
N GLU B 738 17.86 -0.53 -20.52
CA GLU B 738 17.50 -1.93 -20.42
C GLU B 738 17.61 -2.44 -18.99
N ASN B 739 18.29 -3.59 -18.81
CA ASN B 739 18.53 -4.22 -17.50
C ASN B 739 19.41 -3.40 -16.53
N LYS B 740 19.88 -2.21 -16.95
CA LYS B 740 20.92 -1.48 -16.22
C LYS B 740 20.38 -0.70 -15.05
N ARG B 741 19.30 0.07 -15.21
CA ARG B 741 18.71 0.90 -14.08
C ARG B 741 19.61 1.98 -13.47
N PHE B 742 20.83 1.56 -13.11
CA PHE B 742 21.87 2.40 -12.60
C PHE B 742 23.15 2.14 -13.42
N HIS B 743 23.95 3.20 -13.60
CA HIS B 743 25.27 3.11 -14.15
C HIS B 743 26.20 2.44 -13.17
N LEU B 744 26.94 1.42 -13.61
CA LEU B 744 27.95 0.77 -12.76
C LEU B 744 29.27 1.43 -13.06
N ILE B 745 29.95 1.96 -12.03
CA ILE B 745 31.17 2.74 -12.22
C ILE B 745 32.31 2.23 -11.37
N GLN B 746 33.49 2.06 -11.97
CA GLN B 746 34.76 1.74 -11.30
C GLN B 746 35.67 2.95 -11.43
N VAL B 747 36.21 3.39 -10.31
CA VAL B 747 37.29 4.35 -10.36
C VAL B 747 38.55 3.65 -9.81
N GLU B 748 39.62 3.59 -10.61
CA GLU B 748 40.89 2.98 -10.16
C GLU B 748 41.94 4.05 -9.84
N LEU B 749 42.53 3.99 -8.65
CA LEU B 749 43.35 5.12 -8.17
C LEU B 749 44.87 4.94 -8.29
C1 GAL C . -7.36 -23.76 9.27
C2 GAL C . -6.76 -22.91 8.16
C3 GAL C . -5.42 -23.67 8.23
C4 GAL C . -4.83 -23.38 9.61
C5 GAL C . -5.72 -23.68 10.84
O1 GAL C . -8.51 -24.47 9.10
O2 GAL C . -7.37 -22.89 6.90
O3 GAL C . -4.53 -23.30 7.24
O4 GAL C . -4.34 -22.03 9.75
O5 GAL C . -7.07 -23.17 10.54
O6 GAL C . -5.97 -23.90 12.87
C1 GAL D . -5.02 25.98 -0.70
C2 GAL D . -3.85 24.92 -0.54
C3 GAL D . -3.58 25.11 -2.07
C4 GAL D . -4.76 24.97 -3.07
C5 GAL D . -5.98 25.84 -2.70
C6 GAL D . -7.16 25.77 -3.67
O1 GAL D . -5.31 26.94 0.28
O3 GAL D . -2.35 24.63 -2.57
O4 GAL D . -5.12 23.60 -3.38
O5 GAL D . -6.22 25.49 -1.30
O6 GAL D . -8.41 26.44 -3.35
#